data_8S92
#
_entry.id   8S92
#
_cell.length_a   1.00
_cell.length_b   1.00
_cell.length_c   1.00
_cell.angle_alpha   90.00
_cell.angle_beta   90.00
_cell.angle_gamma   90.00
#
_symmetry.space_group_name_H-M   'P 1'
#
loop_
_entity.id
_entity.type
_entity.pdbx_description
1 polymer 'DNA helicase MCM8'
2 polymer 'DNA helicase MCM9'
#
loop_
_entity_poly.entity_id
_entity_poly.type
_entity_poly.pdbx_seq_one_letter_code
_entity_poly.pdbx_strand_id
1 'polypeptide(L)'
;MNGEYRGRGFGRGRFQSWKRGRGGGNFSGKWREREHRPDLSKTTGKRTSEQTPQFLLSTKTPQSMQSTLDRFIPYKGWKL
YFSEVYSDSSPLIEKIQAFEKFFTRHIDLYDKDEIERKGSILVDFKELTEGGEVTNLIPDIATELRDAPEKTLACMGLAI
HQVLTKDLERHAAELQAQEGLSNDGETMVNVPHIHARVYNYEPLTQLKNVRANYYGKYIALRGTVVRVSNIKPLCTKMAF
LCAACGEIQSFPLPDGKYSLPTKCPVPVCRGRSFTALRSSPLTVTMDWQSIKIQELMSDDQREAGRIPRTIECELVHDLV
DSCVPGDTVTITGIVKVSNAEEGSRNKNDKCMFLLYIEANSISNSKGQKTKSSEDGCKHGMLMEFSLKDLYAIQEIQAEE
NLFKLIVNSLCPVIFGHELVKAGLALALFGGSQKYADDKNRIPIRGDPHILVVGDPGLGKSQMLQAACNVAPRGVYVCGN
TTTTSGLTVTLSKDSSSGDFALEAGALVLGDQGICGIDQFDKMGNQHQALLEAMEQQSISLAKAGVVCSLPARTSIIAAA
NPVGGHYNKAKTVSENLKMGSALLSRFDLVFILLDTPNEHHDHLLSEHVIAIRAGKQRTISSATVARMNSQDSNTSVLEV
VSEKPLSERLKVVPGETIDPIPHQLLRKYIGYARQYVYPRLSTEAARVLQDFYLELRKQSQRLNSSPITTRQLESLIRLT
EARARLELREEATKEDAEDIVEIMKYSMLGTYSDEFGNLDFERSQHGSGMSNRSTAKRFISALNNVAERTYNNIFQFHQL
RQIAKELNIQVADFENFIGSLNDQGYLLKKGPKVYQLQTM
;
A,B,C
2 'polypeptide(L)'
;MNSDQVTLVGQVFESYVSEYHKNDILLILKERDEDAHYPVVVNAMTLFETNMEIGEYFNMFPSEVLTIFDSALRRSALTI
LQSLSQPEAVSMKQNLHARISGLPVCPELVREHIPKTKDVGHFLSVTGTVIRTSLVKVLEFERDYMCNKCKHVFVIKADF
EQYYTFCRPSSCPSLESCDSSKFTCLSGLSSSPTRCRDYQEIKIQEQVQRLSVGSIPRSMKVILEDDLVDSCKSGDDLTI
YGIVMQRWKPFQQDVRCEVEIVLKANYIQVNNEQSSGIIMDEEVQKEFEDFWEYYKSDPFAGRNVILASLCPQVFGMYLV
KLAVAMVLAGGIQRTDATGTRVRGESHLLLVGDPGTGKSQFLKYAAKITPRSVLTTGIGSTSAGLTVTAVKDSGEWNLEA
GALVLADAGLCCIDQFNSLKEHDRTSIHEAMEQQTISVAKAGLVCKLNTRTTILAATNPKGQYDPQESVSVNIALGSPLL
SRFDLILVLLDTKNEDWDRIISSFILENKGYPSKSEKLWSMEKMKTYFCLIRNLQPTLSDVGNQVLLRYYQMQRQSDCRN
AARTTIRLLESLIRLAEAHARLMFRDTVTLEDAITVVSVMESSMQGGALLGGVNALHTSFPENPGEQYQRQCELILEKLE
LQSLLSEELRRLERLQNQSVHQSQPRVLEVETTPGSLRNGPGEESNFRTSSQQEINYSTHIFSPGGSPEGSPVLDPPPHL
EPNRSTSRKHSAQHKNNRDDSLDWFDFMATHQSEPKNTVVVSPHPKTSGENMASKISNSTSQGKEKSEPGQRSKVDIGLL
PSPGETGVPWRADNVESNKKKRLALDSEAAVSADKPDSVLTHHVPRNLQKLCKERAQKLCRNSTRVPAQCTVPSHPQSTP
VHSPDRMLDSPKRKRPKSLAQVEEPAIENVKPPGSPVAKLAKFTFKQKSKLIHSFEDHSHVSPGATKIAVHSPKISQRRT
RRDAALPVKRPGKLTSTPGNQISSQPQGETKEVSQQPPEKHGPREKVMCAPEKRIIQPELELGNETGCAHLTCEGDKKEE
VSGSNKSGKVHACTLARLANFCFTPPSESKSKSPPPERKNRGERGPSSPPTTTAPMRVSKRKSFQLRGSTEKLIVSKESL
FTLPELGDEAFDCDWDEEMRKKS
;
D,E,F
#
# COMPACT_ATOMS: atom_id res chain seq x y z
N PHE A 72 23.60 29.47 -43.02
CA PHE A 72 23.08 29.87 -44.33
C PHE A 72 21.56 30.06 -44.26
N ILE A 73 20.96 29.59 -43.18
CA ILE A 73 19.50 29.72 -43.02
C ILE A 73 19.15 31.19 -42.78
N PRO A 74 18.24 31.78 -43.57
CA PRO A 74 17.83 33.15 -43.28
C PRO A 74 17.17 33.31 -41.91
N TYR A 75 16.47 32.27 -41.43
CA TYR A 75 15.80 32.31 -40.15
C TYR A 75 16.74 31.74 -39.08
N LYS A 76 17.28 32.62 -38.24
CA LYS A 76 18.27 32.19 -37.25
C LYS A 76 17.63 31.34 -36.17
N GLY A 77 16.41 31.67 -35.76
CA GLY A 77 15.75 30.95 -34.68
C GLY A 77 15.06 29.67 -35.11
N TRP A 78 15.69 28.92 -36.02
CA TRP A 78 15.10 27.69 -36.50
C TRP A 78 15.05 26.61 -35.42
N LYS A 79 16.10 26.53 -34.60
CA LYS A 79 16.16 25.49 -33.58
C LYS A 79 15.09 25.68 -32.52
N LEU A 80 14.91 26.91 -32.05
CA LEU A 80 13.87 27.18 -31.05
C LEU A 80 12.48 26.89 -31.61
N TYR A 81 12.24 27.32 -32.85
CA TYR A 81 11.03 26.98 -33.59
C TYR A 81 11.17 25.59 -34.20
N PHE A 82 10.37 25.28 -35.23
CA PHE A 82 10.21 23.94 -35.78
C PHE A 82 11.48 23.09 -35.71
N SER A 83 11.36 21.89 -35.16
CA SER A 83 12.50 21.00 -34.94
C SER A 83 12.54 19.98 -36.06
N GLU A 84 13.25 20.32 -37.13
CA GLU A 84 13.39 19.43 -38.29
C GLU A 84 14.60 19.88 -39.08
N VAL A 85 15.23 18.92 -39.77
CA VAL A 85 16.38 19.23 -40.61
C VAL A 85 15.95 20.17 -41.71
N TYR A 86 16.72 21.24 -41.91
CA TYR A 86 16.35 22.29 -42.85
C TYR A 86 16.48 21.78 -44.29
N SER A 87 15.36 21.68 -44.99
CA SER A 87 15.33 21.28 -46.39
C SER A 87 14.32 22.15 -47.11
N ASP A 88 14.71 22.63 -48.30
CA ASP A 88 13.84 23.52 -49.09
C ASP A 88 12.87 22.71 -49.95
N SER A 89 12.04 21.92 -49.25
CA SER A 89 11.02 21.11 -49.92
C SER A 89 9.66 21.14 -49.25
N SER A 90 9.55 21.62 -48.01
CA SER A 90 8.27 21.60 -47.32
C SER A 90 7.33 22.66 -47.91
N PRO A 91 6.01 22.39 -47.90
CA PRO A 91 5.06 23.40 -48.35
C PRO A 91 4.85 24.53 -47.37
N LEU A 92 5.41 24.44 -46.16
CA LEU A 92 5.27 25.51 -45.18
C LEU A 92 5.96 26.78 -45.62
N ILE A 93 6.91 26.69 -46.55
CA ILE A 93 7.68 27.86 -46.97
C ILE A 93 6.76 28.92 -47.57
N GLU A 94 5.80 28.50 -48.40
CA GLU A 94 4.91 29.44 -49.05
C GLU A 94 4.11 30.24 -48.03
N LYS A 95 3.53 29.55 -47.05
CA LYS A 95 2.87 30.24 -45.95
C LYS A 95 3.84 31.12 -45.20
N ILE A 96 5.12 30.73 -45.15
CA ILE A 96 6.11 31.55 -44.45
C ILE A 96 6.25 32.90 -45.15
N GLN A 97 6.46 32.91 -46.47
CA GLN A 97 6.62 34.24 -47.07
C GLN A 97 5.30 35.00 -47.08
N ALA A 98 4.17 34.31 -47.18
CA ALA A 98 2.89 35.02 -47.10
C ALA A 98 2.77 35.76 -45.77
N PHE A 99 3.00 35.05 -44.66
CA PHE A 99 2.91 35.69 -43.35
C PHE A 99 3.96 36.79 -43.18
N GLU A 100 5.18 36.55 -43.66
CA GLU A 100 6.22 37.55 -43.48
C GLU A 100 5.94 38.81 -44.28
N LYS A 101 5.36 38.67 -45.48
CA LYS A 101 4.98 39.85 -46.25
C LYS A 101 3.84 40.59 -45.58
N PHE A 102 2.84 39.86 -45.08
CA PHE A 102 1.73 40.51 -44.39
C PHE A 102 2.22 41.29 -43.18
N PHE A 103 3.17 40.72 -42.44
CA PHE A 103 3.68 41.41 -41.25
C PHE A 103 4.61 42.56 -41.65
N THR A 104 5.36 42.41 -42.75
CA THR A 104 6.25 43.47 -43.19
C THR A 104 5.47 44.71 -43.61
N ARG A 105 4.36 44.52 -44.34
CA ARG A 105 3.54 45.67 -44.72
C ARG A 105 2.97 46.35 -43.49
N HIS A 106 2.37 45.58 -42.59
CA HIS A 106 1.76 46.11 -41.37
C HIS A 106 2.73 45.85 -40.20
N ILE A 107 3.75 46.70 -40.11
CA ILE A 107 4.78 46.51 -39.10
C ILE A 107 4.93 47.76 -38.23
N ASP A 108 4.56 48.92 -38.77
CA ASP A 108 4.80 50.18 -38.06
C ASP A 108 3.59 50.59 -37.22
N LEU A 109 3.07 49.66 -36.41
CA LEU A 109 2.00 50.00 -35.48
C LEU A 109 2.16 49.27 -34.15
N TYR A 110 3.32 48.70 -33.87
CA TYR A 110 3.53 47.89 -32.67
C TYR A 110 4.65 48.47 -31.83
N ASP A 111 4.43 48.52 -30.52
CA ASP A 111 5.43 49.01 -29.58
C ASP A 111 6.50 47.95 -29.40
N LYS A 112 7.73 48.27 -29.79
CA LYS A 112 8.79 47.26 -29.86
C LYS A 112 9.09 46.67 -28.49
N ASP A 113 9.05 47.49 -27.44
CA ASP A 113 9.45 47.03 -26.11
C ASP A 113 8.51 45.93 -25.58
N GLU A 114 7.20 46.09 -25.82
CA GLU A 114 6.24 45.12 -25.28
C GLU A 114 6.47 43.73 -25.87
N ILE A 115 6.61 43.65 -27.19
CA ILE A 115 6.90 42.37 -27.83
C ILE A 115 8.29 41.89 -27.44
N GLU A 116 9.24 42.80 -27.26
CA GLU A 116 10.59 42.40 -26.88
C GLU A 116 10.61 41.70 -25.53
N ARG A 117 9.86 42.22 -24.56
CA ARG A 117 9.83 41.62 -23.23
C ARG A 117 8.90 40.41 -23.19
N LYS A 118 7.61 40.61 -23.43
CA LYS A 118 6.62 39.54 -23.37
C LYS A 118 6.16 39.21 -24.78
N GLY A 119 6.45 37.99 -25.23
CA GLY A 119 6.08 37.58 -26.57
C GLY A 119 4.60 37.46 -26.78
N SER A 120 4.01 38.41 -27.51
CA SER A 120 2.57 38.40 -27.75
C SER A 120 2.27 39.31 -28.92
N ILE A 121 1.73 38.75 -30.00
CA ILE A 121 1.28 39.51 -31.15
C ILE A 121 -0.24 39.32 -31.23
N LEU A 122 -0.99 40.33 -30.82
CA LEU A 122 -2.45 40.24 -30.78
C LEU A 122 -3.02 40.48 -32.18
N VAL A 123 -2.83 39.48 -33.04
CA VAL A 123 -3.32 39.57 -34.42
C VAL A 123 -4.83 39.39 -34.43
N ASP A 124 -5.52 40.27 -35.14
CA ASP A 124 -6.97 40.19 -35.27
C ASP A 124 -7.34 39.36 -36.49
N PHE A 125 -8.25 38.41 -36.31
CA PHE A 125 -8.64 37.52 -37.40
C PHE A 125 -9.44 38.25 -38.47
N LYS A 126 -10.08 39.37 -38.13
CA LYS A 126 -10.83 40.12 -39.14
C LYS A 126 -9.90 40.66 -40.22
N GLU A 127 -8.71 41.10 -39.84
CA GLU A 127 -7.75 41.60 -40.83
C GLU A 127 -7.35 40.48 -41.79
N LEU A 128 -7.14 39.27 -41.29
CA LEU A 128 -6.86 38.14 -42.16
C LEU A 128 -8.06 37.82 -43.05
N THR A 129 -9.27 37.95 -42.53
CA THR A 129 -10.48 37.68 -43.30
C THR A 129 -10.75 38.75 -44.35
N GLU A 130 -10.15 39.94 -44.20
CA GLU A 130 -10.42 41.06 -45.08
C GLU A 130 -9.96 40.85 -46.52
N GLY A 131 -9.43 39.68 -46.86
CA GLY A 131 -9.06 39.40 -48.23
C GLY A 131 -7.74 39.99 -48.68
N GLY A 132 -6.79 40.20 -47.76
CA GLY A 132 -5.48 40.71 -48.11
C GLY A 132 -4.63 39.68 -48.82
N GLU A 133 -3.31 39.88 -48.74
CA GLU A 133 -2.40 38.93 -49.38
C GLU A 133 -2.43 37.57 -48.69
N VAL A 134 -2.92 37.52 -47.45
CA VAL A 134 -3.00 36.25 -46.73
C VAL A 134 -3.88 35.26 -47.48
N THR A 135 -5.03 35.73 -47.95
CA THR A 135 -5.89 34.88 -48.77
C THR A 135 -5.56 34.97 -50.25
N ASN A 136 -4.93 36.07 -50.69
CA ASN A 136 -4.57 36.21 -52.09
C ASN A 136 -3.53 35.18 -52.50
N LEU A 137 -2.53 34.95 -51.66
CA LEU A 137 -1.50 33.96 -52.00
C LEU A 137 -2.00 32.54 -51.79
N ILE A 138 -2.57 32.25 -50.63
CA ILE A 138 -3.15 30.94 -50.35
C ILE A 138 -4.57 31.15 -49.83
N PRO A 139 -5.58 30.53 -50.44
CA PRO A 139 -6.96 30.76 -50.01
C PRO A 139 -7.39 29.87 -48.85
N ASP A 140 -6.65 28.78 -48.62
CA ASP A 140 -6.97 27.84 -47.56
C ASP A 140 -6.31 28.32 -46.27
N ILE A 141 -7.01 29.20 -45.55
CA ILE A 141 -6.55 29.72 -44.27
C ILE A 141 -7.41 29.22 -43.12
N ALA A 142 -8.74 29.31 -43.27
CA ALA A 142 -9.63 28.85 -42.20
C ALA A 142 -9.58 27.34 -42.05
N THR A 143 -9.66 26.62 -43.17
CA THR A 143 -9.60 25.16 -43.11
C THR A 143 -8.24 24.69 -42.60
N GLU A 144 -7.16 25.32 -43.06
CA GLU A 144 -5.83 24.94 -42.60
C GLU A 144 -5.67 25.22 -41.10
N LEU A 145 -6.19 26.36 -40.64
CA LEU A 145 -6.10 26.68 -39.22
C LEU A 145 -6.91 25.70 -38.38
N ARG A 146 -8.11 25.34 -38.83
CA ARG A 146 -8.94 24.45 -38.03
C ARG A 146 -8.39 23.03 -38.01
N ASP A 147 -7.95 22.52 -39.17
CA ASP A 147 -7.47 21.14 -39.23
C ASP A 147 -6.07 20.99 -38.65
N ALA A 148 -5.20 21.98 -38.89
CA ALA A 148 -3.82 21.91 -38.42
C ALA A 148 -3.62 22.87 -37.25
N PRO A 149 -3.43 22.38 -36.03
CA PRO A 149 -3.31 23.28 -34.88
C PRO A 149 -1.98 24.02 -34.80
N GLU A 150 -0.88 23.31 -35.04
CA GLU A 150 0.46 23.84 -34.79
C GLU A 150 1.17 24.33 -36.03
N LYS A 151 1.02 23.63 -37.15
CA LYS A 151 1.77 23.99 -38.36
C LYS A 151 1.40 25.40 -38.83
N THR A 152 0.11 25.72 -38.81
CA THR A 152 -0.31 27.07 -39.21
C THR A 152 0.00 28.09 -38.12
N LEU A 153 -0.09 27.68 -36.85
CA LEU A 153 0.05 28.64 -35.76
C LEU A 153 1.48 29.12 -35.59
N ALA A 154 2.45 28.21 -35.65
CA ALA A 154 3.84 28.58 -35.37
C ALA A 154 4.52 29.30 -36.53
N CYS A 155 3.96 29.20 -37.74
CA CYS A 155 4.53 29.96 -38.85
C CYS A 155 4.42 31.46 -38.62
N MET A 156 3.33 31.90 -37.99
CA MET A 156 3.19 33.31 -37.65
C MET A 156 4.29 33.76 -36.69
N GLY A 157 4.60 32.92 -35.69
CA GLY A 157 5.70 33.24 -34.80
C GLY A 157 7.03 33.29 -35.52
N LEU A 158 7.25 32.35 -36.45
CA LEU A 158 8.45 32.39 -37.28
C LEU A 158 8.56 33.72 -38.01
N ALA A 159 7.46 34.15 -38.63
CA ALA A 159 7.47 35.40 -39.39
C ALA A 159 7.76 36.60 -38.49
N ILE A 160 7.13 36.65 -37.31
CA ILE A 160 7.37 37.76 -36.39
C ILE A 160 8.83 37.79 -35.95
N HIS A 161 9.38 36.62 -35.60
CA HIS A 161 10.77 36.56 -35.16
C HIS A 161 11.71 37.03 -36.27
N GLN A 162 11.47 36.56 -37.50
CA GLN A 162 12.35 36.94 -38.61
C GLN A 162 12.28 38.43 -38.88
N VAL A 163 11.07 39.00 -38.91
CA VAL A 163 10.94 40.41 -39.25
C VAL A 163 11.54 41.28 -38.14
N LEU A 164 11.34 40.90 -36.88
CA LEU A 164 11.93 41.67 -35.79
C LEU A 164 13.45 41.60 -35.82
N THR A 165 14.01 40.42 -36.09
CA THR A 165 15.45 40.30 -36.19
C THR A 165 15.99 41.14 -37.34
N LYS A 166 15.31 41.13 -38.49
CA LYS A 166 15.77 41.92 -39.63
C LYS A 166 15.72 43.41 -39.32
N ASP A 167 14.63 43.88 -38.68
CA ASP A 167 14.53 45.29 -38.34
C ASP A 167 15.62 45.70 -37.35
N LEU A 168 15.87 44.88 -36.33
CA LEU A 168 16.91 45.21 -35.37
C LEU A 168 18.29 45.22 -36.03
N GLU A 169 18.55 44.26 -36.91
CA GLU A 169 19.83 44.23 -37.62
C GLU A 169 20.02 45.46 -38.48
N ARG A 170 18.96 45.87 -39.20
CA ARG A 170 19.07 47.07 -40.03
C ARG A 170 19.31 48.31 -39.18
N HIS A 171 18.60 48.42 -38.06
CA HIS A 171 18.79 49.58 -37.18
C HIS A 171 20.20 49.62 -36.62
N ALA A 172 20.74 48.46 -36.20
CA ALA A 172 22.10 48.43 -35.69
C ALA A 172 23.11 48.77 -36.78
N ALA A 173 22.90 48.25 -38.00
CA ALA A 173 23.83 48.51 -39.09
C ALA A 173 23.83 49.99 -39.49
N GLU A 174 22.66 50.63 -39.49
CA GLU A 174 22.59 52.04 -39.84
C GLU A 174 23.38 52.89 -38.87
N LEU A 175 23.29 52.59 -37.57
CA LEU A 175 24.01 53.35 -36.56
C LEU A 175 25.04 52.47 -35.86
N MET A 188 25.09 40.70 -30.53
CA MET A 188 24.35 41.27 -31.66
C MET A 188 22.85 41.27 -31.38
N VAL A 189 22.14 40.30 -31.96
CA VAL A 189 20.70 40.15 -31.79
C VAL A 189 20.43 38.75 -31.24
N ASN A 190 19.70 38.69 -30.13
CA ASN A 190 19.37 37.43 -29.47
C ASN A 190 17.91 37.46 -29.00
N VAL A 191 17.01 37.87 -29.88
CA VAL A 191 15.60 38.03 -29.50
C VAL A 191 15.04 36.69 -29.04
N PRO A 192 14.27 36.64 -27.94
CA PRO A 192 13.82 35.36 -27.41
C PRO A 192 12.57 34.82 -28.09
N HIS A 193 12.03 33.74 -27.54
CA HIS A 193 10.82 33.12 -28.08
C HIS A 193 9.64 34.09 -28.00
N ILE A 194 8.87 34.15 -29.08
CA ILE A 194 7.66 34.97 -29.14
C ILE A 194 6.50 34.07 -29.53
N HIS A 195 5.45 34.06 -28.72
CA HIS A 195 4.27 33.29 -29.02
C HIS A 195 3.35 34.04 -29.99
N ALA A 196 2.46 33.29 -30.63
CA ALA A 196 1.45 33.87 -31.50
C ALA A 196 0.11 33.92 -30.77
N ARG A 197 -0.70 34.92 -31.11
CA ARG A 197 -2.00 35.13 -30.47
C ARG A 197 -3.00 35.49 -31.56
N VAL A 198 -3.90 34.55 -31.87
CA VAL A 198 -4.96 34.75 -32.84
C VAL A 198 -6.28 34.75 -32.08
N TYR A 199 -6.93 35.90 -32.02
CA TYR A 199 -8.19 36.05 -31.29
C TYR A 199 -9.29 36.51 -32.24
N ASN A 200 -10.46 36.78 -31.66
CA ASN A 200 -11.64 37.21 -32.41
C ASN A 200 -12.02 36.16 -33.45
N TYR A 201 -12.39 34.99 -32.96
CA TYR A 201 -12.82 33.88 -33.81
C TYR A 201 -14.34 33.85 -33.86
N GLU A 202 -14.91 33.88 -35.06
CA GLU A 202 -16.33 34.14 -35.22
C GLU A 202 -17.22 32.94 -34.87
N PRO A 203 -17.01 31.74 -35.45
CA PRO A 203 -17.95 30.64 -35.14
C PRO A 203 -17.85 30.19 -33.69
N LEU A 204 -18.88 30.49 -32.91
CA LEU A 204 -18.88 30.19 -31.46
C LEU A 204 -19.42 28.79 -31.25
N THR A 205 -18.51 27.83 -31.11
CA THR A 205 -18.88 26.44 -30.84
C THR A 205 -19.02 26.27 -29.33
N GLN A 206 -20.19 26.64 -28.82
CA GLN A 206 -20.44 26.59 -27.38
C GLN A 206 -20.45 25.14 -26.90
N LEU A 207 -20.61 24.97 -25.60
CA LEU A 207 -20.45 23.66 -24.96
C LEU A 207 -21.65 22.77 -25.27
N LYS A 208 -21.71 21.61 -24.62
CA LYS A 208 -22.71 20.57 -24.83
C LYS A 208 -22.65 19.99 -26.25
N ASN A 209 -21.57 20.28 -26.99
CA ASN A 209 -21.41 19.71 -28.32
C ASN A 209 -19.97 19.27 -28.59
N VAL A 210 -19.11 19.23 -27.58
CA VAL A 210 -17.74 18.78 -27.74
C VAL A 210 -17.57 17.45 -27.03
N ARG A 211 -17.78 16.34 -27.75
CA ARG A 211 -17.70 15.02 -27.14
C ARG A 211 -16.58 14.17 -27.72
N ALA A 212 -16.63 13.88 -29.02
CA ALA A 212 -15.63 12.99 -29.61
C ALA A 212 -14.91 13.63 -30.79
N ASN A 213 -15.68 14.21 -31.72
CA ASN A 213 -15.11 14.68 -32.98
C ASN A 213 -14.13 15.81 -32.77
N TYR A 214 -14.46 16.77 -31.92
CA TYR A 214 -13.64 17.95 -31.74
C TYR A 214 -12.40 17.63 -30.92
N TYR A 215 -11.51 16.83 -31.50
CA TYR A 215 -10.25 16.46 -30.88
C TYR A 215 -9.12 17.01 -31.73
N GLY A 216 -8.33 17.90 -31.16
CA GLY A 216 -7.28 18.57 -31.92
C GLY A 216 -7.79 19.50 -32.99
N LYS A 217 -8.84 20.28 -32.69
CA LYS A 217 -9.40 21.24 -33.62
C LYS A 217 -9.59 22.57 -32.92
N TYR A 218 -9.16 23.65 -33.56
CA TYR A 218 -9.25 24.98 -32.98
C TYR A 218 -10.70 25.42 -32.89
N ILE A 219 -11.16 25.77 -31.69
CA ILE A 219 -12.54 26.15 -31.43
C ILE A 219 -12.54 27.38 -30.52
N ALA A 220 -13.75 27.83 -30.16
CA ALA A 220 -13.93 28.96 -29.27
C ALA A 220 -15.09 28.69 -28.32
N LEU A 221 -15.01 29.26 -27.12
CA LEU A 221 -16.03 29.07 -26.09
C LEU A 221 -16.48 30.41 -25.53
N ARG A 222 -17.27 30.35 -24.46
CA ARG A 222 -17.67 31.54 -23.71
C ARG A 222 -18.25 31.09 -22.38
N GLY A 223 -17.72 31.63 -21.28
CA GLY A 223 -18.19 31.21 -19.98
C GLY A 223 -17.59 32.05 -18.87
N THR A 224 -17.72 31.54 -17.65
CA THR A 224 -17.22 32.20 -16.45
C THR A 224 -16.14 31.36 -15.79
N VAL A 225 -15.53 31.91 -14.75
CA VAL A 225 -14.42 31.29 -14.04
C VAL A 225 -14.77 31.22 -12.56
N VAL A 226 -14.53 30.08 -11.94
CA VAL A 226 -14.95 29.88 -10.55
C VAL A 226 -13.88 29.25 -9.67
N ARG A 227 -12.84 28.67 -10.26
CA ARG A 227 -11.92 27.81 -9.51
C ARG A 227 -10.47 28.13 -9.85
N VAL A 228 -10.10 29.42 -9.75
CA VAL A 228 -8.71 29.80 -9.93
C VAL A 228 -7.83 29.08 -8.91
N SER A 229 -6.69 28.58 -9.37
CA SER A 229 -5.79 27.77 -8.55
C SER A 229 -4.45 28.48 -8.37
N ASN A 230 -3.50 27.77 -7.76
CA ASN A 230 -2.19 28.32 -7.43
C ASN A 230 -1.18 28.01 -8.53
N ILE A 231 -0.06 28.73 -8.50
CA ILE A 231 0.95 28.65 -9.56
C ILE A 231 2.02 27.65 -9.16
N LYS A 232 2.42 26.81 -10.10
CA LYS A 232 3.53 25.87 -9.90
C LYS A 232 4.29 25.67 -11.21
N PRO A 233 5.61 25.85 -11.21
CA PRO A 233 6.37 25.78 -12.46
C PRO A 233 6.45 24.36 -13.00
N LEU A 234 6.93 24.28 -14.25
CA LEU A 234 7.20 23.01 -14.90
C LEU A 234 8.30 23.22 -15.93
N CYS A 235 8.94 22.13 -16.35
CA CYS A 235 10.06 22.19 -17.28
C CYS A 235 9.66 21.56 -18.61
N THR A 236 10.16 22.14 -19.71
CA THR A 236 9.87 21.64 -21.04
C THR A 236 11.11 21.25 -21.84
N LYS A 237 12.29 21.74 -21.49
CA LYS A 237 13.49 21.48 -22.28
C LYS A 237 14.67 21.18 -21.36
N MET A 238 14.46 20.34 -20.35
CA MET A 238 15.54 20.02 -19.42
C MET A 238 16.59 19.17 -20.10
N ALA A 239 17.85 19.42 -19.76
CA ALA A 239 18.99 18.85 -20.46
C ALA A 239 19.34 17.47 -19.92
N PHE A 240 20.22 16.79 -20.65
CA PHE A 240 20.71 15.46 -20.30
C PHE A 240 22.23 15.44 -20.36
N LEU A 241 22.82 14.42 -19.74
CA LEU A 241 24.26 14.23 -19.73
C LEU A 241 24.69 13.50 -21.00
N CYS A 242 25.99 13.50 -21.27
CA CYS A 242 26.55 12.89 -22.46
C CYS A 242 27.56 11.82 -22.05
N ALA A 243 27.71 10.82 -22.91
CA ALA A 243 28.64 9.73 -22.68
C ALA A 243 29.96 9.97 -23.41
N ALA A 244 31.01 9.32 -22.92
CA ALA A 244 32.34 9.41 -23.52
C ALA A 244 32.83 10.86 -23.56
N CYS A 245 32.76 11.46 -24.74
CA CYS A 245 33.19 12.84 -24.93
C CYS A 245 32.09 13.79 -24.43
N GLY A 246 32.22 15.07 -24.77
CA GLY A 246 31.26 16.06 -24.32
C GLY A 246 30.05 16.16 -25.21
N GLU A 247 29.73 17.38 -25.66
CA GLU A 247 28.58 17.64 -26.52
C GLU A 247 27.27 17.22 -25.85
N ILE A 248 26.96 17.91 -24.74
CA ILE A 248 25.70 17.70 -24.04
C ILE A 248 24.57 18.23 -24.91
N GLN A 249 23.34 17.86 -24.59
CA GLN A 249 22.19 18.18 -25.43
C GLN A 249 21.02 18.65 -24.57
N SER A 250 20.06 19.28 -25.23
CA SER A 250 18.89 19.89 -24.61
C SER A 250 17.61 19.35 -25.24
N PHE A 251 17.51 18.03 -25.32
CA PHE A 251 16.40 17.29 -25.93
C PHE A 251 15.04 17.91 -25.61
N PRO A 252 14.25 18.23 -26.62
CA PRO A 252 12.95 18.88 -26.38
C PRO A 252 11.92 17.92 -25.81
N LEU A 253 11.93 17.73 -24.49
CA LEU A 253 11.01 16.83 -23.85
C LEU A 253 9.57 17.31 -24.07
N PRO A 254 8.66 16.43 -24.50
CA PRO A 254 7.30 16.88 -24.85
C PRO A 254 6.34 16.92 -23.67
N ASP A 255 5.61 18.03 -23.60
CA ASP A 255 4.53 18.32 -22.64
C ASP A 255 4.78 17.75 -21.25
N GLY A 256 5.98 17.96 -20.70
CA GLY A 256 6.26 17.61 -19.32
C GLY A 256 6.11 16.14 -18.99
N LYS A 257 6.46 15.25 -19.92
CA LYS A 257 6.44 13.82 -19.67
C LYS A 257 7.85 13.29 -19.84
N TYR A 258 8.40 12.69 -18.79
CA TYR A 258 9.78 12.23 -18.81
C TYR A 258 9.98 11.15 -19.86
N SER A 259 11.07 11.27 -20.62
CA SER A 259 11.41 10.30 -21.65
C SER A 259 12.93 10.12 -21.63
N LEU A 260 13.44 9.35 -22.61
CA LEU A 260 14.87 9.10 -22.69
C LEU A 260 15.34 9.27 -24.14
N PRO A 261 16.51 9.86 -24.33
CA PRO A 261 17.11 9.95 -25.68
C PRO A 261 17.87 8.68 -26.06
N THR A 262 17.12 7.68 -26.53
CA THR A 262 17.72 6.41 -26.91
C THR A 262 18.77 6.59 -28.00
N LYS A 263 18.61 7.62 -28.83
CA LYS A 263 19.61 7.99 -29.82
C LYS A 263 20.17 9.37 -29.50
N CYS A 264 21.47 9.53 -29.73
CA CYS A 264 22.10 10.85 -29.68
C CYS A 264 22.67 11.15 -31.05
N PRO A 265 22.25 12.24 -31.70
CA PRO A 265 22.79 12.54 -33.03
C PRO A 265 24.30 12.73 -33.01
N VAL A 266 24.78 13.68 -32.20
CA VAL A 266 26.19 14.05 -31.97
C VAL A 266 26.99 13.95 -33.28
N PRO A 267 28.34 13.88 -33.25
CA PRO A 267 29.03 13.47 -34.48
C PRO A 267 28.85 12.01 -34.86
N VAL A 268 29.18 11.08 -33.96
CA VAL A 268 29.31 9.66 -34.29
C VAL A 268 28.91 8.82 -33.09
N CYS A 269 29.06 7.49 -33.26
CA CYS A 269 29.10 6.46 -32.24
C CYS A 269 27.82 6.31 -31.42
N ARG A 270 27.91 5.52 -30.35
CA ARG A 270 26.75 4.99 -29.63
C ARG A 270 26.03 6.09 -28.85
N GLY A 271 24.79 5.80 -28.49
CA GLY A 271 23.95 6.72 -27.75
C GLY A 271 23.94 6.49 -26.25
N ARG A 272 22.81 5.99 -25.74
CA ARG A 272 22.60 5.76 -24.32
C ARG A 272 22.68 7.10 -23.60
N SER A 273 23.72 7.31 -22.80
CA SER A 273 23.94 8.58 -22.09
C SER A 273 22.71 8.98 -21.28
N PHE A 274 22.09 8.00 -20.62
CA PHE A 274 20.86 8.24 -19.87
C PHE A 274 21.22 8.72 -18.47
N THR A 275 21.39 10.04 -18.33
CA THR A 275 21.68 10.66 -17.05
C THR A 275 21.11 12.08 -17.07
N ALA A 276 20.76 12.59 -15.90
CA ALA A 276 20.14 13.90 -15.76
C ALA A 276 21.16 14.90 -15.24
N LEU A 277 21.02 16.14 -15.68
CA LEU A 277 21.94 17.24 -15.36
C LEU A 277 21.15 18.48 -14.98
N ARG A 278 20.20 18.34 -14.05
CA ARG A 278 19.24 19.41 -13.78
C ARG A 278 19.87 20.57 -13.02
N SER A 279 21.00 21.08 -13.51
CA SER A 279 21.59 22.31 -13.00
C SER A 279 22.09 23.24 -14.09
N SER A 280 22.36 22.76 -15.29
CA SER A 280 22.89 23.59 -16.34
C SER A 280 21.86 24.61 -16.81
N PRO A 281 22.28 25.77 -17.30
CA PRO A 281 21.32 26.77 -17.80
C PRO A 281 20.59 26.34 -19.06
N LEU A 282 20.84 25.14 -19.58
CA LEU A 282 20.07 24.65 -20.73
C LEU A 282 18.62 24.38 -20.35
N THR A 283 18.37 23.94 -19.13
CA THR A 283 17.00 23.67 -18.69
C THR A 283 16.21 24.97 -18.62
N VAL A 284 14.99 24.94 -19.15
CA VAL A 284 14.10 26.10 -19.18
C VAL A 284 12.79 25.73 -18.53
N THR A 285 12.21 26.67 -17.76
CA THR A 285 10.96 26.46 -17.07
C THR A 285 10.03 27.65 -17.31
N MET A 286 8.74 27.42 -17.07
CA MET A 286 7.74 28.46 -17.22
C MET A 286 6.58 28.16 -16.28
N ASP A 287 5.63 29.10 -16.22
CA ASP A 287 4.56 29.05 -15.24
C ASP A 287 3.49 28.03 -15.65
N TRP A 288 2.42 27.99 -14.87
CA TRP A 288 1.32 27.05 -15.06
C TRP A 288 0.16 27.50 -14.18
N GLN A 289 -1.02 26.98 -14.48
CA GLN A 289 -2.23 27.28 -13.70
C GLN A 289 -3.30 26.27 -14.10
N SER A 290 -4.53 26.50 -13.64
CA SER A 290 -5.67 25.68 -14.01
C SER A 290 -6.95 26.43 -13.68
N ILE A 291 -7.89 26.45 -14.61
CA ILE A 291 -9.13 27.20 -14.47
C ILE A 291 -10.30 26.28 -14.80
N LYS A 292 -11.40 26.43 -14.07
CA LYS A 292 -12.62 25.69 -14.31
C LYS A 292 -13.71 26.64 -14.80
N ILE A 293 -14.40 26.26 -15.87
CA ILE A 293 -15.40 27.10 -16.51
C ILE A 293 -16.77 26.45 -16.39
N GLN A 294 -17.75 27.21 -15.95
CA GLN A 294 -19.15 26.80 -15.94
C GLN A 294 -19.89 27.64 -16.98
N GLU A 295 -20.47 26.97 -17.97
CA GLU A 295 -21.07 27.68 -19.09
C GLU A 295 -22.38 28.34 -18.66
N LEU A 296 -22.72 29.43 -19.34
CA LEU A 296 -23.79 30.32 -18.94
C LEU A 296 -25.15 29.63 -19.06
N MET A 297 -26.22 30.34 -18.68
CA MET A 297 -27.56 29.79 -18.79
C MET A 297 -27.98 29.61 -20.24
N SER A 298 -27.55 30.53 -21.12
CA SER A 298 -27.86 30.48 -22.55
C SER A 298 -29.34 30.28 -22.81
N ASP A 299 -29.72 29.05 -23.15
CA ASP A 299 -31.10 28.73 -23.52
C ASP A 299 -31.38 27.30 -23.07
N ASP A 300 -32.43 26.70 -23.63
CA ASP A 300 -32.86 25.34 -23.30
C ASP A 300 -33.16 25.22 -21.80
N GLN A 301 -34.18 25.96 -21.38
CA GLN A 301 -34.60 26.01 -19.98
C GLN A 301 -35.32 24.73 -19.59
N ARG A 302 -34.56 23.63 -19.57
CA ARG A 302 -35.10 22.35 -19.17
C ARG A 302 -35.41 22.33 -17.68
N GLU A 303 -36.46 21.60 -17.31
CA GLU A 303 -36.87 21.53 -15.91
C GLU A 303 -35.90 20.68 -15.09
N ALA A 304 -35.21 19.75 -15.75
CA ALA A 304 -34.28 18.87 -15.04
C ALA A 304 -33.14 19.69 -14.42
N GLY A 305 -32.81 19.37 -13.17
CA GLY A 305 -31.79 20.11 -12.45
C GLY A 305 -30.38 19.64 -12.72
N ARG A 306 -30.05 19.39 -13.97
CA ARG A 306 -28.70 18.99 -14.35
C ARG A 306 -27.85 20.25 -14.47
N ILE A 307 -26.81 20.35 -13.65
CA ILE A 307 -25.91 21.51 -13.66
C ILE A 307 -25.17 21.53 -15.00
N PRO A 308 -24.87 22.71 -15.54
CA PRO A 308 -24.19 22.76 -16.85
C PRO A 308 -22.82 22.11 -16.79
N ARG A 309 -22.42 21.55 -17.92
CA ARG A 309 -21.14 20.86 -18.00
C ARG A 309 -19.98 21.83 -17.84
N THR A 310 -18.88 21.34 -17.29
CA THR A 310 -17.70 22.14 -17.02
C THR A 310 -16.48 21.52 -17.70
N ILE A 311 -15.64 22.38 -18.27
CA ILE A 311 -14.43 21.96 -18.97
C ILE A 311 -13.26 22.78 -18.44
N GLU A 312 -12.11 22.13 -18.26
CA GLU A 312 -10.95 22.77 -17.66
C GLU A 312 -10.17 23.57 -18.70
N CYS A 313 -9.24 24.39 -18.20
CA CYS A 313 -8.34 25.16 -19.04
C CYS A 313 -6.95 25.15 -18.42
N GLU A 314 -5.95 25.48 -19.22
CA GLU A 314 -4.56 25.43 -18.78
C GLU A 314 -3.80 26.60 -19.41
N LEU A 315 -3.51 27.62 -18.60
CA LEU A 315 -2.71 28.74 -19.06
C LEU A 315 -1.24 28.37 -18.97
N VAL A 316 -0.45 28.75 -19.98
CA VAL A 316 0.90 28.22 -20.10
C VAL A 316 1.98 29.24 -19.72
N HIS A 317 1.99 30.40 -20.37
CA HIS A 317 3.11 31.32 -20.21
C HIS A 317 2.67 32.72 -20.60
N ASP A 318 3.22 33.72 -19.89
CA ASP A 318 2.95 35.13 -20.11
C ASP A 318 1.51 35.49 -19.75
N LEU A 319 0.73 34.47 -19.44
CA LEU A 319 -0.59 34.61 -18.82
C LEU A 319 -0.40 34.50 -17.30
N VAL A 320 -1.49 34.23 -16.59
CA VAL A 320 -1.55 33.95 -15.14
C VAL A 320 -1.87 35.25 -14.42
N ASP A 321 -2.75 35.16 -13.41
CA ASP A 321 -3.27 36.32 -12.69
C ASP A 321 -4.03 37.25 -13.61
N SER A 322 -4.59 36.70 -14.69
CA SER A 322 -5.40 37.46 -15.64
C SER A 322 -6.90 37.32 -15.37
N CYS A 323 -7.29 36.54 -14.36
CA CYS A 323 -8.70 36.32 -14.07
C CYS A 323 -8.89 36.22 -12.56
N VAL A 324 -10.10 36.57 -12.12
CA VAL A 324 -10.49 36.49 -10.72
C VAL A 324 -11.80 35.73 -10.64
N PRO A 325 -12.14 35.09 -9.51
CA PRO A 325 -13.38 34.31 -9.45
C PRO A 325 -14.62 35.11 -9.82
N GLY A 326 -15.18 34.79 -10.97
CA GLY A 326 -16.42 35.39 -11.47
C GLY A 326 -16.15 36.49 -12.48
N ASP A 327 -16.20 36.13 -13.76
CA ASP A 327 -15.91 37.05 -14.86
C ASP A 327 -16.87 36.76 -16.00
N THR A 328 -16.57 37.30 -17.18
CA THR A 328 -17.23 36.94 -18.44
C THR A 328 -16.14 36.97 -19.51
N VAL A 329 -15.55 35.81 -19.76
CA VAL A 329 -14.35 35.72 -20.60
C VAL A 329 -14.64 34.84 -21.81
N THR A 330 -13.89 35.11 -22.87
CA THR A 330 -13.93 34.33 -24.11
C THR A 330 -12.57 33.68 -24.29
N ILE A 331 -12.56 32.35 -24.44
CA ILE A 331 -11.33 31.58 -24.51
C ILE A 331 -11.29 30.82 -25.82
N THR A 332 -10.18 30.93 -26.54
CA THR A 332 -9.95 30.18 -27.77
C THR A 332 -8.68 29.36 -27.59
N GLY A 333 -8.74 28.09 -27.95
CA GLY A 333 -7.57 27.24 -27.79
C GLY A 333 -7.81 25.86 -28.37
N ILE A 334 -6.73 25.08 -28.39
CA ILE A 334 -6.76 23.73 -28.91
C ILE A 334 -7.43 22.80 -27.90
N VAL A 335 -8.08 21.76 -28.39
CA VAL A 335 -8.73 20.75 -27.56
C VAL A 335 -7.87 19.50 -27.59
N LYS A 336 -7.31 19.14 -26.43
CA LYS A 336 -6.49 17.94 -26.29
C LYS A 336 -7.16 16.99 -25.30
N VAL A 337 -6.55 15.81 -25.15
CA VAL A 337 -7.08 14.76 -24.31
C VAL A 337 -6.08 14.47 -23.19
N SER A 338 -6.54 14.50 -21.95
CA SER A 338 -5.69 14.26 -20.79
C SER A 338 -5.43 12.78 -20.65
N ASN A 339 -4.81 12.39 -19.53
CA ASN A 339 -4.50 10.99 -19.26
C ASN A 339 -4.38 10.80 -17.76
N ALA A 340 -4.64 9.58 -17.32
CA ALA A 340 -4.54 9.19 -15.91
C ALA A 340 -5.37 10.12 -15.02
N GLU A 341 -6.68 10.09 -15.25
CA GLU A 341 -7.62 10.91 -14.49
C GLU A 341 -7.56 10.58 -13.00
N LYS A 350 -4.70 1.57 -18.53
CA LYS A 350 -5.79 2.45 -18.12
C LYS A 350 -6.13 3.46 -19.22
N CYS A 351 -6.99 3.06 -20.15
CA CYS A 351 -7.39 3.92 -21.26
C CYS A 351 -8.68 4.65 -20.90
N MET A 352 -8.59 5.49 -19.87
CA MET A 352 -9.72 6.24 -19.33
C MET A 352 -9.29 7.69 -19.24
N PHE A 353 -9.77 8.53 -20.17
CA PHE A 353 -9.34 9.92 -20.25
C PHE A 353 -10.52 10.87 -20.19
N LEU A 354 -10.21 12.16 -20.10
CA LEU A 354 -11.18 13.25 -20.16
C LEU A 354 -10.73 14.24 -21.24
N LEU A 355 -11.40 15.39 -21.29
CA LEU A 355 -11.12 16.44 -22.26
C LEU A 355 -10.84 17.76 -21.54
N TYR A 356 -9.77 18.43 -21.95
CA TYR A 356 -9.46 19.77 -21.45
C TYR A 356 -8.92 20.60 -22.61
N ILE A 357 -8.84 21.91 -22.42
CA ILE A 357 -8.49 22.85 -23.47
C ILE A 357 -7.22 23.59 -23.06
N GLU A 358 -6.23 23.57 -23.94
CA GLU A 358 -5.00 24.33 -23.75
C GLU A 358 -5.20 25.72 -24.35
N ALA A 359 -5.29 26.73 -23.48
CA ALA A 359 -5.66 28.06 -23.93
C ALA A 359 -4.60 28.66 -24.85
N ASN A 360 -5.04 29.56 -25.72
CA ASN A 360 -4.17 30.26 -26.65
C ASN A 360 -4.40 31.76 -26.72
N SER A 361 -5.51 32.26 -26.14
CA SER A 361 -5.79 33.69 -26.09
C SER A 361 -6.96 33.90 -25.15
N ILE A 362 -6.90 34.96 -24.35
CA ILE A 362 -7.96 35.30 -23.41
C ILE A 362 -8.37 36.74 -23.63
N SER A 363 -9.65 37.02 -23.34
CA SER A 363 -10.17 38.38 -23.39
C SER A 363 -10.83 38.71 -22.06
N ASN A 364 -11.54 39.84 -22.00
CA ASN A 364 -12.23 40.22 -20.78
C ASN A 364 -13.38 41.15 -21.17
N SER A 365 -14.08 41.66 -20.15
CA SER A 365 -15.20 42.56 -20.37
C SER A 365 -15.48 43.41 -19.12
N MET B 1 -22.48 -19.29 -38.77
CA MET B 1 -23.71 -19.35 -39.56
C MET B 1 -23.42 -19.71 -41.01
N ASN B 2 -24.47 -20.07 -41.75
CA ASN B 2 -24.31 -20.40 -43.15
C ASN B 2 -24.03 -19.14 -43.98
N SER B 3 -23.37 -19.35 -45.12
CA SER B 3 -22.99 -18.22 -45.97
C SER B 3 -24.22 -17.52 -46.54
N ASP B 4 -25.24 -18.28 -46.94
CA ASP B 4 -26.41 -17.68 -47.58
C ASP B 4 -27.33 -16.97 -46.60
N GLN B 5 -27.33 -17.37 -45.34
CA GLN B 5 -28.27 -16.81 -44.37
C GLN B 5 -28.01 -15.33 -44.14
N VAL B 6 -26.74 -14.96 -43.95
CA VAL B 6 -26.41 -13.55 -43.71
C VAL B 6 -26.75 -12.71 -44.92
N THR B 7 -26.46 -13.23 -46.12
CA THR B 7 -26.81 -12.51 -47.34
C THR B 7 -28.31 -12.28 -47.43
N LEU B 8 -29.09 -13.33 -47.21
CA LEU B 8 -30.56 -13.22 -47.30
C LEU B 8 -31.09 -12.21 -46.29
N VAL B 9 -30.56 -12.24 -45.06
CA VAL B 9 -30.93 -11.25 -44.08
C VAL B 9 -30.60 -9.85 -44.59
N GLY B 10 -29.46 -9.72 -45.27
CA GLY B 10 -29.08 -8.43 -45.83
C GLY B 10 -30.07 -7.92 -46.85
N GLN B 11 -30.47 -8.78 -47.80
CA GLN B 11 -31.45 -8.32 -48.78
C GLN B 11 -32.79 -7.98 -48.14
N VAL B 12 -33.22 -8.78 -47.15
CA VAL B 12 -34.49 -8.48 -46.49
C VAL B 12 -34.43 -7.11 -45.82
N PHE B 13 -33.35 -6.85 -45.08
CA PHE B 13 -33.20 -5.56 -44.41
C PHE B 13 -33.16 -4.40 -45.41
N GLU B 14 -32.36 -4.53 -46.46
CA GLU B 14 -32.24 -3.43 -47.40
C GLU B 14 -33.54 -3.17 -48.13
N SER B 15 -34.27 -4.22 -48.49
CA SER B 15 -35.57 -4.05 -49.15
C SER B 15 -36.54 -3.34 -48.22
N TYR B 16 -36.60 -3.76 -46.95
CA TYR B 16 -37.53 -3.12 -46.03
C TYR B 16 -37.19 -1.64 -45.82
N VAL B 17 -35.92 -1.33 -45.60
CA VAL B 17 -35.55 0.06 -45.32
C VAL B 17 -35.72 0.91 -46.56
N SER B 18 -35.53 0.34 -47.75
CA SER B 18 -35.75 1.11 -48.96
C SER B 18 -37.24 1.35 -49.21
N GLU B 19 -38.09 0.38 -48.89
CA GLU B 19 -39.51 0.55 -49.19
C GLU B 19 -40.18 1.50 -48.20
N TYR B 20 -39.85 1.41 -46.90
CA TYR B 20 -40.60 2.19 -45.92
C TYR B 20 -39.74 3.14 -45.09
N HIS B 21 -38.52 3.45 -45.51
CA HIS B 21 -37.69 4.37 -44.73
C HIS B 21 -36.92 5.33 -45.64
N LYS B 22 -37.59 5.89 -46.64
CA LYS B 22 -36.94 6.87 -47.50
C LYS B 22 -36.80 8.23 -46.83
N ASN B 23 -37.79 8.63 -46.03
CA ASN B 23 -37.85 10.00 -45.52
C ASN B 23 -36.74 10.27 -44.50
N ASP B 24 -36.58 9.37 -43.53
CA ASP B 24 -35.55 9.54 -42.52
C ASP B 24 -34.16 9.50 -43.13
N ILE B 25 -33.94 8.60 -44.10
CA ILE B 25 -32.66 8.54 -44.78
C ILE B 25 -32.39 9.85 -45.51
N LEU B 26 -33.43 10.42 -46.16
CA LEU B 26 -33.24 11.67 -46.88
C LEU B 26 -32.88 12.80 -45.92
N LEU B 27 -33.54 12.88 -44.77
CA LEU B 27 -33.19 13.91 -43.80
C LEU B 27 -31.79 13.70 -43.23
N ILE B 28 -31.40 12.45 -42.98
CA ILE B 28 -30.06 12.18 -42.46
C ILE B 28 -29.01 12.60 -43.47
N LEU B 29 -29.25 12.33 -44.75
CA LEU B 29 -28.30 12.72 -45.79
C LEU B 29 -28.17 14.24 -45.86
N LYS B 30 -29.29 14.95 -45.75
CA LYS B 30 -29.29 16.41 -45.86
C LYS B 30 -29.00 17.04 -44.50
N GLU B 31 -27.76 16.84 -44.04
CA GLU B 31 -27.32 17.38 -42.76
C GLU B 31 -25.84 17.73 -42.85
N ARG B 32 -25.42 18.67 -42.00
CA ARG B 32 -24.03 19.08 -41.95
C ARG B 32 -23.21 18.06 -41.16
N ASP B 33 -21.91 18.35 -41.02
CA ASP B 33 -20.93 17.47 -40.38
C ASP B 33 -20.76 16.19 -41.18
N GLU B 34 -19.62 15.53 -41.02
CA GLU B 34 -19.31 14.34 -41.80
C GLU B 34 -19.30 13.05 -41.01
N ASP B 35 -18.75 13.05 -39.79
CA ASP B 35 -18.51 11.81 -39.07
C ASP B 35 -18.90 11.93 -37.60
N ALA B 36 -20.05 12.54 -37.31
CA ALA B 36 -20.39 12.66 -35.89
C ALA B 36 -21.05 11.41 -35.35
N HIS B 37 -22.32 11.19 -35.70
CA HIS B 37 -23.08 9.94 -35.52
C HIS B 37 -24.49 10.15 -36.04
N TYR B 38 -25.13 9.10 -36.57
CA TYR B 38 -26.49 9.21 -37.10
C TYR B 38 -27.26 7.90 -36.99
N PRO B 39 -28.28 7.83 -36.13
CA PRO B 39 -29.05 6.58 -35.99
C PRO B 39 -30.29 6.53 -36.86
N VAL B 40 -30.84 5.33 -37.06
CA VAL B 40 -32.08 5.11 -37.78
C VAL B 40 -32.98 4.23 -36.93
N VAL B 41 -34.24 4.63 -36.78
CA VAL B 41 -35.22 3.88 -35.99
C VAL B 41 -36.02 2.99 -36.92
N VAL B 42 -36.06 1.70 -36.62
CA VAL B 42 -36.78 0.71 -37.42
C VAL B 42 -37.71 -0.07 -36.50
N ASN B 43 -38.96 -0.23 -36.92
CA ASN B 43 -39.91 -1.02 -36.16
C ASN B 43 -39.64 -2.51 -36.34
N ALA B 44 -40.23 -3.31 -35.47
CA ALA B 44 -39.99 -4.75 -35.45
C ALA B 44 -41.16 -5.57 -35.98
N MET B 45 -42.37 -5.35 -35.44
CA MET B 45 -43.49 -6.26 -35.71
C MET B 45 -43.77 -6.37 -37.20
N THR B 46 -43.75 -5.26 -37.92
CA THR B 46 -43.98 -5.32 -39.36
C THR B 46 -42.90 -6.13 -40.07
N LEU B 47 -41.64 -5.95 -39.66
CA LEU B 47 -40.54 -6.69 -40.28
C LEU B 47 -40.69 -8.18 -40.04
N PHE B 48 -41.03 -8.58 -38.81
CA PHE B 48 -41.17 -10.00 -38.50
C PHE B 48 -42.43 -10.58 -39.12
N GLU B 49 -43.44 -9.75 -39.39
CA GLU B 49 -44.63 -10.23 -40.08
C GLU B 49 -44.40 -10.39 -41.58
N THR B 50 -43.54 -9.56 -42.17
CA THR B 50 -43.29 -9.66 -43.60
C THR B 50 -42.65 -11.00 -43.96
N ASN B 51 -41.67 -11.45 -43.17
CA ASN B 51 -41.00 -12.72 -43.40
C ASN B 51 -40.92 -13.51 -42.11
N MET B 52 -41.18 -14.80 -42.20
CA MET B 52 -41.20 -15.68 -41.03
C MET B 52 -39.85 -16.31 -40.73
N GLU B 53 -38.82 -15.99 -41.52
CA GLU B 53 -37.49 -16.53 -41.29
C GLU B 53 -36.55 -15.57 -40.60
N ILE B 54 -36.84 -14.26 -40.62
CA ILE B 54 -35.96 -13.30 -39.98
C ILE B 54 -36.02 -13.45 -38.46
N GLY B 55 -37.19 -13.78 -37.91
CA GLY B 55 -37.32 -13.92 -36.47
C GLY B 55 -36.52 -15.08 -35.91
N GLU B 56 -36.56 -16.22 -36.59
CA GLU B 56 -35.78 -17.38 -36.15
C GLU B 56 -34.28 -17.07 -36.22
N TYR B 57 -33.83 -16.44 -37.30
CA TYR B 57 -32.42 -16.12 -37.42
C TYR B 57 -32.00 -15.01 -36.46
N PHE B 58 -32.95 -14.21 -35.99
CA PHE B 58 -32.63 -13.08 -35.10
C PHE B 58 -32.61 -13.49 -33.64
N ASN B 59 -33.73 -14.00 -33.13
CA ASN B 59 -33.86 -14.19 -31.68
C ASN B 59 -33.23 -15.48 -31.18
N MET B 60 -32.02 -15.80 -31.65
CA MET B 60 -31.10 -16.66 -30.93
C MET B 60 -29.67 -16.14 -30.92
N PHE B 61 -29.27 -15.27 -31.85
CA PHE B 61 -27.94 -14.68 -31.88
C PHE B 61 -28.03 -13.18 -32.08
N PRO B 62 -28.46 -12.42 -31.04
CA PRO B 62 -28.52 -10.96 -31.21
C PRO B 62 -27.16 -10.29 -31.39
N SER B 63 -26.29 -10.84 -32.23
CA SER B 63 -24.99 -10.22 -32.48
C SER B 63 -24.78 -9.87 -33.95
N GLU B 64 -25.00 -10.83 -34.86
CA GLU B 64 -24.73 -10.59 -36.26
C GLU B 64 -25.82 -9.77 -36.94
N VAL B 65 -27.05 -9.83 -36.41
CA VAL B 65 -28.17 -9.16 -37.07
C VAL B 65 -27.96 -7.65 -37.12
N LEU B 66 -27.47 -7.07 -36.01
CA LEU B 66 -27.26 -5.63 -35.99
C LEU B 66 -26.20 -5.20 -36.99
N THR B 67 -25.09 -5.93 -37.08
CA THR B 67 -24.05 -5.59 -38.04
C THR B 67 -24.54 -5.74 -39.47
N ILE B 68 -25.32 -6.80 -39.75
CA ILE B 68 -25.85 -6.99 -41.09
C ILE B 68 -26.81 -5.86 -41.45
N PHE B 69 -27.65 -5.43 -40.49
CA PHE B 69 -28.57 -4.33 -40.76
C PHE B 69 -27.81 -3.03 -41.00
N ASP B 70 -26.71 -2.83 -40.27
CA ASP B 70 -25.87 -1.66 -40.49
C ASP B 70 -25.28 -1.68 -41.90
N SER B 71 -24.79 -2.83 -42.34
CA SER B 71 -24.26 -2.95 -43.69
C SER B 71 -25.33 -2.69 -44.74
N ALA B 72 -26.55 -3.20 -44.50
CA ALA B 72 -27.65 -2.94 -45.43
C ALA B 72 -27.98 -1.46 -45.49
N LEU B 73 -27.97 -0.78 -44.34
CA LEU B 73 -28.21 0.66 -44.32
C LEU B 73 -27.14 1.41 -45.11
N ARG B 74 -25.87 1.00 -44.95
CA ARG B 74 -24.81 1.64 -45.70
C ARG B 74 -24.97 1.43 -47.20
N ARG B 75 -25.34 0.21 -47.61
CA ARG B 75 -25.55 -0.05 -49.03
C ARG B 75 -26.72 0.77 -49.57
N SER B 76 -27.78 0.92 -48.78
CA SER B 76 -28.89 1.78 -49.19
C SER B 76 -28.44 3.23 -49.33
N ALA B 77 -27.56 3.68 -48.42
CA ALA B 77 -27.03 5.04 -48.53
C ALA B 77 -26.24 5.22 -49.82
N LEU B 78 -25.39 4.26 -50.16
CA LEU B 78 -24.66 4.34 -51.43
C LEU B 78 -25.62 4.37 -52.62
N THR B 79 -26.64 3.52 -52.59
CA THR B 79 -27.57 3.46 -53.71
C THR B 79 -28.33 4.78 -53.87
N ILE B 80 -28.81 5.35 -52.77
CA ILE B 80 -29.58 6.58 -52.86
C ILE B 80 -28.69 7.74 -53.26
N LEU B 81 -27.42 7.74 -52.82
CA LEU B 81 -26.49 8.78 -53.27
C LEU B 81 -26.23 8.66 -54.77
N GLN B 82 -26.06 7.43 -55.27
CA GLN B 82 -25.83 7.25 -56.70
C GLN B 82 -27.05 7.69 -57.51
N SER B 83 -28.24 7.34 -57.05
CA SER B 83 -29.48 7.74 -57.73
C SER B 83 -30.06 9.00 -57.09
N LEU B 84 -29.33 10.10 -57.21
CA LEU B 84 -29.72 11.39 -56.66
C LEU B 84 -29.74 12.44 -57.76
N SER B 85 -30.70 13.36 -57.67
CA SER B 85 -30.88 14.38 -58.69
C SER B 85 -30.39 15.76 -58.30
N GLN B 86 -30.16 16.02 -57.00
CA GLN B 86 -29.73 17.33 -56.51
C GLN B 86 -28.48 17.14 -55.67
N PRO B 87 -27.31 16.95 -56.31
CA PRO B 87 -26.06 16.71 -55.59
C PRO B 87 -25.33 17.98 -55.18
N GLU B 88 -26.06 18.93 -54.60
CA GLU B 88 -25.46 20.18 -54.12
C GLU B 88 -25.58 20.34 -52.62
N ALA B 89 -26.77 20.23 -52.05
CA ALA B 89 -26.97 20.34 -50.60
C ALA B 89 -27.03 18.97 -49.94
N VAL B 90 -26.01 18.14 -50.19
CA VAL B 90 -25.95 16.79 -49.64
C VAL B 90 -24.56 16.51 -49.13
N SER B 91 -24.47 15.55 -48.20
CA SER B 91 -23.21 15.14 -47.63
C SER B 91 -23.29 13.66 -47.26
N MET B 92 -22.18 12.95 -47.44
CA MET B 92 -22.11 11.52 -47.17
C MET B 92 -21.55 11.27 -45.78
N LYS B 93 -22.22 10.39 -45.03
CA LYS B 93 -21.79 10.00 -43.69
C LYS B 93 -21.49 8.52 -43.67
N GLN B 94 -20.34 8.15 -43.11
CA GLN B 94 -19.93 6.75 -43.02
C GLN B 94 -20.22 6.13 -41.66
N ASN B 95 -20.86 6.86 -40.76
CA ASN B 95 -21.17 6.37 -39.42
C ASN B 95 -22.69 6.27 -39.27
N LEU B 96 -23.23 5.09 -39.53
CA LEU B 96 -24.65 4.81 -39.35
C LEU B 96 -24.81 3.72 -38.29
N HIS B 97 -26.02 3.63 -37.74
CA HIS B 97 -26.30 2.68 -36.69
C HIS B 97 -27.73 2.18 -36.81
N ALA B 98 -27.99 1.05 -36.17
CA ALA B 98 -29.30 0.43 -36.11
C ALA B 98 -29.91 0.62 -34.73
N ARG B 99 -31.25 0.57 -34.68
CA ARG B 99 -31.96 0.69 -33.41
C ARG B 99 -33.30 -0.02 -33.54
N ILE B 100 -33.41 -1.19 -32.90
CA ILE B 100 -34.62 -2.01 -32.96
C ILE B 100 -35.58 -1.57 -31.87
N SER B 101 -36.86 -1.57 -32.19
CA SER B 101 -37.89 -1.27 -31.20
C SER B 101 -39.20 -1.89 -31.66
N GLY B 102 -40.10 -2.09 -30.69
CA GLY B 102 -41.41 -2.65 -30.98
C GLY B 102 -41.46 -4.16 -30.91
N LEU B 103 -40.96 -4.72 -29.82
CA LEU B 103 -40.95 -6.17 -29.64
C LEU B 103 -42.35 -6.67 -29.30
N PRO B 104 -42.61 -7.97 -29.52
CA PRO B 104 -43.92 -8.54 -29.17
C PRO B 104 -44.18 -8.50 -27.67
N VAL B 105 -45.35 -9.00 -27.26
CA VAL B 105 -45.77 -8.91 -25.87
C VAL B 105 -45.65 -10.30 -25.24
N CYS B 106 -44.72 -11.09 -25.74
CA CYS B 106 -44.49 -12.42 -25.19
C CYS B 106 -44.04 -12.31 -23.74
N PRO B 107 -44.51 -13.19 -22.85
CA PRO B 107 -44.14 -13.08 -21.43
C PRO B 107 -42.65 -13.17 -21.17
N GLU B 108 -41.87 -13.80 -22.05
CA GLU B 108 -40.45 -13.98 -21.82
C GLU B 108 -39.59 -12.88 -22.42
N LEU B 109 -40.19 -11.85 -23.01
CA LEU B 109 -39.45 -10.74 -23.58
C LEU B 109 -39.83 -9.39 -23.00
N VAL B 110 -40.77 -9.33 -22.05
CA VAL B 110 -41.19 -8.08 -21.45
C VAL B 110 -40.97 -8.21 -19.95
N ARG B 111 -39.91 -8.93 -19.57
CA ARG B 111 -39.65 -9.21 -18.16
C ARG B 111 -39.55 -7.92 -17.35
N GLU B 112 -40.28 -7.87 -16.24
CA GLU B 112 -40.24 -6.75 -15.32
C GLU B 112 -39.29 -7.00 -14.15
N HIS B 113 -38.57 -8.13 -14.15
CA HIS B 113 -37.61 -8.47 -13.12
C HIS B 113 -36.26 -8.75 -13.76
N ILE B 114 -35.20 -8.45 -13.03
CA ILE B 114 -33.85 -8.65 -13.54
C ILE B 114 -33.55 -10.15 -13.64
N PRO B 115 -33.05 -10.64 -14.78
CA PRO B 115 -32.66 -12.05 -14.85
C PRO B 115 -31.49 -12.36 -13.93
N LYS B 116 -31.49 -13.58 -13.38
CA LYS B 116 -30.44 -13.93 -12.42
C LYS B 116 -29.16 -14.38 -13.12
N THR B 117 -29.19 -15.55 -13.75
CA THR B 117 -28.05 -15.99 -14.55
C THR B 117 -28.42 -16.79 -15.78
N LYS B 118 -29.69 -17.03 -16.07
CA LYS B 118 -30.09 -17.91 -17.15
C LYS B 118 -30.42 -17.17 -18.43
N ASP B 119 -30.21 -15.86 -18.47
CA ASP B 119 -30.44 -15.03 -19.65
C ASP B 119 -29.14 -14.34 -20.02
N VAL B 120 -28.31 -15.03 -20.79
CA VAL B 120 -27.07 -14.48 -21.31
C VAL B 120 -27.08 -14.66 -22.82
N GLY B 121 -26.89 -13.56 -23.55
CA GLY B 121 -26.99 -13.59 -24.99
C GLY B 121 -28.39 -13.43 -25.54
N HIS B 122 -29.36 -13.06 -24.71
CA HIS B 122 -30.74 -12.89 -25.12
C HIS B 122 -31.07 -11.40 -25.25
N PHE B 123 -32.14 -11.11 -25.99
CA PHE B 123 -32.65 -9.76 -26.15
C PHE B 123 -33.86 -9.58 -25.24
N LEU B 124 -33.73 -8.66 -24.29
CA LEU B 124 -34.75 -8.49 -23.25
C LEU B 124 -35.27 -7.05 -23.27
N SER B 125 -36.08 -6.72 -22.27
CA SER B 125 -36.63 -5.37 -22.14
C SER B 125 -36.99 -5.16 -20.67
N VAL B 126 -36.20 -4.35 -19.98
CA VAL B 126 -36.40 -4.09 -18.57
C VAL B 126 -36.94 -2.68 -18.39
N THR B 127 -37.58 -2.45 -17.23
CA THR B 127 -38.11 -1.15 -16.89
C THR B 127 -37.68 -0.77 -15.47
N GLY B 128 -37.49 0.52 -15.24
CA GLY B 128 -37.08 0.98 -13.93
C GLY B 128 -36.80 2.47 -13.95
N THR B 129 -36.30 2.95 -12.81
CA THR B 129 -35.95 4.34 -12.63
C THR B 129 -34.43 4.49 -12.61
N VAL B 130 -33.96 5.71 -12.34
CA VAL B 130 -32.55 6.04 -12.36
C VAL B 130 -32.12 6.51 -10.97
N ILE B 131 -30.95 6.04 -10.53
CA ILE B 131 -30.41 6.39 -9.21
C ILE B 131 -29.15 7.22 -9.35
N ARG B 132 -28.13 6.70 -10.01
CA ARG B 132 -26.83 7.35 -10.11
C ARG B 132 -26.53 7.73 -11.56
N THR B 133 -25.44 8.48 -11.73
CA THR B 133 -25.02 8.91 -13.06
C THR B 133 -23.54 9.26 -13.01
N SER B 134 -22.76 8.67 -13.91
CA SER B 134 -21.33 8.93 -13.97
C SER B 134 -21.05 10.13 -14.88
N LEU B 135 -19.79 10.33 -15.24
CA LEU B 135 -19.36 11.47 -16.04
C LEU B 135 -19.02 11.03 -17.46
N VAL B 136 -19.12 11.97 -18.38
CA VAL B 136 -18.82 11.69 -19.78
C VAL B 136 -17.31 11.49 -19.94
N LYS B 137 -16.93 10.37 -20.54
CA LYS B 137 -15.53 10.00 -20.68
C LYS B 137 -15.31 9.36 -22.04
N VAL B 138 -14.04 9.31 -22.45
CA VAL B 138 -13.67 8.89 -23.80
C VAL B 138 -12.73 7.69 -23.72
N LEU B 139 -13.04 6.66 -24.51
CA LEU B 139 -12.24 5.45 -24.61
C LEU B 139 -11.31 5.50 -25.81
N GLU B 140 -10.42 4.50 -25.87
CA GLU B 140 -9.55 4.26 -27.01
C GLU B 140 -9.91 2.91 -27.60
N PHE B 141 -10.21 2.89 -28.89
CA PHE B 141 -10.66 1.69 -29.58
C PHE B 141 -9.73 1.42 -30.75
N GLU B 142 -9.05 0.27 -30.71
CA GLU B 142 -8.09 -0.17 -31.73
C GLU B 142 -6.85 0.71 -31.72
N ARG B 143 -5.69 0.12 -32.00
CA ARG B 143 -4.43 0.85 -31.97
C ARG B 143 -3.68 0.85 -33.29
N ASP B 144 -3.72 -0.24 -34.05
CA ASP B 144 -2.92 -0.39 -35.28
C ASP B 144 -1.44 -0.14 -34.98
N TYR B 145 -0.92 -0.92 -34.02
CA TYR B 145 0.40 -0.66 -33.49
C TYR B 145 1.47 -0.95 -34.53
N MET B 146 2.69 -0.47 -34.26
CA MET B 146 3.77 -0.53 -35.22
C MET B 146 4.11 -1.98 -35.57
N CYS B 147 4.37 -2.23 -36.85
CA CYS B 147 4.64 -3.56 -37.35
C CYS B 147 6.09 -3.93 -37.03
N ASN B 148 6.28 -5.06 -36.36
CA ASN B 148 7.61 -5.51 -35.94
C ASN B 148 7.93 -6.86 -36.57
N LYS B 149 9.09 -6.94 -37.21
CA LYS B 149 9.69 -8.14 -37.81
C LYS B 149 8.91 -8.62 -39.03
N CYS B 150 7.78 -8.00 -39.36
CA CYS B 150 7.03 -8.34 -40.57
C CYS B 150 6.56 -7.06 -41.24
N LYS B 151 5.68 -7.19 -42.23
CA LYS B 151 5.32 -6.06 -43.10
C LYS B 151 3.88 -5.60 -42.93
N HIS B 152 2.91 -6.50 -43.10
CA HIS B 152 1.51 -6.09 -43.10
C HIS B 152 1.06 -5.65 -41.70
N VAL B 153 0.32 -4.53 -41.66
CA VAL B 153 -0.07 -3.94 -40.39
C VAL B 153 -1.22 -4.75 -39.78
N PHE B 154 -1.41 -4.58 -38.47
CA PHE B 154 -2.40 -5.31 -37.71
C PHE B 154 -3.51 -4.38 -37.25
N VAL B 155 -4.71 -4.94 -37.10
CA VAL B 155 -5.91 -4.16 -36.79
C VAL B 155 -6.62 -4.71 -35.57
N ILE B 156 -5.86 -5.26 -34.62
CA ILE B 156 -6.42 -5.87 -33.42
C ILE B 156 -7.34 -4.90 -32.71
N LYS B 157 -8.41 -5.43 -32.11
CA LYS B 157 -9.42 -4.63 -31.43
C LYS B 157 -9.35 -4.88 -29.92
N ALA B 158 -10.27 -4.23 -29.20
CA ALA B 158 -10.33 -4.34 -27.76
C ALA B 158 -11.25 -5.50 -27.36
N ASP B 159 -11.48 -5.67 -26.06
CA ASP B 159 -12.36 -6.72 -25.55
C ASP B 159 -13.28 -6.12 -24.51
N PHE B 160 -14.58 -6.31 -24.68
CA PHE B 160 -15.55 -5.77 -23.73
C PHE B 160 -15.61 -6.60 -22.45
N GLU B 161 -15.28 -7.88 -22.53
CA GLU B 161 -15.43 -8.78 -21.39
C GLU B 161 -14.29 -8.70 -20.40
N GLN B 162 -13.28 -7.87 -20.66
CA GLN B 162 -12.13 -7.74 -19.77
C GLN B 162 -11.91 -6.28 -19.38
N TYR B 163 -12.99 -5.50 -19.24
CA TYR B 163 -12.93 -4.11 -18.81
C TYR B 163 -12.09 -3.26 -19.78
N TYR B 164 -12.22 -3.54 -21.07
CA TYR B 164 -11.52 -2.81 -22.12
C TYR B 164 -10.00 -2.79 -21.88
N THR B 165 -9.41 -3.97 -21.91
CA THR B 165 -7.96 -4.13 -21.83
C THR B 165 -7.46 -4.78 -23.11
N PHE B 166 -6.17 -4.61 -23.38
CA PHE B 166 -5.56 -5.06 -24.62
C PHE B 166 -4.63 -6.23 -24.34
N CYS B 167 -4.77 -7.28 -25.13
CA CYS B 167 -3.94 -8.48 -25.01
C CYS B 167 -2.83 -8.44 -26.06
N ARG B 168 -1.60 -8.72 -25.63
CA ARG B 168 -0.46 -8.63 -26.52
C ARG B 168 -0.43 -9.86 -27.45
N PRO B 169 -0.52 -9.68 -28.77
CA PRO B 169 -0.47 -10.84 -29.67
C PRO B 169 0.95 -11.27 -29.95
N SER B 170 1.10 -12.57 -30.21
CA SER B 170 2.39 -13.14 -30.57
C SER B 170 2.35 -14.06 -31.78
N SER B 171 1.19 -14.63 -32.13
CA SER B 171 1.06 -15.52 -33.28
C SER B 171 0.46 -14.72 -34.42
N CYS B 172 1.32 -14.27 -35.34
CA CYS B 172 0.85 -13.47 -36.46
C CYS B 172 0.03 -14.32 -37.43
N PRO B 173 -1.07 -13.80 -37.97
CA PRO B 173 -1.88 -14.55 -38.93
C PRO B 173 -1.27 -14.59 -40.32
N SER B 174 0.01 -14.20 -40.43
CA SER B 174 0.68 -14.13 -41.71
C SER B 174 0.68 -15.49 -42.41
N LEU B 175 0.65 -15.45 -43.74
CA LEU B 175 0.64 -16.68 -44.53
C LEU B 175 1.90 -17.49 -44.28
N GLU B 176 3.05 -16.84 -44.20
CA GLU B 176 4.31 -17.52 -43.94
C GLU B 176 4.43 -17.84 -42.45
N SER B 177 5.56 -18.42 -42.07
CA SER B 177 5.80 -18.81 -40.68
C SER B 177 6.28 -17.66 -39.82
N CYS B 178 6.52 -16.48 -40.40
CA CYS B 178 7.00 -15.35 -39.62
C CYS B 178 5.93 -14.89 -38.63
N ASP B 179 6.34 -14.71 -37.38
CA ASP B 179 5.42 -14.27 -36.33
C ASP B 179 6.22 -13.65 -35.20
N SER B 180 5.71 -12.54 -34.68
CA SER B 180 6.37 -11.83 -33.59
C SER B 180 5.47 -11.76 -32.36
N PRO B 193 -3.23 8.40 -31.07
CA PRO B 193 -4.51 7.77 -30.95
C PRO B 193 -5.68 8.51 -31.60
N THR B 194 -5.74 8.50 -32.92
CA THR B 194 -6.80 9.20 -33.65
C THR B 194 -8.05 8.34 -33.77
N ARG B 195 -8.48 7.80 -32.64
CA ARG B 195 -9.74 7.06 -32.56
C ARG B 195 -10.33 7.31 -31.19
N CYS B 196 -11.64 7.53 -31.14
CA CYS B 196 -12.29 7.84 -29.87
C CYS B 196 -13.76 7.42 -29.93
N ARG B 197 -14.34 7.26 -28.75
CA ARG B 197 -15.74 6.89 -28.60
C ARG B 197 -16.30 7.69 -27.44
N ASP B 198 -17.47 7.30 -26.94
CA ASP B 198 -18.07 7.91 -25.77
C ASP B 198 -18.39 6.82 -24.76
N TYR B 199 -18.81 7.25 -23.56
CA TYR B 199 -19.03 6.31 -22.48
C TYR B 199 -19.89 6.96 -21.41
N GLN B 200 -20.50 6.12 -20.58
CA GLN B 200 -21.27 6.57 -19.43
C GLN B 200 -21.57 5.34 -18.57
N GLU B 201 -22.13 5.60 -17.39
CA GLU B 201 -22.52 4.53 -16.48
C GLU B 201 -23.78 4.96 -15.75
N ILE B 202 -24.85 4.18 -15.88
CA ILE B 202 -26.12 4.48 -15.25
C ILE B 202 -26.59 3.26 -14.49
N LYS B 203 -27.31 3.49 -13.39
CA LYS B 203 -27.83 2.43 -12.54
C LYS B 203 -29.35 2.51 -12.52
N ILE B 204 -30.00 1.36 -12.72
CA ILE B 204 -31.45 1.28 -12.80
C ILE B 204 -31.96 0.48 -11.63
N GLN B 205 -32.94 1.04 -10.91
CA GLN B 205 -33.57 0.39 -9.77
C GLN B 205 -35.00 0.04 -10.13
N GLU B 206 -35.40 -1.19 -9.85
CA GLU B 206 -36.74 -1.66 -10.20
C GLU B 206 -37.81 -0.87 -9.46
N GLN B 207 -38.93 -0.63 -10.14
CA GLN B 207 -40.04 0.08 -9.52
C GLN B 207 -40.73 -0.81 -8.48
N VAL B 208 -41.20 -0.18 -7.40
CA VAL B 208 -41.90 -0.90 -6.34
C VAL B 208 -43.40 -0.98 -6.59
N GLN B 209 -43.93 -0.17 -7.51
CA GLN B 209 -45.37 -0.17 -7.75
C GLN B 209 -45.85 -1.50 -8.30
N ARG B 210 -45.09 -2.09 -9.21
CA ARG B 210 -45.46 -3.35 -9.86
C ARG B 210 -44.87 -4.57 -9.18
N LEU B 211 -44.21 -4.39 -8.04
CA LEU B 211 -43.66 -5.52 -7.29
C LEU B 211 -44.78 -6.36 -6.67
N ILE B 216 -37.65 -5.62 -1.15
CA ILE B 216 -36.67 -4.68 -1.64
C ILE B 216 -36.13 -5.13 -2.99
N PRO B 217 -36.08 -4.22 -3.96
CA PRO B 217 -35.56 -4.55 -5.29
C PRO B 217 -34.08 -4.23 -5.42
N ARG B 218 -33.42 -5.03 -6.26
CA ARG B 218 -32.01 -4.83 -6.56
C ARG B 218 -31.86 -4.01 -7.84
N SER B 219 -30.62 -3.79 -8.26
CA SER B 219 -30.32 -2.84 -9.31
C SER B 219 -29.35 -3.43 -10.32
N MET B 220 -29.39 -2.87 -11.53
CA MET B 220 -28.50 -3.25 -12.61
C MET B 220 -27.61 -2.07 -12.98
N LYS B 221 -26.40 -2.37 -13.44
CA LYS B 221 -25.45 -1.34 -13.87
C LYS B 221 -25.48 -1.30 -15.40
N VAL B 222 -26.41 -0.52 -15.95
CA VAL B 222 -26.58 -0.42 -17.38
C VAL B 222 -25.46 0.44 -17.97
N ILE B 223 -24.82 -0.06 -19.02
CA ILE B 223 -23.72 0.63 -19.67
C ILE B 223 -24.24 1.26 -20.96
N LEU B 224 -24.09 2.58 -21.08
CA LEU B 224 -24.43 3.28 -22.30
C LEU B 224 -23.19 3.47 -23.16
N GLU B 225 -23.40 3.79 -24.43
CA GLU B 225 -22.28 3.96 -25.34
C GLU B 225 -22.72 4.73 -26.57
N ASP B 226 -21.78 5.46 -27.16
CA ASP B 226 -21.93 6.13 -28.45
C ASP B 226 -23.01 7.20 -28.32
N ASP B 227 -23.92 7.33 -29.30
CA ASP B 227 -24.86 8.45 -29.35
C ASP B 227 -25.79 8.48 -28.15
N LEU B 228 -26.01 7.35 -27.49
CA LEU B 228 -26.93 7.29 -26.37
C LEU B 228 -26.45 8.08 -25.15
N VAL B 229 -25.19 8.51 -25.15
CA VAL B 229 -24.66 9.26 -24.02
C VAL B 229 -25.43 10.58 -23.87
N ASP B 230 -25.60 11.02 -22.63
CA ASP B 230 -26.31 12.26 -22.29
C ASP B 230 -27.73 12.22 -22.83
N SER B 231 -28.48 11.22 -22.38
CA SER B 231 -29.87 11.07 -22.77
C SER B 231 -30.77 10.66 -21.59
N CYS B 232 -30.26 10.74 -20.37
CA CYS B 232 -31.00 10.31 -19.19
C CYS B 232 -30.97 11.41 -18.14
N LYS B 233 -32.09 11.58 -17.44
CA LYS B 233 -32.24 12.54 -16.37
C LYS B 233 -32.48 11.79 -15.06
N SER B 234 -31.76 12.18 -14.01
CA SER B 234 -31.86 11.49 -12.73
C SER B 234 -33.27 11.58 -12.15
N GLY B 235 -33.96 10.45 -12.08
CA GLY B 235 -35.31 10.42 -11.56
C GLY B 235 -36.38 10.36 -12.64
N ASP B 236 -36.16 9.52 -13.64
CA ASP B 236 -37.12 9.38 -14.73
C ASP B 236 -37.30 7.90 -15.07
N ASP B 237 -38.44 7.58 -15.67
CA ASP B 237 -38.76 6.21 -16.05
C ASP B 237 -38.13 5.88 -17.39
N LEU B 238 -37.48 4.72 -17.46
CA LEU B 238 -36.78 4.28 -18.67
C LEU B 238 -37.32 2.93 -19.12
N THR B 239 -36.99 2.58 -20.36
CA THR B 239 -37.38 1.28 -20.93
C THR B 239 -36.30 0.93 -21.95
N ILE B 240 -35.36 0.09 -21.56
CA ILE B 240 -34.17 -0.20 -22.36
C ILE B 240 -34.34 -1.52 -23.07
N TYR B 241 -33.92 -1.57 -24.33
CA TYR B 241 -33.93 -2.79 -25.14
C TYR B 241 -32.47 -3.15 -25.43
N GLY B 242 -31.85 -3.90 -24.51
CA GLY B 242 -30.44 -4.18 -24.63
C GLY B 242 -30.15 -5.66 -24.44
N ILE B 243 -28.93 -6.02 -24.83
CA ILE B 243 -28.42 -7.39 -24.67
C ILE B 243 -27.78 -7.51 -23.29
N VAL B 244 -27.76 -8.74 -22.77
CA VAL B 244 -27.17 -9.03 -21.47
C VAL B 244 -25.85 -9.75 -21.68
N MET B 245 -24.79 -9.26 -21.03
CA MET B 245 -23.46 -9.85 -21.16
C MET B 245 -22.77 -9.81 -19.81
N GLN B 246 -21.62 -10.48 -19.73
CA GLN B 246 -20.88 -10.65 -18.50
C GLN B 246 -19.55 -9.94 -18.57
N ARG B 247 -19.09 -9.44 -17.41
CA ARG B 247 -17.82 -8.74 -17.29
C ARG B 247 -16.97 -9.48 -16.26
N TRP B 248 -15.78 -9.92 -16.67
CA TRP B 248 -14.90 -10.68 -15.82
C TRP B 248 -13.97 -9.74 -15.05
N LYS B 249 -12.98 -10.31 -14.37
CA LYS B 249 -11.98 -9.57 -13.63
C LYS B 249 -10.67 -10.32 -13.74
N PRO B 250 -9.53 -9.64 -13.68
CA PRO B 250 -8.24 -10.35 -13.75
C PRO B 250 -8.12 -11.37 -12.62
N PHE B 251 -7.53 -12.53 -12.96
CA PHE B 251 -7.47 -13.65 -12.03
C PHE B 251 -6.29 -13.50 -11.08
N GLN B 252 -6.55 -13.72 -9.80
CA GLN B 252 -5.52 -13.85 -8.78
C GLN B 252 -5.42 -15.31 -8.36
N GLN B 253 -4.23 -15.71 -7.92
CA GLN B 253 -3.99 -17.11 -7.59
C GLN B 253 -4.71 -17.50 -6.30
N ASP B 254 -5.47 -18.60 -6.36
CA ASP B 254 -6.10 -19.21 -5.19
C ASP B 254 -7.04 -18.24 -4.48
N VAL B 255 -7.95 -17.64 -5.24
CA VAL B 255 -9.00 -16.78 -4.72
C VAL B 255 -10.30 -17.13 -5.43
N ARG B 256 -11.37 -16.43 -5.05
CA ARG B 256 -12.67 -16.59 -5.68
C ARG B 256 -12.82 -15.53 -6.77
N CYS B 257 -12.98 -15.97 -8.02
CA CYS B 257 -13.14 -15.04 -9.12
C CYS B 257 -14.47 -14.31 -9.01
N GLU B 258 -14.48 -13.06 -9.47
CA GLU B 258 -15.64 -12.19 -9.38
C GLU B 258 -16.21 -11.92 -10.76
N VAL B 259 -17.53 -11.97 -10.87
CA VAL B 259 -18.24 -11.67 -12.11
C VAL B 259 -19.36 -10.69 -11.80
N GLU B 260 -19.98 -10.18 -12.86
CA GLU B 260 -21.11 -9.28 -12.72
C GLU B 260 -21.96 -9.34 -13.99
N ILE B 261 -23.20 -8.88 -13.88
CA ILE B 261 -24.15 -8.91 -14.98
C ILE B 261 -24.47 -7.47 -15.36
N VAL B 262 -24.25 -7.13 -16.62
CA VAL B 262 -24.54 -5.79 -17.12
C VAL B 262 -25.49 -5.89 -18.30
N LEU B 263 -25.88 -4.74 -18.86
CA LEU B 263 -26.88 -4.68 -19.93
C LEU B 263 -26.45 -3.62 -20.93
N LYS B 264 -25.84 -4.04 -22.03
CA LYS B 264 -25.37 -3.11 -23.06
C LYS B 264 -26.58 -2.61 -23.84
N ALA B 265 -26.86 -1.31 -23.73
CA ALA B 265 -28.06 -0.75 -24.33
C ALA B 265 -27.95 -0.71 -25.85
N ASN B 266 -29.07 -0.97 -26.52
CA ASN B 266 -29.17 -0.82 -27.97
C ASN B 266 -30.26 0.16 -28.40
N TYR B 267 -31.13 0.57 -27.49
CA TYR B 267 -32.09 1.64 -27.73
C TYR B 267 -32.42 2.27 -26.39
N ILE B 268 -33.35 3.21 -26.39
CA ILE B 268 -33.79 3.85 -25.15
C ILE B 268 -35.13 4.52 -25.42
N GLN B 269 -35.88 4.79 -24.35
CA GLN B 269 -37.16 5.48 -24.45
C GLN B 269 -37.33 6.33 -23.21
N VAL B 270 -38.11 7.41 -23.34
CA VAL B 270 -38.32 8.34 -22.24
C VAL B 270 -39.79 8.29 -21.84
N ASN B 271 -40.42 7.13 -22.04
CA ASN B 271 -41.83 6.95 -21.71
C ASN B 271 -42.06 7.25 -20.23
N ASN B 272 -43.10 8.03 -19.95
CA ASN B 272 -43.43 8.40 -18.58
C ASN B 272 -44.94 8.44 -18.36
N PHE C 72 -20.82 -47.74 -23.69
CA PHE C 72 -21.24 -49.02 -23.11
C PHE C 72 -21.76 -48.82 -21.69
N ILE C 73 -21.49 -47.66 -21.12
CA ILE C 73 -21.94 -47.37 -19.75
C ILE C 73 -23.45 -47.20 -19.76
N PRO C 74 -24.19 -47.94 -18.91
CA PRO C 74 -25.64 -47.71 -18.84
C PRO C 74 -26.01 -46.30 -18.39
N TYR C 75 -25.19 -45.69 -17.55
CA TYR C 75 -25.45 -44.34 -17.05
C TYR C 75 -24.77 -43.35 -17.98
N LYS C 76 -25.57 -42.66 -18.79
CA LYS C 76 -25.00 -41.74 -19.79
C LYS C 76 -24.37 -40.51 -19.12
N GLY C 77 -24.98 -40.01 -18.05
CA GLY C 77 -24.49 -38.81 -17.41
C GLY C 77 -23.36 -39.05 -16.43
N TRP C 78 -22.44 -39.95 -16.78
CA TRP C 78 -21.33 -40.25 -15.88
C TRP C 78 -20.38 -39.08 -15.75
N LYS C 79 -20.11 -38.37 -16.86
CA LYS C 79 -19.16 -37.26 -16.82
C LYS C 79 -19.65 -36.13 -15.93
N LEU C 80 -20.93 -35.76 -16.05
CA LEU C 80 -21.49 -34.71 -15.20
C LEU C 80 -21.45 -35.11 -13.74
N TYR C 81 -21.81 -36.36 -13.45
CA TYR C 81 -21.68 -36.95 -12.12
C TYR C 81 -20.24 -37.41 -11.89
N PHE C 82 -20.04 -38.30 -10.94
CA PHE C 82 -18.72 -38.70 -10.43
C PHE C 82 -17.63 -38.68 -11.50
N SER C 83 -16.52 -37.99 -11.21
CA SER C 83 -15.44 -37.80 -12.16
C SER C 83 -14.35 -38.83 -11.87
N GLU C 84 -14.48 -39.99 -12.51
CA GLU C 84 -13.51 -41.06 -12.33
C GLU C 84 -13.64 -42.02 -13.52
N VAL C 85 -12.53 -42.68 -13.86
CA VAL C 85 -12.55 -43.65 -14.94
C VAL C 85 -13.47 -44.79 -14.58
N TYR C 86 -14.34 -45.17 -15.51
CA TYR C 86 -15.36 -46.18 -15.25
C TYR C 86 -14.72 -47.56 -15.08
N SER C 87 -14.83 -48.11 -13.88
CA SER C 87 -14.34 -49.46 -13.59
C SER C 87 -15.37 -50.16 -12.72
N ASP C 88 -15.68 -51.42 -13.04
CA ASP C 88 -16.68 -52.19 -12.33
C ASP C 88 -16.06 -52.86 -11.10
N SER C 89 -15.51 -52.04 -10.21
CA SER C 89 -14.92 -52.53 -8.98
C SER C 89 -15.27 -51.72 -7.74
N SER C 90 -15.82 -50.52 -7.88
CA SER C 90 -16.13 -49.69 -6.72
C SER C 90 -17.30 -50.27 -5.93
N PRO C 91 -17.31 -50.09 -4.60
CA PRO C 91 -18.45 -50.54 -3.81
C PRO C 91 -19.68 -49.66 -3.93
N LEU C 92 -19.57 -48.51 -4.61
CA LEU C 92 -20.71 -47.63 -4.79
C LEU C 92 -21.77 -48.25 -5.70
N ILE C 93 -21.41 -49.26 -6.47
CA ILE C 93 -22.35 -49.84 -7.44
C ILE C 93 -23.55 -50.44 -6.72
N GLU C 94 -23.31 -51.17 -5.63
CA GLU C 94 -24.41 -51.82 -4.92
C GLU C 94 -25.40 -50.79 -4.39
N LYS C 95 -24.90 -49.70 -3.81
CA LYS C 95 -25.78 -48.60 -3.42
C LYS C 95 -26.50 -48.02 -4.62
N ILE C 96 -25.84 -48.02 -5.78
CA ILE C 96 -26.49 -47.52 -6.99
C ILE C 96 -27.72 -48.36 -7.34
N GLN C 97 -27.56 -49.69 -7.36
CA GLN C 97 -28.75 -50.50 -7.63
C GLN C 97 -29.80 -50.37 -6.53
N ALA C 98 -29.37 -50.28 -5.27
CA ALA C 98 -30.35 -50.12 -4.19
C ALA C 98 -31.20 -48.87 -4.40
N PHE C 99 -30.54 -47.73 -4.62
CA PHE C 99 -31.26 -46.48 -4.82
C PHE C 99 -32.11 -46.52 -6.08
N GLU C 100 -31.59 -47.11 -7.16
CA GLU C 100 -32.36 -47.13 -8.41
C GLU C 100 -33.59 -48.01 -8.28
N LYS C 101 -33.49 -49.13 -7.55
CA LYS C 101 -34.66 -49.97 -7.32
C LYS C 101 -35.68 -49.24 -6.45
N PHE C 102 -35.22 -48.57 -5.40
CA PHE C 102 -36.13 -47.84 -4.53
C PHE C 102 -36.87 -46.75 -5.32
N PHE C 103 -36.17 -46.05 -6.19
CA PHE C 103 -36.80 -45.01 -6.99
C PHE C 103 -37.71 -45.62 -8.06
N THR C 104 -37.33 -46.77 -8.61
CA THR C 104 -38.14 -47.41 -9.64
C THR C 104 -39.49 -47.85 -9.08
N ARG C 105 -39.51 -48.43 -7.88
CA ARG C 105 -40.79 -48.81 -7.29
C ARG C 105 -41.64 -47.58 -7.00
N HIS C 106 -41.05 -46.56 -6.37
CA HIS C 106 -41.76 -45.33 -6.03
C HIS C 106 -41.40 -44.27 -7.06
N ILE C 107 -42.01 -44.36 -8.23
CA ILE C 107 -41.68 -43.46 -9.32
C ILE C 107 -42.93 -42.74 -9.83
N ASP C 108 -44.10 -43.35 -9.65
CA ASP C 108 -45.33 -42.79 -10.22
C ASP C 108 -46.05 -41.87 -9.24
N LEU C 109 -45.30 -40.92 -8.64
CA LEU C 109 -45.92 -39.91 -7.79
C LEU C 109 -45.25 -38.55 -7.94
N TYR C 110 -44.50 -38.32 -9.01
CA TYR C 110 -43.75 -37.10 -9.19
C TYR C 110 -44.13 -36.42 -10.50
N ASP C 111 -44.31 -35.11 -10.44
CA ASP C 111 -44.64 -34.32 -11.64
C ASP C 111 -43.39 -34.16 -12.49
N LYS C 112 -43.41 -34.70 -13.70
CA LYS C 112 -42.19 -34.79 -14.51
C LYS C 112 -41.66 -33.41 -14.86
N ASP C 113 -42.54 -32.43 -15.11
CA ASP C 113 -42.09 -31.12 -15.56
C ASP C 113 -41.28 -30.40 -14.49
N GLU C 114 -41.68 -30.51 -13.23
CA GLU C 114 -40.98 -29.80 -12.17
C GLU C 114 -39.53 -30.27 -12.05
N ILE C 115 -39.33 -31.58 -11.99
CA ILE C 115 -37.97 -32.12 -11.94
C ILE C 115 -37.24 -31.83 -13.24
N GLU C 116 -37.94 -31.84 -14.38
CA GLU C 116 -37.30 -31.58 -15.65
C GLU C 116 -36.71 -30.17 -15.70
N ARG C 117 -37.44 -29.18 -15.20
CA ARG C 117 -36.94 -27.81 -15.20
C ARG C 117 -35.97 -27.56 -14.05
N LYS C 118 -36.42 -27.69 -12.81
CA LYS C 118 -35.59 -27.41 -11.64
C LYS C 118 -35.28 -28.74 -10.95
N GLY C 119 -34.00 -29.10 -10.94
CA GLY C 119 -33.59 -30.36 -10.35
C GLY C 119 -33.75 -30.40 -8.85
N SER C 120 -34.75 -31.14 -8.37
CA SER C 120 -35.00 -31.24 -6.93
C SER C 120 -35.88 -32.45 -6.67
N ILE C 121 -35.37 -33.42 -5.93
CA ILE C 121 -36.15 -34.58 -5.50
C ILE C 121 -36.26 -34.48 -3.98
N LEU C 122 -37.45 -34.11 -3.50
CA LEU C 122 -37.68 -33.91 -2.07
C LEU C 122 -37.94 -35.25 -1.40
N VAL C 123 -36.87 -36.04 -1.26
CA VAL C 123 -36.97 -37.35 -0.64
C VAL C 123 -37.11 -37.18 0.86
N ASP C 124 -38.06 -37.89 1.44
CA ASP C 124 -38.29 -37.86 2.89
C ASP C 124 -37.49 -38.96 3.56
N PHE C 125 -36.76 -38.60 4.62
CA PHE C 125 -35.91 -39.56 5.31
C PHE C 125 -36.71 -40.61 6.07
N LYS C 126 -37.95 -40.31 6.44
CA LYS C 126 -38.78 -41.30 7.13
C LYS C 126 -39.03 -42.51 6.24
N GLU C 127 -39.24 -42.29 4.95
CA GLU C 127 -39.44 -43.41 4.03
C GLU C 127 -38.22 -44.31 3.98
N LEU C 128 -37.02 -43.71 3.97
CA LEU C 128 -35.80 -44.51 4.03
C LEU C 128 -35.67 -45.24 5.35
N THR C 129 -36.11 -44.61 6.45
CA THR C 129 -36.05 -45.23 7.76
C THR C 129 -37.08 -46.35 7.93
N GLU C 130 -38.12 -46.37 7.10
CA GLU C 130 -39.21 -47.32 7.24
C GLU C 130 -38.81 -48.77 7.01
N GLY C 131 -37.54 -49.05 6.75
CA GLY C 131 -37.09 -50.42 6.60
C GLY C 131 -37.37 -51.04 5.25
N GLY C 132 -37.42 -50.25 4.19
CA GLY C 132 -37.61 -50.76 2.84
C GLY C 132 -36.38 -51.45 2.31
N GLU C 133 -36.27 -51.52 0.99
CA GLU C 133 -35.11 -52.14 0.36
C GLU C 133 -33.84 -51.36 0.63
N VAL C 134 -33.97 -50.06 0.98
CA VAL C 134 -32.80 -49.23 1.23
C VAL C 134 -31.98 -49.81 2.38
N THR C 135 -32.65 -50.21 3.46
CA THR C 135 -31.97 -50.86 4.57
C THR C 135 -31.88 -52.37 4.38
N ASN C 136 -32.79 -52.96 3.61
CA ASN C 136 -32.76 -54.41 3.39
C ASN C 136 -31.50 -54.83 2.64
N LEU C 137 -31.11 -54.08 1.61
CA LEU C 137 -29.93 -54.43 0.84
C LEU C 137 -28.66 -54.05 1.60
N ILE C 138 -28.59 -52.81 2.09
CA ILE C 138 -27.45 -52.36 2.88
C ILE C 138 -27.98 -51.72 4.16
N PRO C 139 -27.53 -52.15 5.34
CA PRO C 139 -28.09 -51.59 6.59
C PRO C 139 -27.39 -50.33 7.03
N ASP C 140 -26.19 -50.08 6.51
CA ASP C 140 -25.40 -48.91 6.88
C ASP C 140 -25.82 -47.75 6.00
N ILE C 141 -26.89 -47.05 6.41
CA ILE C 141 -27.39 -45.88 5.70
C ILE C 141 -27.15 -44.61 6.50
N ALA C 142 -27.53 -44.61 7.78
CA ALA C 142 -27.34 -43.42 8.61
C ALA C 142 -25.86 -43.14 8.83
N THR C 143 -25.09 -44.17 9.19
CA THR C 143 -23.67 -44.00 9.41
C THR C 143 -22.95 -43.58 8.13
N GLU C 144 -23.30 -44.20 7.00
CA GLU C 144 -22.69 -43.84 5.73
C GLU C 144 -23.04 -42.40 5.35
N LEU C 145 -24.29 -41.99 5.58
CA LEU C 145 -24.69 -40.62 5.27
C LEU C 145 -23.94 -39.62 6.14
N ARG C 146 -23.81 -39.91 7.43
CA ARG C 146 -23.17 -38.96 8.33
C ARG C 146 -21.67 -38.87 8.08
N ASP C 147 -21.00 -40.00 7.91
CA ASP C 147 -19.55 -39.99 7.72
C ASP C 147 -19.16 -39.56 6.32
N ALA C 148 -19.90 -39.98 5.31
CA ALA C 148 -19.57 -39.65 3.92
C ALA C 148 -20.56 -38.62 3.38
N PRO C 149 -20.15 -37.38 3.18
CA PRO C 149 -21.09 -36.35 2.75
C PRO C 149 -21.51 -36.45 1.29
N GLU C 150 -20.57 -36.73 0.40
CA GLU C 150 -20.80 -36.64 -1.05
C GLU C 150 -21.05 -37.99 -1.70
N LYS C 151 -20.33 -39.02 -1.30
CA LYS C 151 -20.44 -40.32 -1.96
C LYS C 151 -21.86 -40.88 -1.84
N THR C 152 -22.45 -40.77 -0.65
CA THR C 152 -23.82 -41.23 -0.46
C THR C 152 -24.83 -40.28 -1.10
N LEU C 153 -24.54 -38.97 -1.07
CA LEU C 153 -25.52 -37.99 -1.51
C LEU C 153 -25.69 -38.02 -3.04
N ALA C 154 -24.59 -38.08 -3.78
CA ALA C 154 -24.68 -37.98 -5.24
C ALA C 154 -25.17 -39.26 -5.90
N CYS C 155 -25.11 -40.40 -5.20
CA CYS C 155 -25.63 -41.64 -5.77
C CYS C 155 -27.12 -41.55 -6.00
N MET C 156 -27.85 -40.89 -5.09
CA MET C 156 -29.29 -40.71 -5.29
C MET C 156 -29.58 -39.90 -6.53
N GLY C 157 -28.81 -38.82 -6.75
CA GLY C 157 -28.98 -38.05 -7.96
C GLY C 157 -28.67 -38.85 -9.22
N LEU C 158 -27.63 -39.67 -9.16
CA LEU C 158 -27.32 -40.54 -10.30
C LEU C 158 -28.47 -41.49 -10.59
N ALA C 159 -29.05 -42.08 -9.55
CA ALA C 159 -30.18 -42.98 -9.75
C ALA C 159 -31.37 -42.26 -10.34
N ILE C 160 -31.67 -41.05 -9.85
CA ILE C 160 -32.78 -40.28 -10.40
C ILE C 160 -32.55 -39.97 -11.87
N HIS C 161 -31.34 -39.55 -12.22
CA HIS C 161 -31.02 -39.24 -13.62
C HIS C 161 -31.19 -40.47 -14.49
N GLN C 162 -30.69 -41.62 -14.03
CA GLN C 162 -30.78 -42.84 -14.82
C GLN C 162 -32.24 -43.26 -15.03
N VAL C 163 -33.05 -43.21 -13.96
CA VAL C 163 -34.43 -43.68 -14.09
C VAL C 163 -35.23 -42.73 -14.97
N LEU C 164 -35.00 -41.42 -14.85
CA LEU C 164 -35.70 -40.47 -15.70
C LEU C 164 -35.31 -40.67 -17.17
N THR C 165 -34.02 -40.88 -17.43
CA THR C 165 -33.58 -41.12 -18.82
C THR C 165 -34.21 -42.39 -19.37
N LYS C 166 -34.26 -43.45 -18.56
CA LYS C 166 -34.86 -44.70 -19.03
C LYS C 166 -36.34 -44.53 -19.31
N ASP C 167 -37.06 -43.84 -18.44
CA ASP C 167 -38.49 -43.62 -18.66
C ASP C 167 -38.73 -42.80 -19.92
N LEU C 168 -37.95 -41.73 -20.13
CA LEU C 168 -38.12 -40.91 -21.32
C LEU C 168 -37.79 -41.71 -22.58
N GLU C 169 -36.74 -42.52 -22.54
CA GLU C 169 -36.39 -43.35 -23.69
C GLU C 169 -37.49 -44.34 -24.01
N ARG C 170 -38.06 -44.98 -22.99
CA ARG C 170 -39.15 -45.92 -23.22
C ARG C 170 -40.36 -45.23 -23.81
N HIS C 171 -40.70 -44.05 -23.28
CA HIS C 171 -41.85 -43.31 -23.81
C HIS C 171 -41.63 -42.91 -25.26
N ALA C 172 -40.43 -42.44 -25.59
CA ALA C 172 -40.13 -42.08 -26.98
C ALA C 172 -40.18 -43.29 -27.90
N ALA C 173 -39.63 -44.42 -27.44
CA ALA C 173 -39.61 -45.62 -28.26
C ALA C 173 -41.02 -46.15 -28.52
N GLU C 174 -41.90 -46.08 -27.51
CA GLU C 174 -43.27 -46.56 -27.68
C GLU C 174 -43.99 -45.75 -28.74
N LEU C 175 -43.82 -44.44 -28.75
CA LEU C 175 -44.47 -43.57 -29.73
C LEU C 175 -43.44 -42.91 -30.64
N MET C 188 -32.28 -36.55 -28.95
CA MET C 188 -32.94 -37.63 -28.22
C MET C 188 -33.28 -37.19 -26.79
N VAL C 189 -32.46 -37.62 -25.84
CA VAL C 189 -32.63 -37.28 -24.44
C VAL C 189 -31.37 -36.58 -23.95
N ASN C 190 -31.53 -35.40 -23.36
CA ASN C 190 -30.41 -34.60 -22.85
C ASN C 190 -30.79 -33.99 -21.51
N VAL C 191 -31.33 -34.82 -20.61
CA VAL C 191 -31.82 -34.31 -19.32
C VAL C 191 -30.67 -33.67 -18.56
N PRO C 192 -30.86 -32.51 -17.94
CA PRO C 192 -29.74 -31.80 -17.30
C PRO C 192 -29.42 -32.29 -15.90
N HIS C 193 -28.52 -31.59 -15.22
CA HIS C 193 -28.14 -31.94 -13.86
C HIS C 193 -29.33 -31.82 -12.91
N ILE C 194 -29.48 -32.82 -12.05
CA ILE C 194 -30.53 -32.84 -11.03
C ILE C 194 -29.87 -33.03 -9.68
N HIS C 195 -30.15 -32.12 -8.75
CA HIS C 195 -29.62 -32.23 -7.40
C HIS C 195 -30.48 -33.16 -6.56
N ALA C 196 -29.91 -33.64 -5.46
CA ALA C 196 -30.63 -34.44 -4.50
C ALA C 196 -31.00 -33.58 -3.29
N ARG C 197 -32.12 -33.94 -2.65
CA ARG C 197 -32.63 -33.17 -1.51
C ARG C 197 -33.13 -34.16 -0.46
N VAL C 198 -32.37 -34.33 0.61
CA VAL C 198 -32.74 -35.20 1.71
C VAL C 198 -33.05 -34.31 2.90
N TYR C 199 -34.31 -34.27 3.30
CA TYR C 199 -34.76 -33.42 4.40
C TYR C 199 -35.40 -34.29 5.48
N ASN C 200 -35.95 -33.63 6.50
CA ASN C 200 -36.58 -34.28 7.64
C ASN C 200 -35.58 -35.20 8.35
N TYR C 201 -34.53 -34.58 8.89
CA TYR C 201 -33.46 -35.29 9.58
C TYR C 201 -33.70 -35.14 11.08
N GLU C 202 -33.79 -36.28 11.78
CA GLU C 202 -34.35 -36.28 13.13
C GLU C 202 -33.42 -35.70 14.20
N PRO C 203 -32.18 -36.22 14.39
CA PRO C 203 -31.38 -35.73 15.52
C PRO C 203 -30.95 -34.27 15.34
N LEU C 204 -31.52 -33.39 16.16
CA LEU C 204 -31.31 -31.95 16.02
C LEU C 204 -30.06 -31.55 16.81
N THR C 205 -28.94 -31.43 16.10
CA THR C 205 -27.68 -31.00 16.70
C THR C 205 -27.63 -29.48 16.68
N GLN C 206 -28.28 -28.89 17.68
CA GLN C 206 -28.39 -27.44 17.76
C GLN C 206 -27.02 -26.81 18.02
N LEU C 207 -26.98 -25.49 18.05
CA LEU C 207 -25.72 -24.75 18.09
C LEU C 207 -25.10 -24.85 19.49
N LYS C 208 -24.02 -24.09 19.70
CA LYS C 208 -23.21 -24.11 20.91
C LYS C 208 -22.54 -25.46 21.14
N ASN C 209 -22.53 -26.33 20.12
CA ASN C 209 -21.86 -27.61 20.23
C ASN C 209 -21.10 -27.99 18.97
N VAL C 210 -20.95 -27.06 18.01
CA VAL C 210 -20.22 -27.32 16.78
C VAL C 210 -18.93 -26.51 16.79
N ARG C 211 -17.86 -27.11 17.31
CA ARG C 211 -16.59 -26.41 17.43
C ARG C 211 -15.49 -27.03 16.58
N ALA C 212 -15.13 -28.28 16.84
CA ALA C 212 -14.01 -28.90 16.13
C ALA C 212 -14.41 -30.21 15.45
N ASN C 213 -15.08 -31.09 16.18
CA ASN C 213 -15.34 -32.44 15.69
C ASN C 213 -16.25 -32.43 14.47
N TYR C 214 -17.30 -31.62 14.51
CA TYR C 214 -18.28 -31.60 13.42
C TYR C 214 -17.72 -30.89 12.20
N TYR C 215 -16.72 -31.49 11.58
CA TYR C 215 -16.12 -30.98 10.35
C TYR C 215 -16.36 -32.01 9.25
N GLY C 216 -17.12 -31.61 8.22
CA GLY C 216 -17.48 -32.53 7.16
C GLY C 216 -18.43 -33.63 7.61
N LYS C 217 -19.42 -33.30 8.43
CA LYS C 217 -20.42 -34.25 8.89
C LYS C 217 -21.81 -33.66 8.72
N TYR C 218 -22.71 -34.42 8.12
CA TYR C 218 -24.07 -33.96 7.87
C TYR C 218 -24.81 -33.78 9.19
N ILE C 219 -25.31 -32.57 9.43
CA ILE C 219 -26.00 -32.23 10.67
C ILE C 219 -27.26 -31.43 10.33
N ALA C 220 -27.97 -30.99 11.36
CA ALA C 220 -29.19 -30.20 11.20
C ALA C 220 -29.21 -29.10 12.26
N LEU C 221 -29.88 -27.99 11.94
CA LEU C 221 -29.96 -26.84 12.81
C LEU C 221 -31.41 -26.36 12.93
N ARG C 222 -31.58 -25.20 13.57
CA ARG C 222 -32.87 -24.52 13.64
C ARG C 222 -32.64 -23.11 14.14
N GLY C 223 -33.14 -22.12 13.40
CA GLY C 223 -32.92 -20.74 13.78
C GLY C 223 -33.70 -19.79 12.89
N THR C 224 -33.32 -18.52 12.98
CA THR C 224 -33.95 -17.44 12.22
C THR C 224 -32.94 -16.83 11.26
N VAL C 225 -33.42 -15.92 10.41
CA VAL C 225 -32.62 -15.28 9.37
C VAL C 225 -32.75 -13.77 9.54
N VAL C 226 -31.61 -13.06 9.46
CA VAL C 226 -31.61 -11.63 9.74
C VAL C 226 -30.84 -10.81 8.72
N ARG C 227 -30.00 -11.45 7.90
CA ARG C 227 -29.02 -10.71 7.11
C ARG C 227 -29.00 -11.22 5.67
N VAL C 228 -30.18 -11.26 5.03
CA VAL C 228 -30.25 -11.63 3.63
C VAL C 228 -29.42 -10.64 2.80
N SER C 229 -28.67 -11.17 1.84
CA SER C 229 -27.74 -10.39 1.03
C SER C 229 -28.16 -10.41 -0.43
N ASN C 230 -27.30 -9.86 -1.29
CA ASN C 230 -27.58 -9.72 -2.72
C ASN C 230 -27.00 -10.88 -3.50
N ILE C 231 -27.47 -11.03 -4.74
CA ILE C 231 -27.11 -12.16 -5.58
C ILE C 231 -25.93 -11.80 -6.46
N LYS C 232 -24.97 -12.72 -6.58
CA LYS C 232 -23.84 -12.54 -7.49
C LYS C 232 -23.39 -13.90 -8.03
N PRO C 233 -23.27 -14.04 -9.34
CA PRO C 233 -22.95 -15.36 -9.92
C PRO C 233 -21.51 -15.76 -9.64
N LEU C 234 -21.24 -17.03 -9.93
CA LEU C 234 -19.89 -17.60 -9.85
C LEU C 234 -19.81 -18.76 -10.84
N CYS C 235 -18.58 -19.13 -11.20
CA CYS C 235 -18.34 -20.17 -12.19
C CYS C 235 -17.70 -21.38 -11.51
N THR C 236 -18.09 -22.57 -11.96
CA THR C 236 -17.57 -23.82 -11.44
C THR C 236 -16.91 -24.72 -12.46
N LYS C 237 -17.17 -24.53 -13.76
CA LYS C 237 -16.63 -25.41 -14.78
C LYS C 237 -16.14 -24.60 -15.98
N MET C 238 -15.44 -23.50 -15.72
CA MET C 238 -14.94 -22.67 -16.81
C MET C 238 -13.83 -23.41 -17.57
N ALA C 239 -13.78 -23.20 -18.87
CA ALA C 239 -12.92 -23.98 -19.74
C ALA C 239 -11.53 -23.35 -19.89
N PHE C 240 -10.63 -24.09 -20.50
CA PHE C 240 -9.27 -23.66 -20.77
C PHE C 240 -8.92 -23.91 -22.24
N LEU C 241 -7.88 -23.21 -22.70
CA LEU C 241 -7.40 -23.35 -24.06
C LEU C 241 -6.51 -24.59 -24.17
N CYS C 242 -6.22 -24.99 -25.40
CA CYS C 242 -5.42 -26.18 -25.68
C CYS C 242 -4.19 -25.78 -26.49
N ALA C 243 -3.12 -26.55 -26.34
CA ALA C 243 -1.88 -26.33 -27.06
C ALA C 243 -1.80 -27.21 -28.31
N ALA C 244 -0.97 -26.77 -29.26
CA ALA C 244 -0.74 -27.49 -30.51
C ALA C 244 -2.06 -27.73 -31.26
N CYS C 245 -2.58 -28.95 -31.17
CA CYS C 245 -3.82 -29.30 -31.85
C CYS C 245 -5.00 -28.79 -31.02
N GLY C 246 -6.20 -29.25 -31.36
CA GLY C 246 -7.40 -28.79 -30.68
C GLY C 246 -7.69 -29.57 -29.41
N GLU C 247 -8.92 -30.09 -29.29
CA GLU C 247 -9.35 -30.85 -28.13
C GLU C 247 -9.27 -30.01 -26.86
N ILE C 248 -10.08 -28.95 -26.82
CA ILE C 248 -10.20 -28.10 -25.64
C ILE C 248 -10.92 -28.88 -24.54
N GLN C 249 -10.84 -28.40 -23.30
CA GLN C 249 -11.34 -29.15 -22.16
C GLN C 249 -12.08 -28.23 -21.21
N SER C 250 -12.85 -28.83 -20.32
CA SER C 250 -13.73 -28.13 -19.39
C SER C 250 -13.45 -28.58 -17.95
N PHE C 251 -12.17 -28.53 -17.57
CA PHE C 251 -11.64 -28.95 -16.28
C PHE C 251 -12.54 -28.54 -15.13
N PRO C 252 -12.95 -29.50 -14.28
CA PRO C 252 -13.88 -29.16 -13.19
C PRO C 252 -13.21 -28.40 -12.06
N LEU C 253 -13.11 -27.10 -12.21
CA LEU C 253 -12.46 -26.26 -11.20
C LEU C 253 -13.22 -26.37 -9.89
N PRO C 254 -12.55 -26.59 -8.76
CA PRO C 254 -13.25 -26.86 -7.50
C PRO C 254 -13.59 -25.58 -6.72
N ASP C 255 -14.84 -25.55 -6.24
CA ASP C 255 -15.40 -24.52 -5.37
C ASP C 255 -14.89 -23.11 -5.66
N GLY C 256 -14.87 -22.72 -6.94
CA GLY C 256 -14.56 -21.36 -7.32
C GLY C 256 -13.18 -20.89 -6.93
N LYS C 257 -12.18 -21.76 -6.94
CA LYS C 257 -10.80 -21.39 -6.67
C LYS C 257 -9.98 -21.65 -7.93
N TYR C 258 -9.35 -20.60 -8.46
CA TYR C 258 -8.64 -20.72 -9.72
C TYR C 258 -7.43 -21.65 -9.57
N SER C 259 -7.27 -22.55 -10.54
CA SER C 259 -6.17 -23.51 -10.55
C SER C 259 -5.68 -23.64 -11.99
N LEU C 260 -4.77 -24.59 -12.21
CA LEU C 260 -4.23 -24.82 -13.53
C LEU C 260 -4.19 -26.32 -13.83
N PRO C 261 -4.56 -26.72 -15.04
CA PRO C 261 -4.42 -28.13 -15.46
C PRO C 261 -3.01 -28.45 -15.94
N THR C 262 -2.13 -28.75 -14.99
CA THR C 262 -0.74 -29.05 -15.31
C THR C 262 -0.64 -30.26 -16.24
N LYS C 263 -1.62 -31.16 -16.18
CA LYS C 263 -1.71 -32.26 -17.11
C LYS C 263 -2.95 -32.11 -17.99
N CYS C 264 -2.79 -32.41 -19.27
CA CYS C 264 -3.93 -32.57 -20.17
C CYS C 264 -3.96 -34.02 -20.61
N PRO C 265 -5.01 -34.77 -20.28
CA PRO C 265 -5.07 -36.18 -20.70
C PRO C 265 -4.95 -36.34 -22.20
N VAL C 266 -5.85 -35.67 -22.94
CA VAL C 266 -5.95 -35.64 -24.40
C VAL C 266 -5.61 -37.01 -25.00
N PRO C 267 -5.28 -37.14 -26.30
CA PRO C 267 -4.67 -38.40 -26.74
C PRO C 267 -3.25 -38.61 -26.22
N VAL C 268 -2.35 -37.66 -26.46
CA VAL C 268 -0.91 -37.86 -26.27
C VAL C 268 -0.25 -36.55 -25.85
N CYS C 269 1.07 -36.61 -25.71
CA CYS C 269 2.03 -35.50 -25.66
C CYS C 269 1.84 -34.53 -24.50
N ARG C 270 2.56 -33.41 -24.57
CA ARG C 270 2.79 -32.53 -23.43
C ARG C 270 1.52 -31.78 -23.04
N GLY C 271 1.52 -31.29 -21.80
CA GLY C 271 0.39 -30.56 -21.27
C GLY C 271 0.50 -29.05 -21.38
N ARG C 272 0.70 -28.38 -20.25
CA ARG C 272 0.79 -26.93 -20.17
C ARG C 272 -0.55 -26.38 -20.65
N SER C 273 -0.58 -25.70 -21.80
CA SER C 273 -1.81 -25.13 -22.35
C SER C 273 -2.53 -24.24 -21.33
N PHE C 274 -1.75 -23.44 -20.60
CA PHE C 274 -2.31 -22.58 -19.55
C PHE C 274 -2.79 -21.28 -20.19
N THR C 275 -4.05 -21.26 -20.62
CA THR C 275 -4.67 -20.07 -21.17
C THR C 275 -6.17 -20.14 -20.92
N ALA C 276 -6.80 -18.98 -20.80
CA ALA C 276 -8.22 -18.89 -20.50
C ALA C 276 -9.02 -18.62 -21.75
N LEU C 277 -10.22 -19.16 -21.80
CA LEU C 277 -11.13 -19.07 -22.95
C LEU C 277 -12.54 -18.74 -22.48
N ARG C 278 -12.67 -17.69 -21.65
CA ARG C 278 -13.92 -17.43 -20.95
C ARG C 278 -14.97 -16.84 -21.89
N SER C 279 -15.19 -17.48 -23.03
CA SER C 279 -16.29 -17.14 -23.92
C SER C 279 -17.03 -18.35 -24.48
N SER C 280 -16.41 -19.54 -24.49
CA SER C 280 -17.05 -20.71 -25.06
C SER C 280 -18.23 -21.16 -24.20
N PRO C 281 -19.25 -21.79 -24.79
CA PRO C 281 -20.38 -22.28 -24.01
C PRO C 281 -20.03 -23.42 -23.05
N LEU C 282 -18.77 -23.83 -22.98
CA LEU C 282 -18.38 -24.85 -22.00
C LEU C 282 -18.46 -24.31 -20.58
N THR C 283 -18.17 -23.03 -20.39
CA THR C 283 -18.23 -22.42 -19.07
C THR C 283 -19.66 -22.39 -18.56
N VAL C 284 -19.85 -22.79 -17.30
CA VAL C 284 -21.17 -22.82 -16.67
C VAL C 284 -21.13 -22.00 -15.40
N THR C 285 -22.21 -21.27 -15.13
CA THR C 285 -22.32 -20.44 -13.94
C THR C 285 -23.64 -20.71 -13.25
N MET C 286 -23.72 -20.28 -11.99
CA MET C 286 -24.93 -20.45 -11.19
C MET C 286 -24.99 -19.35 -10.14
N ASP C 287 -26.11 -19.29 -9.43
CA ASP C 287 -26.37 -18.22 -8.50
C ASP C 287 -25.60 -18.42 -7.19
N TRP C 288 -25.84 -17.52 -6.24
CA TRP C 288 -25.15 -17.52 -4.95
C TRP C 288 -25.87 -16.56 -4.02
N GLN C 289 -25.59 -16.69 -2.73
CA GLN C 289 -26.18 -15.82 -1.72
C GLN C 289 -25.39 -16.00 -0.43
N SER C 290 -25.91 -15.43 0.67
CA SER C 290 -25.31 -15.61 1.99
C SER C 290 -26.33 -15.22 3.04
N ILE C 291 -26.50 -16.06 4.06
CA ILE C 291 -27.50 -15.85 5.10
C ILE C 291 -26.82 -15.98 6.46
N LYS C 292 -27.24 -15.16 7.42
CA LYS C 292 -26.76 -15.20 8.78
C LYS C 292 -27.89 -15.66 9.70
N ILE C 293 -27.59 -16.61 10.59
CA ILE C 293 -28.58 -17.22 11.47
C ILE C 293 -28.23 -16.89 12.91
N GLN C 294 -29.23 -16.41 13.66
CA GLN C 294 -29.12 -16.22 15.10
C GLN C 294 -30.02 -17.24 15.77
N GLU C 295 -29.43 -18.11 16.59
CA GLU C 295 -30.17 -19.22 17.17
C GLU C 295 -31.12 -18.72 18.26
N LEU C 296 -32.21 -19.46 18.44
CA LEU C 296 -33.33 -19.02 19.27
C LEU C 296 -32.93 -18.96 20.74
N MET C 297 -33.87 -18.55 21.59
CA MET C 297 -33.61 -18.48 23.02
C MET C 297 -33.43 -19.87 23.63
N SER C 298 -34.17 -20.86 23.12
CA SER C 298 -34.10 -22.24 23.60
C SER C 298 -34.20 -22.34 25.12
N ASP C 299 -33.06 -22.53 25.78
CA ASP C 299 -33.02 -22.70 27.23
C ASP C 299 -31.72 -22.10 27.73
N ASP C 300 -31.34 -22.47 28.97
CA ASP C 300 -30.13 -21.97 29.61
C ASP C 300 -30.17 -20.45 29.74
N GLN C 301 -31.13 -19.97 30.54
CA GLN C 301 -31.35 -18.55 30.74
C GLN C 301 -30.28 -17.96 31.66
N ARG C 302 -29.05 -17.94 31.16
CA ARG C 302 -27.94 -17.36 31.91
C ARG C 302 -28.09 -15.86 32.02
N GLU C 303 -27.63 -15.31 33.16
CA GLU C 303 -27.75 -13.88 33.38
C GLU C 303 -26.76 -13.08 32.53
N ALA C 304 -25.66 -13.72 32.12
CA ALA C 304 -24.67 -13.04 31.30
C ALA C 304 -25.26 -12.62 29.96
N GLY C 305 -24.96 -11.39 29.55
CA GLY C 305 -25.51 -10.85 28.33
C GLY C 305 -24.74 -11.22 27.08
N ARG C 306 -24.34 -12.48 26.96
CA ARG C 306 -23.64 -12.96 25.77
C ARG C 306 -24.68 -13.30 24.71
N ILE C 307 -24.63 -12.60 23.58
CA ILE C 307 -25.55 -12.82 22.48
C ILE C 307 -25.33 -14.22 21.91
N PRO C 308 -26.38 -14.90 21.44
CA PRO C 308 -26.19 -16.26 20.93
C PRO C 308 -25.28 -16.29 19.71
N ARG C 309 -24.56 -17.39 19.58
CA ARG C 309 -23.61 -17.53 18.48
C ARG C 309 -24.33 -17.57 17.14
N THR C 310 -23.64 -17.09 16.11
CA THR C 310 -24.18 -17.01 14.76
C THR C 310 -23.28 -17.76 13.79
N ILE C 311 -23.90 -18.48 12.86
CA ILE C 311 -23.18 -19.25 11.86
C ILE C 311 -23.79 -18.94 10.49
N GLU C 312 -22.94 -18.82 9.48
CA GLU C 312 -23.36 -18.41 8.15
C GLU C 312 -23.92 -19.60 7.36
N CYS C 313 -24.54 -19.28 6.23
CA CYS C 313 -25.05 -20.28 5.30
C CYS C 313 -24.79 -19.79 3.88
N GLU C 314 -24.83 -20.73 2.93
CA GLU C 314 -24.50 -20.44 1.54
C GLU C 314 -25.43 -21.23 0.64
N LEU C 315 -26.41 -20.56 0.04
CA LEU C 315 -27.31 -21.18 -0.91
C LEU C 315 -26.64 -21.22 -2.27
N VAL C 316 -26.78 -22.34 -2.99
CA VAL C 316 -25.97 -22.55 -4.19
C VAL C 316 -26.77 -22.38 -5.48
N HIS C 317 -27.86 -23.14 -5.64
CA HIS C 317 -28.54 -23.19 -6.93
C HIS C 317 -29.97 -23.66 -6.74
N ASP C 318 -30.86 -23.10 -7.55
CA ASP C 318 -32.30 -23.41 -7.56
C ASP C 318 -32.96 -22.94 -6.28
N LEU C 319 -32.16 -22.45 -5.35
CA LEU C 319 -32.60 -21.72 -4.17
C LEU C 319 -32.57 -20.23 -4.51
N VAL C 320 -32.57 -19.38 -3.47
CA VAL C 320 -32.42 -17.92 -3.54
C VAL C 320 -33.79 -17.28 -3.58
N ASP C 321 -33.96 -16.18 -2.82
CA ASP C 321 -35.24 -15.53 -2.64
C ASP C 321 -36.26 -16.45 -1.98
N SER C 322 -35.77 -17.41 -1.20
CA SER C 322 -36.62 -18.34 -0.46
C SER C 322 -36.81 -17.91 0.99
N CYS C 323 -36.21 -16.80 1.41
CA CYS C 323 -36.31 -16.34 2.79
C CYS C 323 -36.36 -14.83 2.82
N VAL C 324 -36.98 -14.30 3.87
CA VAL C 324 -37.08 -12.86 4.10
C VAL C 324 -36.62 -12.58 5.53
N PRO C 325 -36.15 -11.37 5.84
CA PRO C 325 -35.64 -11.12 7.21
C PRO C 325 -36.67 -11.41 8.29
N GLY C 326 -36.41 -12.47 9.05
CA GLY C 326 -37.23 -12.86 10.18
C GLY C 326 -38.18 -13.99 9.84
N ASP C 327 -37.75 -15.22 10.11
CA ASP C 327 -38.50 -16.42 9.76
C ASP C 327 -38.33 -17.43 10.89
N THR C 328 -38.72 -18.68 10.61
CA THR C 328 -38.43 -19.83 11.48
C THR C 328 -38.15 -21.01 10.54
N VAL C 329 -36.88 -21.21 10.22
CA VAL C 329 -36.50 -22.16 9.18
C VAL C 329 -35.62 -23.25 9.78
N THR C 330 -35.64 -24.41 9.14
CA THR C 330 -34.80 -25.55 9.49
C THR C 330 -33.85 -25.82 8.32
N ILE C 331 -32.55 -25.84 8.61
CA ILE C 331 -31.52 -25.96 7.59
C ILE C 331 -30.70 -27.21 7.86
N THR C 332 -30.53 -28.04 6.84
CA THR C 332 -29.67 -29.22 6.90
C THR C 332 -28.61 -29.09 5.82
N GLY C 333 -27.35 -29.32 6.19
CA GLY C 333 -26.29 -29.20 5.21
C GLY C 333 -24.95 -29.61 5.80
N ILE C 334 -23.98 -29.73 4.91
CA ILE C 334 -22.62 -30.11 5.28
C ILE C 334 -21.94 -28.95 5.98
N VAL C 335 -21.01 -29.28 6.89
CA VAL C 335 -20.22 -28.28 7.61
C VAL C 335 -18.83 -28.28 7.01
N LYS C 336 -18.44 -27.16 6.41
CA LYS C 336 -17.11 -27.00 5.83
C LYS C 336 -16.39 -25.86 6.55
N VAL C 337 -15.13 -25.66 6.18
CA VAL C 337 -14.27 -24.66 6.80
C VAL C 337 -13.84 -23.65 5.75
N SER C 338 -14.07 -22.38 6.04
CA SER C 338 -13.73 -21.31 5.11
C SER C 338 -12.23 -21.04 5.16
N ASN C 339 -11.79 -19.97 4.51
CA ASN C 339 -10.39 -19.61 4.48
C ASN C 339 -10.28 -18.11 4.23
N ALA C 340 -9.16 -17.53 4.67
CA ALA C 340 -8.86 -16.12 4.48
C ALA C 340 -10.01 -15.23 4.99
N GLU C 341 -10.23 -15.32 6.30
CA GLU C 341 -11.28 -14.53 6.94
C GLU C 341 -11.04 -13.04 6.78
N LYS C 350 -1.30 -17.96 6.45
CA LYS C 350 -2.41 -17.55 7.29
C LYS C 350 -3.38 -18.70 7.54
N CYS C 351 -3.11 -19.49 8.59
CA CYS C 351 -3.95 -20.62 8.94
C CYS C 351 -4.96 -20.21 10.01
N MET C 352 -5.83 -19.28 9.63
CA MET C 352 -6.84 -18.72 10.52
C MET C 352 -8.18 -18.80 9.80
N PHE C 353 -9.03 -19.74 10.19
CA PHE C 353 -10.29 -19.99 9.50
C PHE C 353 -11.47 -19.90 10.46
N LEU C 354 -12.67 -19.90 9.88
CA LEU C 354 -13.93 -19.97 10.61
C LEU C 354 -14.74 -21.17 10.09
N LEU C 355 -15.98 -21.27 10.55
CA LEU C 355 -16.87 -22.35 10.16
C LEU C 355 -18.15 -21.80 9.55
N TYR C 356 -18.55 -22.37 8.41
CA TYR C 356 -19.82 -22.03 7.78
C TYR C 356 -20.44 -23.32 7.24
N ILE C 357 -21.71 -23.24 6.88
CA ILE C 357 -22.49 -24.41 6.49
C ILE C 357 -22.98 -24.22 5.07
N GLU C 358 -22.70 -25.20 4.21
CA GLU C 358 -23.19 -25.21 2.84
C GLU C 358 -24.55 -25.90 2.83
N ALA C 359 -25.61 -25.15 2.57
CA ALA C 359 -26.96 -25.66 2.70
C ALA C 359 -27.25 -26.75 1.67
N ASN C 360 -28.17 -27.65 2.01
CA ASN C 360 -28.60 -28.72 1.13
C ASN C 360 -30.10 -28.88 1.04
N SER C 361 -30.87 -28.27 1.94
CA SER C 361 -32.32 -28.30 1.90
C SER C 361 -32.85 -27.29 2.91
N ILE C 362 -33.91 -26.58 2.55
CA ILE C 362 -34.52 -25.58 3.41
C ILE C 362 -36.01 -25.87 3.53
N SER C 363 -36.57 -25.49 4.67
CA SER C 363 -38.01 -25.59 4.89
C SER C 363 -38.56 -24.24 5.32
N ASN C 364 -39.80 -24.20 5.77
CA ASN C 364 -40.40 -22.96 6.24
C ASN C 364 -41.53 -23.31 7.20
N SER C 365 -42.24 -22.28 7.65
CA SER C 365 -43.34 -22.46 8.60
C SER C 365 -44.29 -21.26 8.56
N MET D 1 16.65 -34.33 30.51
CA MET D 1 16.49 -34.96 31.81
C MET D 1 16.99 -36.40 31.78
N ASN D 2 17.14 -36.99 32.97
CA ASN D 2 17.59 -38.36 33.07
C ASN D 2 16.48 -39.33 32.64
N SER D 3 16.90 -40.51 32.19
CA SER D 3 15.94 -41.51 31.71
C SER D 3 15.02 -41.99 32.82
N ASP D 4 15.57 -42.21 34.02
CA ASP D 4 14.77 -42.77 35.10
C ASP D 4 13.82 -41.76 35.72
N GLN D 5 14.13 -40.47 35.63
CA GLN D 5 13.31 -39.46 36.30
C GLN D 5 11.91 -39.39 35.70
N VAL D 6 11.81 -39.37 34.37
CA VAL D 6 10.51 -39.30 33.72
C VAL D 6 9.70 -40.55 34.03
N THR D 7 10.37 -41.71 34.03
CA THR D 7 9.67 -42.95 34.37
C THR D 7 9.11 -42.88 35.79
N LEU D 8 9.94 -42.47 36.76
CA LEU D 8 9.50 -42.40 38.15
C LEU D 8 8.34 -41.44 38.31
N VAL D 9 8.40 -40.30 37.62
CA VAL D 9 7.27 -39.38 37.61
C VAL D 9 6.03 -40.09 37.06
N GLY D 10 6.20 -40.91 36.02
CA GLY D 10 5.09 -41.65 35.48
C GLY D 10 4.45 -42.59 36.50
N GLN D 11 5.28 -43.38 37.20
CA GLN D 11 4.70 -44.32 38.16
C GLN D 11 4.02 -43.60 39.31
N VAL D 12 4.63 -42.52 39.83
CA VAL D 12 3.99 -41.83 40.96
C VAL D 12 2.67 -41.21 40.53
N PHE D 13 2.64 -40.61 39.33
CA PHE D 13 1.41 -40.03 38.82
C PHE D 13 0.31 -41.08 38.66
N GLU D 14 0.66 -42.21 38.02
CA GLU D 14 -0.36 -43.23 37.78
C GLU D 14 -0.85 -43.85 39.09
N SER D 15 0.07 -44.05 40.05
CA SER D 15 -0.34 -44.58 41.34
C SER D 15 -1.31 -43.65 42.04
N TYR D 16 -0.99 -42.35 42.07
CA TYR D 16 -1.88 -41.41 42.73
C TYR D 16 -3.25 -41.36 42.05
N VAL D 17 -3.26 -41.28 40.72
CA VAL D 17 -4.55 -41.14 40.04
C VAL D 17 -5.37 -42.41 40.17
N SER D 18 -4.72 -43.58 40.19
CA SER D 18 -5.48 -44.82 40.37
C SER D 18 -5.96 -44.96 41.81
N GLU D 19 -5.25 -44.39 42.77
CA GLU D 19 -5.63 -44.58 44.17
C GLU D 19 -6.75 -43.63 44.57
N TYR D 20 -6.75 -42.39 44.06
CA TYR D 20 -7.76 -41.43 44.50
C TYR D 20 -8.62 -40.86 43.37
N HIS D 21 -8.57 -41.43 42.16
CA HIS D 21 -9.34 -40.84 41.06
C HIS D 21 -10.00 -41.92 40.21
N LYS D 22 -10.62 -42.90 40.85
CA LYS D 22 -11.35 -43.92 40.09
C LYS D 22 -12.71 -43.39 39.62
N ASN D 23 -13.35 -42.53 40.42
CA ASN D 23 -14.73 -42.14 40.15
C ASN D 23 -14.83 -41.25 38.92
N ASP D 24 -13.97 -40.22 38.84
CA ASP D 24 -14.00 -39.32 37.70
C ASP D 24 -13.62 -40.05 36.41
N ILE D 25 -12.64 -40.95 36.49
CA ILE D 25 -12.27 -41.74 35.33
C ILE D 25 -13.44 -42.61 34.88
N LEU D 26 -14.16 -43.20 35.85
CA LEU D 26 -15.32 -44.03 35.50
C LEU D 26 -16.40 -43.21 34.80
N LEU D 27 -16.69 -42.02 35.31
CA LEU D 27 -17.69 -41.17 34.65
C LEU D 27 -17.22 -40.72 33.27
N ILE D 28 -15.93 -40.40 33.12
CA ILE D 28 -15.42 -39.98 31.81
C ILE D 28 -15.54 -41.13 30.81
N LEU D 29 -15.22 -42.35 31.24
CA LEU D 29 -15.34 -43.50 30.36
C LEU D 29 -16.79 -43.74 29.94
N LYS D 30 -17.73 -43.58 30.88
CA LYS D 30 -19.14 -43.82 30.60
C LYS D 30 -19.78 -42.56 30.04
N GLU D 31 -19.36 -42.21 28.83
CA GLU D 31 -19.89 -41.05 28.13
C GLU D 31 -19.91 -41.32 26.63
N ARG D 32 -20.80 -40.61 25.93
CA ARG D 32 -20.93 -40.76 24.49
C ARG D 32 -19.83 -39.99 23.77
N ASP D 33 -19.82 -40.13 22.44
CA ASP D 33 -18.82 -39.55 21.55
C ASP D 33 -17.45 -40.16 21.80
N GLU D 34 -16.58 -40.12 20.80
CA GLU D 34 -15.30 -40.80 20.87
C GLU D 34 -14.10 -39.86 21.01
N ASP D 35 -14.09 -38.72 20.33
CA ASP D 35 -12.88 -37.91 20.25
C ASP D 35 -13.19 -36.42 20.39
N ALA D 36 -13.99 -36.02 21.38
CA ALA D 36 -14.15 -34.59 21.53
C ALA D 36 -13.02 -33.97 22.36
N HIS D 37 -13.08 -34.14 23.68
CA HIS D 37 -12.07 -33.77 24.69
C HIS D 37 -12.57 -34.23 26.05
N TYR D 38 -11.66 -34.50 27.00
CA TYR D 38 -12.08 -34.84 28.36
C TYR D 38 -11.00 -34.50 29.37
N PRO D 39 -11.25 -33.54 30.27
CA PRO D 39 -10.22 -33.16 31.25
C PRO D 39 -10.34 -33.91 32.57
N VAL D 40 -9.27 -33.90 33.35
CA VAL D 40 -9.25 -34.50 34.69
C VAL D 40 -8.62 -33.50 35.64
N VAL D 41 -9.27 -33.27 36.79
CA VAL D 41 -8.79 -32.32 37.79
C VAL D 41 -8.02 -33.09 38.86
N VAL D 42 -6.79 -32.65 39.14
CA VAL D 42 -5.94 -33.27 40.14
C VAL D 42 -5.41 -32.19 41.07
N ASN D 43 -5.44 -32.48 42.38
CA ASN D 43 -4.92 -31.55 43.37
C ASN D 43 -3.39 -31.63 43.41
N ALA D 44 -2.78 -30.63 44.02
CA ALA D 44 -1.33 -30.49 44.06
C ALA D 44 -0.72 -30.68 45.43
N MET D 45 -1.35 -30.15 46.49
CA MET D 45 -0.75 -30.20 47.82
C MET D 45 -0.59 -31.64 48.30
N THR D 46 -1.62 -32.48 48.13
CA THR D 46 -1.54 -33.86 48.57
C THR D 46 -0.48 -34.62 47.78
N LEU D 47 -0.40 -34.39 46.47
CA LEU D 47 0.59 -35.06 45.65
C LEU D 47 2.00 -34.67 46.05
N PHE D 48 2.23 -33.38 46.33
CA PHE D 48 3.56 -32.94 46.74
C PHE D 48 3.90 -33.41 48.16
N GLU D 49 2.87 -33.60 49.00
CA GLU D 49 3.11 -34.14 50.33
C GLU D 49 3.43 -35.63 50.31
N THR D 50 2.84 -36.37 49.38
CA THR D 50 3.09 -37.81 49.30
C THR D 50 4.55 -38.10 48.99
N ASN D 51 5.13 -37.37 48.04
CA ASN D 51 6.52 -37.57 47.64
C ASN D 51 7.22 -36.22 47.57
N MET D 52 8.43 -36.17 48.12
CA MET D 52 9.21 -34.94 48.18
C MET D 52 10.08 -34.72 46.96
N GLU D 53 10.01 -35.61 45.96
CA GLU D 53 10.80 -35.47 44.75
C GLU D 53 10.00 -34.99 43.55
N ILE D 54 8.68 -35.16 43.55
CA ILE D 54 7.87 -34.72 42.42
C ILE D 54 7.85 -33.19 42.34
N GLY D 55 7.81 -32.51 43.49
CA GLY D 55 7.77 -31.06 43.47
C GLY D 55 9.04 -30.43 42.93
N GLU D 56 10.19 -30.97 43.32
CA GLU D 56 11.45 -30.47 42.78
C GLU D 56 11.55 -30.70 41.28
N TYR D 57 11.20 -31.90 40.83
CA TYR D 57 11.23 -32.19 39.40
C TYR D 57 10.20 -31.38 38.63
N PHE D 58 9.15 -30.91 39.30
CA PHE D 58 8.08 -30.17 38.63
C PHE D 58 8.40 -28.67 38.52
N ASN D 59 8.63 -28.01 39.65
CA ASN D 59 8.69 -26.54 39.65
C ASN D 59 10.05 -26.00 39.22
N MET D 60 10.61 -26.56 38.14
CA MET D 60 11.66 -25.92 37.35
C MET D 60 11.51 -26.12 35.86
N PHE D 61 10.84 -27.20 35.42
CA PHE D 61 10.64 -27.47 34.00
C PHE D 61 9.17 -27.81 33.78
N PRO D 62 8.28 -26.82 33.88
CA PRO D 62 6.84 -27.12 33.82
C PRO D 62 6.36 -27.40 32.40
N SER D 63 7.09 -28.21 31.66
CA SER D 63 6.70 -28.63 30.32
C SER D 63 6.54 -30.13 30.20
N GLU D 64 7.52 -30.91 30.66
CA GLU D 64 7.46 -32.36 30.54
C GLU D 64 6.51 -33.00 31.53
N VAL D 65 6.28 -32.35 32.67
CA VAL D 65 5.45 -32.95 33.72
C VAL D 65 4.03 -33.15 33.22
N LEU D 66 3.47 -32.18 32.50
CA LEU D 66 2.11 -32.30 32.01
C LEU D 66 1.97 -33.44 31.01
N THR D 67 2.93 -33.56 30.08
CA THR D 67 2.88 -34.65 29.11
C THR D 67 3.02 -36.01 29.79
N ILE D 68 3.91 -36.10 30.78
CA ILE D 68 4.09 -37.37 31.48
C ILE D 68 2.81 -37.74 32.24
N PHE D 69 2.17 -36.74 32.87
CA PHE D 69 0.93 -37.04 33.59
C PHE D 69 -0.18 -37.43 32.64
N ASP D 70 -0.20 -36.84 31.44
CA ASP D 70 -1.16 -37.26 30.42
C ASP D 70 -0.92 -38.71 30.00
N SER D 71 0.34 -39.09 29.80
CA SER D 71 0.64 -40.48 29.46
C SER D 71 0.23 -41.42 30.58
N ALA D 72 0.46 -41.01 31.83
CA ALA D 72 0.03 -41.83 32.96
C ALA D 72 -1.48 -41.98 33.00
N LEU D 73 -2.21 -40.90 32.70
CA LEU D 73 -3.66 -40.98 32.65
C LEU D 73 -4.12 -41.93 31.55
N ARG D 74 -3.47 -41.89 30.39
CA ARG D 74 -3.83 -42.80 29.31
C ARG D 74 -3.57 -44.24 29.70
N ARG D 75 -2.43 -44.52 30.35
CA ARG D 75 -2.13 -45.87 30.79
C ARG D 75 -3.15 -46.35 31.83
N SER D 76 -3.54 -45.46 32.75
CA SER D 76 -4.57 -45.82 33.73
C SER D 76 -5.89 -46.14 33.05
N ALA D 77 -6.26 -45.35 32.02
CA ALA D 77 -7.48 -45.64 31.28
C ALA D 77 -7.41 -47.00 30.60
N LEU D 78 -6.26 -47.33 30.00
CA LEU D 78 -6.10 -48.64 29.40
C LEU D 78 -6.25 -49.75 30.44
N THR D 79 -5.63 -49.58 31.60
CA THR D 79 -5.70 -50.60 32.65
C THR D 79 -7.13 -50.80 33.13
N ILE D 80 -7.87 -49.71 33.35
CA ILE D 80 -9.25 -49.83 33.81
C ILE D 80 -10.12 -50.46 32.73
N LEU D 81 -9.90 -50.10 31.46
CA LEU D 81 -10.67 -50.71 30.38
C LEU D 81 -10.42 -52.20 30.30
N GLN D 82 -9.14 -52.61 30.44
CA GLN D 82 -8.82 -54.04 30.42
C GLN D 82 -9.47 -54.76 31.60
N SER D 83 -9.41 -54.16 32.79
CA SER D 83 -10.00 -54.77 33.99
C SER D 83 -11.40 -54.21 34.24
N LEU D 84 -12.30 -54.49 33.31
CA LEU D 84 -13.67 -54.02 33.37
C LEU D 84 -14.62 -55.21 33.31
N SER D 85 -15.74 -55.11 34.04
CA SER D 85 -16.70 -56.20 34.13
C SER D 85 -17.97 -55.98 33.32
N GLN D 86 -18.25 -54.75 32.89
CA GLN D 86 -19.46 -54.42 32.14
C GLN D 86 -19.06 -53.71 30.86
N PRO D 87 -18.58 -54.45 29.84
CA PRO D 87 -18.11 -53.84 28.59
C PRO D 87 -19.23 -53.63 27.57
N GLU D 88 -20.35 -53.07 28.01
CA GLU D 88 -21.46 -52.76 27.11
C GLU D 88 -21.75 -51.28 27.01
N ALA D 89 -21.93 -50.58 28.13
CA ALA D 89 -22.19 -49.15 28.12
C ALA D 89 -20.91 -48.35 28.38
N VAL D 90 -19.86 -48.63 27.60
CA VAL D 90 -18.58 -47.97 27.76
C VAL D 90 -18.04 -47.57 26.39
N SER D 91 -17.18 -46.55 26.39
CA SER D 91 -16.57 -46.06 25.18
C SER D 91 -15.16 -45.58 25.51
N MET D 92 -14.24 -45.73 24.56
CA MET D 92 -12.84 -45.41 24.76
C MET D 92 -12.52 -44.05 24.14
N LYS D 93 -11.86 -43.19 24.91
CA LYS D 93 -11.45 -41.88 24.46
C LYS D 93 -9.93 -41.79 24.44
N GLN D 94 -9.38 -41.31 23.33
CA GLN D 94 -7.94 -41.15 23.19
C GLN D 94 -7.47 -39.72 23.43
N ASN D 95 -8.38 -38.81 23.79
CA ASN D 95 -8.05 -37.41 24.03
C ASN D 95 -8.30 -37.09 25.50
N LEU D 96 -7.25 -37.17 26.31
CA LEU D 96 -7.29 -36.80 27.71
C LEU D 96 -6.35 -35.62 27.96
N HIS D 97 -6.51 -35.00 29.12
CA HIS D 97 -5.71 -33.82 29.45
C HIS D 97 -5.49 -33.76 30.96
N ALA D 98 -4.49 -32.99 31.35
CA ALA D 98 -4.16 -32.75 32.74
C ALA D 98 -4.57 -31.33 33.13
N ARG D 99 -4.80 -31.14 34.43
CA ARG D 99 -5.18 -29.81 34.94
C ARG D 99 -4.78 -29.73 36.40
N ILE D 100 -3.70 -28.99 36.67
CA ILE D 100 -3.14 -28.85 38.01
C ILE D 100 -3.85 -27.71 38.73
N SER D 101 -4.12 -27.90 40.02
CA SER D 101 -4.70 -26.85 40.83
C SER D 101 -4.34 -27.10 42.29
N GLY D 102 -4.41 -26.03 43.08
CA GLY D 102 -4.12 -26.13 44.50
C GLY D 102 -2.65 -25.93 44.82
N LEU D 103 -2.08 -24.83 44.34
CA LEU D 103 -0.69 -24.51 44.61
C LEU D 103 -0.52 -24.00 46.05
N PRO D 104 0.70 -24.07 46.60
CA PRO D 104 0.93 -23.54 47.95
C PRO D 104 0.75 -22.03 48.02
N VAL D 105 0.94 -21.46 49.21
CA VAL D 105 0.66 -20.05 49.44
C VAL D 105 1.99 -19.30 49.55
N CYS D 106 3.01 -19.84 48.86
CA CYS D 106 4.30 -19.18 48.86
C CYS D 106 4.19 -17.81 48.19
N PRO D 107 4.90 -16.80 48.70
CA PRO D 107 4.76 -15.44 48.15
C PRO D 107 5.17 -15.31 46.69
N GLU D 108 5.99 -16.23 46.17
CA GLU D 108 6.48 -16.14 44.81
C GLU D 108 5.62 -16.92 43.81
N LEU D 109 4.52 -17.53 44.25
CA LEU D 109 3.63 -18.26 43.36
C LEU D 109 2.20 -17.76 43.39
N VAL D 110 1.89 -16.74 44.19
CA VAL D 110 0.54 -16.22 44.28
C VAL D 110 0.61 -14.73 43.90
N ARG D 111 1.51 -14.41 42.98
CA ARG D 111 1.74 -13.01 42.60
C ARG D 111 0.46 -12.33 42.14
N GLU D 112 0.20 -11.15 42.70
CA GLU D 112 -0.94 -10.34 42.30
C GLU D 112 -0.57 -9.27 41.28
N HIS D 113 0.67 -9.26 40.80
CA HIS D 113 1.14 -8.29 39.82
C HIS D 113 1.73 -9.03 38.63
N ILE D 114 1.68 -8.39 37.47
CA ILE D 114 2.20 -9.00 36.25
C ILE D 114 3.72 -9.02 36.30
N PRO D 115 4.37 -10.16 36.04
CA PRO D 115 5.83 -10.18 35.97
C PRO D 115 6.34 -9.36 34.80
N LYS D 116 7.51 -8.74 34.98
CA LYS D 116 8.04 -7.88 33.92
C LYS D 116 8.78 -8.68 32.85
N THR D 117 9.95 -9.23 33.21
CA THR D 117 10.64 -10.12 32.28
C THR D 117 11.41 -11.25 32.98
N LYS D 118 11.37 -11.34 34.30
CA LYS D 118 12.21 -12.30 35.01
C LYS D 118 11.48 -13.59 35.32
N ASP D 119 10.24 -13.75 34.83
CA ASP D 119 9.46 -14.97 35.03
C ASP D 119 9.10 -15.50 33.65
N VAL D 120 10.00 -16.27 33.06
CA VAL D 120 9.78 -16.95 31.79
C VAL D 120 10.08 -18.43 31.99
N GLY D 121 9.09 -19.27 31.75
CA GLY D 121 9.21 -20.68 32.02
C GLY D 121 8.82 -21.10 33.42
N HIS D 122 8.13 -20.24 34.16
CA HIS D 122 7.70 -20.53 35.52
C HIS D 122 6.19 -20.75 35.55
N PHE D 123 5.73 -21.38 36.64
CA PHE D 123 4.32 -21.62 36.87
C PHE D 123 3.82 -20.60 37.89
N LEU D 124 2.89 -19.74 37.47
CA LEU D 124 2.44 -18.63 38.28
C LEU D 124 0.93 -18.73 38.52
N SER D 125 0.38 -17.68 39.13
CA SER D 125 -1.05 -17.62 39.39
C SER D 125 -1.45 -16.15 39.51
N VAL D 126 -2.12 -15.62 38.50
CA VAL D 126 -2.51 -14.22 38.47
C VAL D 126 -4.01 -14.11 38.68
N THR D 127 -4.45 -12.94 39.10
CA THR D 127 -5.86 -12.65 39.31
C THR D 127 -6.21 -11.33 38.64
N GLY D 128 -7.43 -11.23 38.15
CA GLY D 128 -7.88 -10.01 37.50
C GLY D 128 -9.26 -10.19 36.91
N THR D 129 -9.71 -9.15 36.21
CA THR D 129 -11.01 -9.12 35.55
C THR D 129 -10.83 -9.31 34.05
N VAL D 130 -11.93 -9.19 33.32
CA VAL D 130 -11.95 -9.40 31.87
C VAL D 130 -12.41 -8.11 31.20
N ILE D 131 -11.72 -7.75 30.11
CA ILE D 131 -12.03 -6.54 29.35
C ILE D 131 -12.58 -6.88 27.96
N ARG D 132 -11.79 -7.59 27.15
CA ARG D 132 -12.13 -7.88 25.77
C ARG D 132 -12.35 -9.38 25.58
N THR D 133 -12.83 -9.73 24.39
CA THR D 133 -13.08 -11.13 24.05
C THR D 133 -13.12 -11.26 22.54
N SER D 134 -12.32 -12.19 22.00
CA SER D 134 -12.27 -12.42 20.57
C SER D 134 -13.32 -13.45 20.17
N LEU D 135 -13.22 -13.96 18.94
CA LEU D 135 -14.18 -14.90 18.38
C LEU D 135 -13.57 -16.30 18.32
N VAL D 136 -14.46 -17.30 18.34
CA VAL D 136 -14.03 -18.69 18.27
C VAL D 136 -13.49 -18.98 16.87
N LYS D 137 -12.27 -19.51 16.80
CA LYS D 137 -11.59 -19.75 15.54
C LYS D 137 -10.82 -21.06 15.62
N VAL D 138 -10.48 -21.61 14.46
CA VAL D 138 -9.91 -22.96 14.36
C VAL D 138 -8.55 -22.87 13.68
N LEU D 139 -7.57 -23.53 14.29
CA LEU D 139 -6.21 -23.61 13.77
C LEU D 139 -5.98 -24.91 13.00
N GLU D 140 -4.82 -24.97 12.34
CA GLU D 140 -4.34 -26.17 11.69
C GLU D 140 -3.04 -26.59 12.37
N PHE D 141 -3.00 -27.84 12.85
CA PHE D 141 -1.85 -28.35 13.58
C PHE D 141 -1.32 -29.59 12.86
N GLU D 142 -0.07 -29.52 12.42
CA GLU D 142 0.62 -30.59 11.71
C GLU D 142 0.03 -30.79 10.32
N ARG D 143 0.87 -31.14 9.35
CA ARG D 143 0.42 -31.33 7.97
C ARG D 143 0.66 -32.72 7.41
N ASP D 144 1.76 -33.37 7.78
CA ASP D 144 2.17 -34.65 7.19
C ASP D 144 2.28 -34.52 5.67
N TYR D 145 3.13 -33.58 5.25
CA TYR D 145 3.16 -33.19 3.85
C TYR D 145 3.67 -34.32 2.97
N MET D 146 3.42 -34.19 1.67
CA MET D 146 3.76 -35.24 0.71
C MET D 146 5.26 -35.50 0.68
N CYS D 147 5.63 -36.77 0.67
CA CYS D 147 7.03 -37.18 0.73
C CYS D 147 7.68 -36.98 -0.64
N ASN D 148 8.79 -36.25 -0.68
CA ASN D 148 9.49 -35.93 -1.91
C ASN D 148 10.92 -36.47 -1.87
N LYS D 149 11.30 -37.18 -2.92
CA LYS D 149 12.64 -37.73 -3.17
C LYS D 149 13.01 -38.84 -2.19
N CYS D 150 12.16 -39.11 -1.19
CA CYS D 150 12.42 -40.21 -0.25
C CYS D 150 11.12 -40.95 0.04
N LYS D 151 11.11 -41.80 1.07
CA LYS D 151 10.00 -42.70 1.32
C LYS D 151 9.25 -42.41 2.62
N HIS D 152 9.96 -42.33 3.74
CA HIS D 152 9.30 -42.20 5.04
C HIS D 152 8.61 -40.86 5.18
N VAL D 153 7.36 -40.89 5.65
CA VAL D 153 6.58 -39.66 5.80
C VAL D 153 7.08 -38.88 7.01
N PHE D 154 6.85 -37.57 6.99
CA PHE D 154 7.30 -36.66 8.02
C PHE D 154 6.12 -36.09 8.79
N VAL D 155 6.38 -35.77 10.06
CA VAL D 155 5.32 -35.41 11.01
C VAL D 155 5.61 -34.07 11.67
N ILE D 156 6.25 -33.15 10.93
CA ILE D 156 6.64 -31.84 11.47
C ILE D 156 5.44 -31.15 12.10
N LYS D 157 5.69 -30.41 13.18
CA LYS D 157 4.64 -29.73 13.94
C LYS D 157 4.79 -28.22 13.77
N ALA D 158 3.93 -27.48 14.47
CA ALA D 158 3.91 -26.03 14.39
C ALA D 158 4.81 -25.43 15.47
N ASP D 159 4.89 -24.11 15.51
CA ASP D 159 5.70 -23.39 16.49
C ASP D 159 4.86 -22.31 17.13
N PHE D 160 4.74 -22.35 18.46
CA PHE D 160 3.94 -21.36 19.17
C PHE D 160 4.65 -20.01 19.27
N GLU D 161 5.97 -20.00 19.22
CA GLU D 161 6.74 -18.78 19.40
C GLU D 161 6.84 -17.95 18.12
N GLN D 162 6.26 -18.41 17.01
CA GLN D 162 6.34 -17.69 15.75
C GLN D 162 4.95 -17.41 15.19
N TYR D 163 3.97 -17.21 16.07
CA TYR D 163 2.59 -16.92 15.68
C TYR D 163 2.00 -18.03 14.82
N TYR D 164 2.34 -19.28 15.14
CA TYR D 164 1.84 -20.46 14.44
C TYR D 164 2.14 -20.38 12.94
N THR D 165 3.43 -20.40 12.62
CA THR D 165 3.88 -20.48 11.24
C THR D 165 4.69 -21.76 11.04
N PHE D 166 4.86 -22.15 9.78
CA PHE D 166 5.50 -23.40 9.42
C PHE D 166 6.84 -23.11 8.75
N CYS D 167 7.87 -23.83 9.18
CA CYS D 167 9.21 -23.69 8.62
C CYS D 167 9.46 -24.81 7.64
N ARG D 168 10.00 -24.46 6.46
CA ARG D 168 10.22 -25.45 5.42
C ARG D 168 11.44 -26.30 5.75
N PRO D 169 11.29 -27.61 5.93
CA PRO D 169 12.45 -28.44 6.26
C PRO D 169 13.23 -28.81 5.01
N SER D 170 14.55 -28.94 5.19
CA SER D 170 15.45 -29.34 4.12
C SER D 170 16.42 -30.44 4.51
N SER D 171 16.71 -30.64 5.79
CA SER D 171 17.63 -31.67 6.24
C SER D 171 16.82 -32.83 6.80
N CYS D 172 16.62 -33.85 5.97
CA CYS D 172 15.82 -35.00 6.39
C CYS D 172 16.55 -35.79 7.48
N PRO D 173 15.83 -36.25 8.50
CA PRO D 173 16.48 -37.05 9.56
C PRO D 173 16.75 -38.48 9.15
N SER D 174 16.66 -38.75 7.84
CA SER D 174 16.83 -40.10 7.33
C SER D 174 18.19 -40.68 7.72
N LEU D 175 18.23 -42.00 7.89
CA LEU D 175 19.47 -42.67 8.24
C LEU D 175 20.53 -42.50 7.16
N GLU D 176 20.12 -42.60 5.89
CA GLU D 176 21.04 -42.39 4.79
C GLU D 176 21.27 -40.91 4.56
N SER D 177 22.06 -40.60 3.53
CA SER D 177 22.39 -39.22 3.21
C SER D 177 21.32 -38.51 2.39
N CYS D 178 20.27 -39.21 1.99
CA CYS D 178 19.20 -38.60 1.20
C CYS D 178 18.46 -37.55 2.02
N ASP D 179 18.29 -36.37 1.45
CA ASP D 179 17.60 -35.28 2.11
C ASP D 179 17.09 -34.30 1.07
N SER D 180 15.86 -33.83 1.27
CA SER D 180 15.25 -32.88 0.36
C SER D 180 14.89 -31.58 1.07
N PRO D 193 -6.88 -31.15 5.20
CA PRO D 193 -6.51 -30.87 6.56
C PRO D 193 -7.41 -31.47 7.64
N THR D 194 -7.30 -32.78 7.85
CA THR D 194 -8.13 -33.47 8.84
C THR D 194 -7.52 -33.39 10.23
N ARG D 195 -7.17 -32.16 10.63
CA ARG D 195 -6.70 -31.89 11.98
C ARG D 195 -7.16 -30.48 12.34
N CYS D 196 -7.67 -30.31 13.55
CA CYS D 196 -8.19 -29.03 13.97
C CYS D 196 -8.11 -28.90 15.48
N ARG D 197 -8.15 -27.65 15.94
CA ARG D 197 -8.08 -27.32 17.36
C ARG D 197 -9.06 -26.17 17.61
N ASP D 198 -8.94 -25.53 18.76
CA ASP D 198 -9.74 -24.37 19.09
C ASP D 198 -8.83 -23.22 19.50
N TYR D 199 -9.40 -22.03 19.65
CA TYR D 199 -8.61 -20.84 19.90
C TYR D 199 -9.52 -19.75 20.48
N GLN D 200 -8.88 -18.78 21.14
CA GLN D 200 -9.57 -17.60 21.65
C GLN D 200 -8.50 -16.61 22.09
N GLU D 201 -8.94 -15.41 22.44
CA GLU D 201 -8.04 -14.37 22.93
C GLU D 201 -8.79 -13.56 23.98
N ILE D 202 -8.24 -13.53 25.19
CA ILE D 202 -8.85 -12.79 26.29
C ILE D 202 -7.81 -11.88 26.91
N LYS D 203 -8.27 -10.75 27.43
CA LYS D 203 -7.41 -9.75 28.06
C LYS D 203 -7.81 -9.58 29.51
N ILE D 204 -6.83 -9.60 30.41
CA ILE D 204 -7.05 -9.52 31.85
C ILE D 204 -6.46 -8.22 32.37
N GLN D 205 -7.26 -7.45 33.09
CA GLN D 205 -6.83 -6.21 33.70
C GLN D 205 -6.79 -6.38 35.21
N GLU D 206 -5.68 -5.94 35.82
CA GLU D 206 -5.50 -6.11 37.26
C GLU D 206 -6.54 -5.33 38.04
N GLN D 207 -6.98 -5.91 39.15
CA GLN D 207 -7.95 -5.23 40.01
C GLN D 207 -7.29 -4.06 40.74
N VAL D 208 -8.08 -3.00 40.93
CA VAL D 208 -7.60 -1.81 41.63
C VAL D 208 -7.83 -1.90 43.12
N GLN D 209 -8.68 -2.81 43.59
CA GLN D 209 -8.99 -2.91 45.01
C GLN D 209 -7.74 -3.28 45.82
N ARG D 210 -6.95 -4.24 45.33
CA ARG D 210 -5.78 -4.72 46.04
C ARG D 210 -4.50 -3.98 45.64
N LEU D 211 -4.60 -2.96 44.80
CA LEU D 211 -3.44 -2.17 44.41
C LEU D 211 -2.91 -1.36 45.60
N ILE D 216 -2.41 3.29 37.86
CA ILE D 216 -3.09 2.60 36.77
C ILE D 216 -2.43 1.25 36.50
N PRO D 217 -3.24 0.20 36.41
CA PRO D 217 -2.69 -1.13 36.11
C PRO D 217 -2.66 -1.44 34.62
N ARG D 218 -1.70 -2.27 34.25
CA ARG D 218 -1.56 -2.73 32.88
C ARG D 218 -2.25 -4.09 32.71
N SER D 219 -2.24 -4.60 31.48
CA SER D 219 -3.02 -5.77 31.13
C SER D 219 -2.16 -6.80 30.41
N MET D 220 -2.58 -8.05 30.51
CA MET D 220 -1.93 -9.17 29.85
C MET D 220 -2.88 -9.80 28.84
N LYS D 221 -2.32 -10.30 27.74
CA LYS D 221 -3.12 -10.92 26.68
C LYS D 221 -3.05 -12.43 26.88
N VAL D 222 -3.96 -12.94 27.70
CA VAL D 222 -4.00 -14.37 28.02
C VAL D 222 -4.55 -15.14 26.83
N ILE D 223 -3.86 -16.20 26.45
CA ILE D 223 -4.26 -17.04 25.32
C ILE D 223 -4.92 -18.30 25.87
N LEU D 224 -6.14 -18.58 25.41
CA LEU D 224 -6.84 -19.80 25.75
C LEU D 224 -6.72 -20.80 24.60
N GLU D 225 -6.97 -22.08 24.92
CA GLU D 225 -6.84 -23.10 23.90
C GLU D 225 -7.63 -24.34 24.33
N ASP D 226 -8.06 -25.11 23.32
CA ASP D 226 -8.70 -26.41 23.52
C ASP D 226 -10.02 -26.29 24.28
N ASP D 227 -10.24 -27.19 25.25
CA ASP D 227 -11.52 -27.27 25.94
C ASP D 227 -11.85 -25.99 26.70
N LEU D 228 -10.85 -25.20 27.07
CA LEU D 228 -11.10 -23.98 27.84
C LEU D 228 -11.85 -22.92 27.06
N VAL D 229 -11.99 -23.08 25.74
CA VAL D 229 -12.66 -22.07 24.94
C VAL D 229 -14.12 -21.95 25.39
N ASP D 230 -14.65 -20.73 25.30
CA ASP D 230 -16.03 -20.43 25.69
C ASP D 230 -16.29 -20.79 27.15
N SER D 231 -15.47 -20.19 28.03
CA SER D 231 -15.63 -20.42 29.46
C SER D 231 -15.45 -19.13 30.26
N CYS D 232 -15.51 -17.98 29.62
CA CYS D 232 -15.31 -16.70 30.29
C CYS D 232 -16.44 -15.74 29.92
N LYS D 233 -16.89 -14.97 30.90
CA LYS D 233 -17.93 -13.97 30.71
C LYS D 233 -17.34 -12.59 30.94
N SER D 234 -17.64 -11.66 30.03
CA SER D 234 -17.08 -10.32 30.12
C SER D 234 -17.51 -9.60 31.39
N GLY D 235 -16.55 -9.37 32.30
CA GLY D 235 -16.85 -8.70 33.54
C GLY D 235 -16.95 -9.64 34.72
N ASP D 236 -16.03 -10.60 34.81
CA ASP D 236 -16.04 -11.57 35.90
C ASP D 236 -14.61 -11.76 36.43
N ASP D 237 -14.52 -12.20 37.68
CA ASP D 237 -13.23 -12.43 38.32
C ASP D 237 -12.71 -13.82 37.99
N LEU D 238 -11.45 -13.91 37.61
CA LEU D 238 -10.82 -15.18 37.24
C LEU D 238 -9.56 -15.40 38.06
N THR D 239 -9.01 -16.60 37.93
CA THR D 239 -7.76 -16.97 38.61
C THR D 239 -7.10 -18.06 37.76
N ILE D 240 -6.13 -17.67 36.95
CA ILE D 240 -5.53 -18.56 35.95
C ILE D 240 -4.22 -19.13 36.49
N TYR D 241 -4.00 -20.41 36.24
CA TYR D 241 -2.77 -21.10 36.59
C TYR D 241 -2.09 -21.51 35.29
N GLY D 242 -1.29 -20.60 34.71
CA GLY D 242 -0.71 -20.83 33.42
C GLY D 242 0.78 -20.54 33.40
N ILE D 243 1.42 -21.02 32.34
CA ILE D 243 2.84 -20.79 32.10
C ILE D 243 3.01 -19.49 31.32
N VAL D 244 4.16 -18.85 31.48
CA VAL D 244 4.48 -17.61 30.80
C VAL D 244 5.51 -17.88 29.72
N MET D 245 5.22 -17.44 28.49
CA MET D 245 6.15 -17.60 27.38
C MET D 245 6.19 -16.30 26.59
N GLN D 246 7.03 -16.29 25.55
CA GLN D 246 7.26 -15.13 24.72
C GLN D 246 6.83 -15.41 23.29
N ARG D 247 6.35 -14.37 22.61
CA ARG D 247 5.94 -14.45 21.21
C ARG D 247 6.77 -13.47 20.40
N TRP D 248 7.46 -13.97 19.38
CA TRP D 248 8.34 -13.16 18.57
C TRP D 248 7.57 -12.58 17.39
N LYS D 249 8.30 -11.96 16.46
CA LYS D 249 7.74 -11.39 15.24
C LYS D 249 8.77 -11.59 14.14
N PRO D 250 8.35 -11.70 12.87
CA PRO D 250 9.33 -11.84 11.80
C PRO D 250 10.28 -10.65 11.75
N PHE D 251 11.56 -10.94 11.48
CA PHE D 251 12.60 -9.93 11.54
C PHE D 251 12.66 -9.12 10.26
N GLN D 252 12.76 -7.81 10.40
CA GLN D 252 13.02 -6.90 9.28
C GLN D 252 14.42 -6.34 9.43
N GLN D 253 15.04 -6.01 8.31
CA GLN D 253 16.43 -5.57 8.32
C GLN D 253 16.56 -4.19 8.94
N ASP D 254 17.48 -4.05 9.90
CA ASP D 254 17.85 -2.77 10.50
C ASP D 254 16.64 -2.06 11.11
N VAL D 255 15.92 -2.77 11.97
CA VAL D 255 14.82 -2.21 12.75
C VAL D 255 14.92 -2.75 14.18
N ARG D 256 13.98 -2.32 15.02
CA ARG D 256 13.90 -2.79 16.39
C ARG D 256 12.90 -3.95 16.45
N CYS D 257 13.38 -5.13 16.85
CA CYS D 257 12.51 -6.29 16.94
C CYS D 257 11.49 -6.10 18.06
N GLU D 258 10.32 -6.70 17.89
CA GLU D 258 9.22 -6.57 18.83
C GLU D 258 8.93 -7.91 19.49
N VAL D 259 8.71 -7.87 20.81
CA VAL D 259 8.35 -9.05 21.58
C VAL D 259 7.14 -8.71 22.44
N GLU D 260 6.58 -9.74 23.07
CA GLU D 260 5.45 -9.56 23.96
C GLU D 260 5.42 -10.71 24.96
N ILE D 261 4.69 -10.51 26.05
CA ILE D 261 4.57 -11.49 27.12
C ILE D 261 3.13 -11.99 27.14
N VAL D 262 2.95 -13.30 27.00
CA VAL D 262 1.62 -13.91 27.05
C VAL D 262 1.60 -14.97 28.13
N LEU D 263 0.44 -15.60 28.32
CA LEU D 263 0.23 -16.55 29.42
C LEU D 263 -0.66 -17.67 28.92
N LYS D 264 -0.06 -18.81 28.56
CA LYS D 264 -0.81 -19.95 28.06
C LYS D 264 -1.51 -20.62 29.24
N ALA D 265 -2.84 -20.60 29.23
CA ALA D 265 -3.60 -21.11 30.35
C ALA D 265 -3.52 -22.64 30.42
N ASN D 266 -3.46 -23.16 31.64
CA ASN D 266 -3.53 -24.59 31.89
C ASN D 266 -4.67 -24.98 32.82
N TYR D 267 -5.35 -24.01 33.42
CA TYR D 267 -6.57 -24.23 34.18
C TYR D 267 -7.34 -22.93 34.20
N ILE D 268 -8.47 -22.91 34.90
CA ILE D 268 -9.27 -21.70 35.05
C ILE D 268 -10.20 -21.88 36.23
N GLN D 269 -10.70 -20.77 36.77
CA GLN D 269 -11.64 -20.80 37.88
C GLN D 269 -12.60 -19.64 37.72
N VAL D 270 -13.79 -19.78 38.30
CA VAL D 270 -14.83 -18.77 38.17
C VAL D 270 -15.11 -18.20 39.56
N ASN D 271 -14.10 -18.23 40.43
CA ASN D 271 -14.25 -17.73 41.79
C ASN D 271 -14.69 -16.27 41.78
N ASN D 272 -15.69 -15.96 42.59
CA ASN D 272 -16.23 -14.61 42.66
C ASN D 272 -16.60 -14.21 44.09
N PHE E 72 43.72 -16.97 32.77
CA PHE E 72 44.84 -16.23 33.37
C PHE E 72 44.44 -14.79 33.66
N ILE E 73 43.31 -14.36 33.10
CA ILE E 73 42.84 -12.99 33.31
C ILE E 73 42.38 -12.85 34.76
N PRO E 74 42.88 -11.87 35.50
CA PRO E 74 42.36 -11.64 36.86
C PRO E 74 40.88 -11.30 36.88
N TYR E 75 40.39 -10.60 35.86
CA TYR E 75 38.99 -10.21 35.78
C TYR E 75 38.22 -11.29 35.03
N LYS E 76 37.44 -12.08 35.77
CA LYS E 76 36.73 -13.20 35.17
C LYS E 76 35.62 -12.73 34.22
N GLY E 77 34.93 -11.65 34.58
CA GLY E 77 33.82 -11.16 33.78
C GLY E 77 34.23 -10.29 32.62
N TRP E 78 35.33 -10.65 31.95
CA TRP E 78 35.80 -9.84 30.83
C TRP E 78 34.85 -9.93 29.64
N LYS E 79 34.30 -11.12 29.37
CA LYS E 79 33.42 -11.28 28.22
C LYS E 79 32.14 -10.47 28.37
N LEU E 80 31.54 -10.48 29.55
CA LEU E 80 30.34 -9.68 29.78
C LEU E 80 30.63 -8.19 29.64
N TYR E 81 31.76 -7.74 30.20
CA TYR E 81 32.25 -6.39 30.03
C TYR E 81 32.99 -6.28 28.70
N PHE E 82 33.84 -5.27 28.55
CA PHE E 82 34.46 -4.86 27.28
C PHE E 82 34.75 -6.04 26.35
N SER E 83 34.28 -5.92 25.11
CA SER E 83 34.39 -7.01 24.12
C SER E 83 35.61 -6.73 23.25
N GLU E 84 36.75 -7.24 23.68
CA GLU E 84 37.99 -7.07 22.94
C GLU E 84 38.98 -8.13 23.40
N VAL E 85 39.88 -8.53 22.50
CA VAL E 85 40.90 -9.51 22.84
C VAL E 85 41.80 -8.95 23.93
N TYR E 86 42.04 -9.76 24.96
CA TYR E 86 42.77 -9.30 26.13
C TYR E 86 44.25 -9.09 25.78
N SER E 87 44.70 -7.84 25.86
CA SER E 87 46.10 -7.49 25.64
C SER E 87 46.51 -6.45 26.67
N ASP E 88 47.70 -6.61 27.25
CA ASP E 88 48.20 -5.70 28.27
C ASP E 88 48.90 -4.49 27.64
N SER E 89 48.13 -3.75 26.84
CA SER E 89 48.65 -2.55 26.19
C SER E 89 47.69 -1.37 26.24
N SER E 90 46.42 -1.56 26.56
CA SER E 90 45.47 -0.45 26.54
C SER E 90 45.74 0.50 27.71
N PRO E 91 45.49 1.79 27.53
CA PRO E 91 45.63 2.74 28.64
C PRO E 91 44.51 2.66 29.66
N LEU E 92 43.47 1.87 29.40
CA LEU E 92 42.37 1.73 30.36
C LEU E 92 42.81 1.00 31.62
N ILE E 93 43.92 0.28 31.56
CA ILE E 93 44.35 -0.53 32.71
C ILE E 93 44.64 0.36 33.91
N GLU E 94 45.34 1.49 33.69
CA GLU E 94 45.69 2.37 34.80
C GLU E 94 44.44 2.90 35.50
N LYS E 95 43.45 3.32 34.71
CA LYS E 95 42.17 3.71 35.30
C LYS E 95 41.53 2.54 36.03
N ILE E 96 41.74 1.32 35.54
CA ILE E 96 41.18 0.15 36.22
C ILE E 96 41.77 0.02 37.62
N GLN E 97 43.11 0.10 37.74
CA GLN E 97 43.67 0.03 39.09
C GLN E 97 43.26 1.22 39.94
N ALA E 98 43.17 2.42 39.36
CA ALA E 98 42.75 3.58 40.15
C ALA E 98 41.36 3.35 40.75
N PHE E 99 40.40 2.95 39.91
CA PHE E 99 39.04 2.72 40.38
C PHE E 99 39.00 1.57 41.38
N GLU E 100 39.74 0.50 41.11
CA GLU E 100 39.69 -0.66 42.01
C GLU E 100 40.29 -0.32 43.37
N LYS E 101 41.35 0.48 43.41
CA LYS E 101 41.90 0.91 44.70
C LYS E 101 40.93 1.81 45.44
N PHE E 102 40.31 2.77 44.73
CA PHE E 102 39.35 3.66 45.37
C PHE E 102 38.20 2.87 45.96
N PHE E 103 37.70 1.86 45.24
CA PHE E 103 36.62 1.04 45.76
C PHE E 103 37.10 0.12 46.88
N THR E 104 38.36 -0.33 46.82
CA THR E 104 38.89 -1.21 47.84
C THR E 104 38.97 -0.50 49.19
N ARG E 105 39.42 0.76 49.20
CA ARG E 105 39.45 1.49 50.47
C ARG E 105 38.04 1.70 51.00
N HIS E 106 37.14 2.20 50.14
CA HIS E 106 35.77 2.49 50.53
C HIS E 106 34.87 1.34 50.06
N ILE E 107 34.91 0.24 50.80
CA ILE E 107 34.15 -0.95 50.41
C ILE E 107 33.23 -1.38 51.54
N ASP E 108 33.56 -1.02 52.78
CA ASP E 108 32.80 -1.50 53.93
C ASP E 108 31.69 -0.54 54.33
N LEU E 109 30.90 -0.10 53.35
CA LEU E 109 29.73 0.73 53.64
C LEU E 109 28.54 0.38 52.74
N TYR E 110 28.55 -0.78 52.10
CA TYR E 110 27.52 -1.16 51.13
C TYR E 110 26.88 -2.47 51.54
N ASP E 111 25.56 -2.52 51.45
CA ASP E 111 24.81 -3.74 51.75
C ASP E 111 24.97 -4.73 50.61
N LYS E 112 25.58 -5.88 50.89
CA LYS E 112 25.97 -6.79 49.82
C LYS E 112 24.76 -7.32 49.05
N ASP E 113 23.65 -7.56 49.75
CA ASP E 113 22.49 -8.18 49.10
C ASP E 113 21.89 -7.27 48.04
N GLU E 114 21.82 -5.96 48.30
CA GLU E 114 21.20 -5.05 47.34
C GLU E 114 21.97 -5.03 46.01
N ILE E 115 23.29 -4.88 46.08
CA ILE E 115 24.10 -4.93 44.87
C ILE E 115 24.06 -6.32 44.25
N GLU E 116 23.99 -7.37 45.07
CA GLU E 116 23.96 -8.72 44.54
C GLU E 116 22.71 -8.95 43.69
N ARG E 117 21.57 -8.47 44.15
CA ARG E 117 20.32 -8.66 43.39
C ARG E 117 20.19 -7.65 42.25
N LYS E 118 20.13 -6.36 42.58
CA LYS E 118 19.96 -5.31 41.57
C LYS E 118 21.28 -4.56 41.43
N GLY E 119 21.91 -4.68 40.27
CA GLY E 119 23.19 -4.03 40.04
C GLY E 119 23.09 -2.52 40.02
N SER E 120 23.58 -1.88 41.08
CA SER E 120 23.52 -0.42 41.16
C SER E 120 24.49 0.04 42.24
N ILE E 121 25.50 0.82 41.84
CA ILE E 121 26.44 1.43 42.78
C ILE E 121 26.20 2.93 42.71
N LEU E 122 25.55 3.49 43.72
CA LEU E 122 25.21 4.92 43.73
C LEU E 122 26.44 5.73 44.17
N VAL E 123 27.39 5.84 43.25
CA VAL E 123 28.61 6.60 43.51
C VAL E 123 28.30 8.09 43.48
N ASP E 124 28.81 8.82 44.46
CA ASP E 124 28.64 10.27 44.52
C ASP E 124 29.83 10.96 43.88
N PHE E 125 29.55 11.90 42.98
CA PHE E 125 30.62 12.59 42.26
C PHE E 125 31.43 13.52 43.16
N LYS E 126 30.84 13.98 44.26
CA LYS E 126 31.58 14.84 45.19
C LYS E 126 32.77 14.11 45.78
N GLU E 127 32.61 12.83 46.10
CA GLU E 127 33.73 12.05 46.63
C GLU E 127 34.86 11.95 45.62
N LEU E 128 34.53 11.75 44.35
CA LEU E 128 35.55 11.76 43.31
C LEU E 128 36.21 13.12 43.17
N THR E 129 35.43 14.20 43.33
CA THR E 129 35.96 15.56 43.25
C THR E 129 36.82 15.92 44.46
N GLU E 130 36.67 15.21 45.58
CA GLU E 130 37.36 15.54 46.82
C GLU E 130 38.87 15.38 46.75
N GLY E 131 39.43 15.02 45.60
CA GLY E 131 40.87 14.94 45.46
C GLY E 131 41.51 13.69 46.03
N GLY E 132 40.80 12.57 46.02
CA GLY E 132 41.36 11.32 46.49
C GLY E 132 42.33 10.71 45.49
N GLU E 133 42.48 9.39 45.56
CA GLU E 133 43.37 8.71 44.63
C GLU E 133 42.87 8.80 43.19
N VAL E 134 41.56 9.04 43.02
CA VAL E 134 40.98 9.11 41.68
C VAL E 134 41.65 10.22 40.87
N THR E 135 41.82 11.39 41.49
CA THR E 135 42.54 12.47 40.83
C THR E 135 44.05 12.40 41.09
N ASN E 136 44.47 11.78 42.18
CA ASN E 136 45.90 11.69 42.48
C ASN E 136 46.63 10.87 41.43
N LEU E 137 46.05 9.74 41.02
CA LEU E 137 46.70 8.90 40.01
C LEU E 137 46.55 9.49 38.62
N ILE E 138 45.32 9.82 38.24
CA ILE E 138 45.06 10.45 36.95
C ILE E 138 44.24 11.72 37.17
N PRO E 139 44.68 12.87 36.70
CA PRO E 139 43.94 14.12 36.97
C PRO E 139 42.82 14.38 35.97
N ASP E 140 42.86 13.69 34.83
CA ASP E 140 41.86 13.88 33.79
C ASP E 140 40.69 12.95 34.06
N ILE E 141 39.77 13.41 34.89
CA ILE E 141 38.56 12.65 35.22
C ILE E 141 37.31 13.31 34.65
N ALA E 142 37.16 14.63 34.84
CA ALA E 142 35.97 15.31 34.33
C ALA E 142 35.99 15.38 32.81
N THR E 143 37.13 15.78 32.23
CA THR E 143 37.25 15.84 30.78
C THR E 143 37.08 14.46 30.15
N GLU E 144 37.71 13.44 30.75
CA GLU E 144 37.59 12.09 30.23
C GLU E 144 36.15 11.59 30.32
N LEU E 145 35.46 11.89 31.42
CA LEU E 145 34.07 11.48 31.57
C LEU E 145 33.19 12.17 30.54
N ARG E 146 33.39 13.47 30.32
CA ARG E 146 32.54 14.21 29.40
C ARG E 146 32.78 13.79 27.96
N ASP E 147 34.05 13.64 27.56
CA ASP E 147 34.35 13.31 26.17
C ASP E 147 34.10 11.83 25.87
N ALA E 148 34.41 10.94 26.81
CA ALA E 148 34.24 9.51 26.59
C ALA E 148 33.05 9.00 27.39
N PRO E 149 31.96 8.61 26.73
CA PRO E 149 30.77 8.19 27.48
C PRO E 149 30.89 6.81 28.10
N GLU E 150 31.44 5.83 27.37
CA GLU E 150 31.40 4.44 27.77
C GLU E 150 32.72 3.95 28.37
N LYS E 151 33.86 4.37 27.82
CA LYS E 151 35.14 3.86 28.30
C LYS E 151 35.37 4.19 29.76
N THR E 152 35.04 5.42 30.17
CA THR E 152 35.18 5.78 31.57
C THR E 152 34.08 5.17 32.42
N LEU E 153 32.87 5.05 31.87
CA LEU E 153 31.74 4.62 32.68
C LEU E 153 31.83 3.14 33.04
N ALA E 154 32.17 2.28 32.07
CA ALA E 154 32.15 0.84 32.33
C ALA E 154 33.34 0.37 33.16
N CYS E 155 34.41 1.17 33.24
CA CYS E 155 35.54 0.77 34.08
C CYS E 155 35.14 0.69 35.55
N MET E 156 34.28 1.60 36.02
CA MET E 156 33.81 1.53 37.39
C MET E 156 33.04 0.24 37.65
N GLY E 157 32.18 -0.16 36.69
CA GLY E 157 31.48 -1.42 36.84
C GLY E 157 32.42 -2.61 36.85
N LEU E 158 33.45 -2.58 36.01
CA LEU E 158 34.43 -3.66 36.03
C LEU E 158 35.14 -3.74 37.37
N ALA E 159 35.49 -2.59 37.94
CA ALA E 159 36.15 -2.57 39.25
C ALA E 159 35.23 -3.13 40.33
N ILE E 160 33.95 -2.73 40.31
CA ILE E 160 33.00 -3.25 41.29
C ILE E 160 32.87 -4.76 41.17
N HIS E 161 32.75 -5.26 39.94
CA HIS E 161 32.63 -6.70 39.74
C HIS E 161 33.85 -7.43 40.26
N GLN E 162 35.04 -6.92 39.95
CA GLN E 162 36.27 -7.58 40.39
C GLN E 162 36.37 -7.59 41.92
N VAL E 163 36.10 -6.46 42.55
CA VAL E 163 36.26 -6.40 44.01
C VAL E 163 35.22 -7.27 44.70
N LEU E 164 33.99 -7.29 44.19
CA LEU E 164 32.98 -8.15 44.78
C LEU E 164 33.32 -9.62 44.62
N THR E 165 33.82 -10.01 43.45
CA THR E 165 34.24 -11.40 43.25
C THR E 165 35.39 -11.76 44.18
N LYS E 166 36.36 -10.86 44.35
CA LYS E 166 37.48 -11.15 45.23
C LYS E 166 37.01 -11.29 46.68
N ASP E 167 36.13 -10.41 47.14
CA ASP E 167 35.63 -10.51 48.50
C ASP E 167 34.86 -11.81 48.72
N LEU E 168 34.00 -12.18 47.77
CA LEU E 168 33.25 -13.42 47.91
C LEU E 168 34.17 -14.64 47.91
N GLU E 169 35.19 -14.62 47.04
CA GLU E 169 36.14 -15.73 47.01
C GLU E 169 36.90 -15.84 48.32
N ARG E 170 37.34 -14.72 48.89
CA ARG E 170 38.05 -14.75 50.16
C ARG E 170 37.14 -15.27 51.27
N HIS E 171 35.89 -14.81 51.29
CA HIS E 171 34.96 -15.28 52.32
C HIS E 171 34.71 -16.78 52.20
N ALA E 172 34.53 -17.28 50.98
CA ALA E 172 34.32 -18.71 50.79
C ALA E 172 35.56 -19.51 51.19
N ALA E 173 36.75 -19.01 50.83
CA ALA E 173 37.98 -19.72 51.16
C ALA E 173 38.21 -19.77 52.67
N GLU E 174 37.89 -18.69 53.38
CA GLU E 174 38.09 -18.68 54.82
C GLU E 174 37.21 -19.72 55.51
N LEU E 175 35.96 -19.87 55.06
CA LEU E 175 35.05 -20.84 55.64
C LEU E 175 34.68 -21.91 54.61
N MET E 188 30.76 -21.97 42.32
CA MET E 188 31.62 -21.07 43.06
C MET E 188 31.03 -19.66 43.12
N VAL E 189 31.55 -18.77 42.28
CA VAL E 189 31.09 -17.38 42.21
C VAL E 189 30.65 -17.11 40.78
N ASN E 190 29.42 -16.61 40.63
CA ASN E 190 28.83 -16.30 39.32
C ASN E 190 28.07 -14.99 39.39
N VAL E 191 28.70 -13.97 39.97
CA VAL E 191 28.01 -12.68 40.19
C VAL E 191 27.59 -12.10 38.85
N PRO E 192 26.37 -11.58 38.71
CA PRO E 192 25.87 -11.13 37.41
C PRO E 192 26.33 -9.73 37.04
N HIS E 193 25.78 -9.21 35.93
CA HIS E 193 26.12 -7.87 35.48
C HIS E 193 25.69 -6.83 36.50
N ILE E 194 26.57 -5.86 36.75
CA ILE E 194 26.29 -4.75 37.64
C ILE E 194 26.53 -3.46 36.87
N HIS E 195 25.52 -2.59 36.86
CA HIS E 195 25.64 -1.30 36.20
C HIS E 195 26.32 -0.29 37.13
N ALA E 196 26.82 0.78 36.53
CA ALA E 196 27.39 1.89 37.27
C ALA E 196 26.40 3.05 37.31
N ARG E 197 26.47 3.82 38.39
CA ARG E 197 25.55 4.94 38.60
C ARG E 197 26.34 6.12 39.14
N VAL E 198 26.57 7.13 38.32
CA VAL E 198 27.27 8.35 38.72
C VAL E 198 26.25 9.48 38.71
N TYR E 199 25.92 9.99 39.89
CA TYR E 199 24.94 11.06 40.02
C TYR E 199 25.59 12.29 40.62
N ASN E 200 24.76 13.29 40.93
CA ASN E 200 25.19 14.56 41.51
C ASN E 200 26.23 15.24 40.63
N TYR E 201 25.79 15.61 39.43
CA TYR E 201 26.63 16.32 38.47
C TYR E 201 26.35 17.81 38.58
N GLU E 202 27.40 18.60 38.78
CA GLU E 202 27.24 20.01 39.13
C GLU E 202 26.83 20.89 37.95
N PRO E 203 27.55 20.89 36.81
CA PRO E 203 27.16 21.81 35.72
C PRO E 203 25.81 21.45 35.12
N LEU E 204 24.82 22.31 35.35
CA LEU E 204 23.45 22.04 34.91
C LEU E 204 23.25 22.65 33.53
N THR E 205 23.44 21.83 32.49
CA THR E 205 23.25 22.26 31.11
C THR E 205 21.78 22.10 30.77
N GLN E 206 20.99 23.10 31.16
CA GLN E 206 19.55 23.06 30.97
C GLN E 206 19.20 23.12 29.48
N LEU E 207 17.91 23.03 29.19
CA LEU E 207 17.46 22.87 27.81
C LEU E 207 17.60 24.18 27.06
N LYS E 208 17.07 24.21 25.83
CA LYS E 208 17.18 25.33 24.89
C LYS E 208 18.63 25.60 24.50
N ASN E 209 19.55 24.66 24.79
CA ASN E 209 20.94 24.81 24.39
C ASN E 209 21.54 23.51 23.89
N VAL E 210 20.73 22.48 23.67
CA VAL E 210 21.22 21.20 23.16
C VAL E 210 20.71 21.01 21.74
N ARG E 211 21.48 21.47 20.75
CA ARG E 211 21.05 21.38 19.36
C ARG E 211 21.96 20.49 18.52
N ALA E 212 23.23 20.83 18.39
CA ALA E 212 24.13 20.08 17.53
C ALA E 212 25.36 19.56 18.26
N ASN E 213 26.01 20.45 19.01
CA ASN E 213 27.31 20.11 19.59
C ASN E 213 27.20 19.00 20.63
N TYR E 214 26.19 19.06 21.49
CA TYR E 214 26.06 18.10 22.57
C TYR E 214 25.57 16.76 22.03
N TYR E 215 26.41 16.08 21.26
CA TYR E 215 26.12 14.76 20.73
C TYR E 215 27.14 13.78 21.29
N GLY E 216 26.66 12.81 22.06
CA GLY E 216 27.56 11.89 22.73
C GLY E 216 28.40 12.53 23.82
N LYS E 217 27.81 13.41 24.62
CA LYS E 217 28.50 14.06 25.73
C LYS E 217 27.64 13.98 26.98
N TYR E 218 28.23 13.55 28.08
CA TYR E 218 27.50 13.39 29.34
C TYR E 218 27.08 14.76 29.86
N ILE E 219 25.78 14.93 30.08
CA ILE E 219 25.21 16.20 30.53
C ILE E 219 24.19 15.92 31.64
N ALA E 220 23.54 16.98 32.11
CA ALA E 220 22.52 16.88 33.15
C ALA E 220 21.38 17.82 32.83
N LEU E 221 20.18 17.48 33.29
CA LEU E 221 18.98 18.26 33.03
C LEU E 221 18.20 18.47 34.32
N ARG E 222 17.00 19.03 34.19
CA ARG E 222 16.05 19.17 35.30
C ARG E 222 14.69 19.51 34.73
N GLY E 223 13.67 18.74 35.11
CA GLY E 223 12.34 18.99 34.58
C GLY E 223 11.31 18.10 35.23
N THR E 224 10.14 18.04 34.61
CA THR E 224 9.00 17.26 35.08
C THR E 224 8.70 16.15 34.09
N VAL E 225 7.76 15.28 34.47
CA VAL E 225 7.38 14.11 33.68
C VAL E 225 5.87 14.14 33.45
N VAL E 226 5.45 13.89 32.22
CA VAL E 226 4.03 14.00 31.87
C VAL E 226 3.50 12.84 31.05
N ARG E 227 4.31 11.98 30.45
CA ARG E 227 3.82 11.03 29.46
C ARG E 227 4.39 9.63 29.72
N VAL E 228 4.24 9.14 30.95
CA VAL E 228 4.68 7.79 31.27
C VAL E 228 3.94 6.78 30.38
N SER E 229 4.68 5.81 29.87
CA SER E 229 4.16 4.84 28.90
C SER E 229 4.21 3.43 29.50
N ASN E 230 3.90 2.44 28.67
CA ASN E 230 3.80 1.05 29.09
C ASN E 230 5.12 0.32 28.85
N ILE E 231 5.26 -0.83 29.50
CA ILE E 231 6.49 -1.61 29.47
C ILE E 231 6.43 -2.63 28.34
N LYS E 232 7.53 -2.75 27.60
CA LYS E 232 7.66 -3.77 26.57
C LYS E 232 9.12 -4.23 26.46
N PRO E 233 9.38 -5.52 26.56
CA PRO E 233 10.76 -6.00 26.58
C PRO E 233 11.45 -5.84 25.24
N LEU E 234 12.77 -6.05 25.27
CA LEU E 234 13.60 -6.08 24.07
C LEU E 234 14.81 -6.96 24.35
N CYS E 235 15.46 -7.40 23.28
CA CYS E 235 16.60 -8.31 23.39
C CYS E 235 17.87 -7.61 22.94
N THR E 236 18.98 -7.92 23.62
CA THR E 236 20.28 -7.33 23.31
C THR E 236 21.36 -8.32 22.95
N LYS E 237 21.22 -9.59 23.33
CA LYS E 237 22.26 -10.59 23.10
C LYS E 237 21.66 -11.89 22.60
N MET E 238 20.71 -11.81 21.67
CA MET E 238 20.08 -13.01 21.15
C MET E 238 21.06 -13.81 20.30
N ALA E 239 20.93 -15.13 20.36
CA ALA E 239 21.93 -16.03 19.82
C ALA E 239 21.64 -16.37 18.35
N PHE E 240 22.62 -17.03 17.72
CA PHE E 240 22.51 -17.46 16.34
C PHE E 240 22.88 -18.94 16.26
N LEU E 241 22.54 -19.55 15.12
CA LEU E 241 22.84 -20.95 14.86
C LEU E 241 24.27 -21.07 14.31
N CYS E 242 24.79 -22.29 14.28
CA CYS E 242 26.17 -22.54 13.89
C CYS E 242 26.19 -23.38 12.63
N ALA E 243 27.27 -23.25 11.86
CA ALA E 243 27.45 -23.98 10.62
C ALA E 243 28.28 -25.24 10.85
N ALA E 244 28.01 -26.26 10.03
CA ALA E 244 28.73 -27.52 10.08
C ALA E 244 28.66 -28.14 11.48
N CYS E 245 29.74 -28.01 12.24
CA CYS E 245 29.82 -28.57 13.58
C CYS E 245 29.05 -27.66 14.54
N GLY E 246 29.29 -27.84 15.85
CA GLY E 246 28.55 -27.08 16.84
C GLY E 246 29.14 -25.71 17.08
N GLU E 247 29.40 -25.38 18.35
CA GLU E 247 29.97 -24.09 18.75
C GLU E 247 29.06 -22.94 18.33
N ILE E 248 27.86 -22.90 18.91
CA ILE E 248 26.93 -21.80 18.72
C ILE E 248 27.49 -20.56 19.42
N GLN E 249 26.95 -19.38 19.10
CA GLN E 249 27.49 -18.13 19.60
C GLN E 249 26.36 -17.21 20.04
N SER E 250 26.73 -16.18 20.79
CA SER E 250 25.81 -15.22 21.39
C SER E 250 26.23 -13.80 21.04
N PHE E 251 26.46 -13.55 19.75
CA PHE E 251 26.93 -12.29 19.17
C PHE E 251 26.23 -11.10 19.83
N PRO E 252 27.00 -10.11 20.31
CA PRO E 252 26.38 -8.97 21.02
C PRO E 252 25.71 -7.99 20.07
N LEU E 253 24.44 -8.27 19.74
CA LEU E 253 23.70 -7.41 18.84
C LEU E 253 23.57 -6.01 19.43
N PRO E 254 23.87 -4.96 18.66
CA PRO E 254 23.89 -3.61 19.23
C PRO E 254 22.54 -2.90 19.20
N ASP E 255 22.20 -2.31 20.34
CA ASP E 255 21.02 -1.48 20.58
C ASP E 255 19.78 -1.95 19.83
N GLY E 256 19.48 -3.24 19.90
CA GLY E 256 18.24 -3.76 19.37
C GLY E 256 18.04 -3.57 17.88
N LYS E 257 19.10 -3.64 17.09
CA LYS E 257 19.01 -3.55 15.65
C LYS E 257 19.52 -4.85 15.05
N TYR E 258 18.66 -5.53 14.28
CA TYR E 258 19.00 -6.84 13.74
C TYR E 258 20.17 -6.73 12.76
N SER E 259 21.15 -7.61 12.94
CA SER E 259 22.32 -7.65 12.06
C SER E 259 22.66 -9.11 11.80
N LEU E 260 23.77 -9.34 11.13
CA LEU E 260 24.20 -10.69 10.79
C LEU E 260 25.68 -10.87 11.09
N PRO E 261 26.07 -12.01 11.67
CA PRO E 261 27.50 -12.32 11.88
C PRO E 261 28.14 -12.91 10.62
N THR E 262 28.56 -12.03 9.72
CA THR E 262 29.16 -12.47 8.47
C THR E 262 30.43 -13.27 8.72
N LYS E 263 31.11 -13.02 9.83
CA LYS E 263 32.24 -13.83 10.24
C LYS E 263 31.92 -14.58 11.52
N CYS E 264 32.34 -15.83 11.60
CA CYS E 264 32.31 -16.59 12.84
C CYS E 264 33.75 -16.88 13.25
N PRO E 265 34.20 -16.41 14.41
CA PRO E 265 35.58 -16.68 14.83
C PRO E 265 35.87 -18.16 14.94
N VAL E 266 35.09 -18.87 15.76
CA VAL E 266 35.13 -20.32 16.01
C VAL E 266 36.58 -20.84 16.02
N PRO E 267 36.84 -22.15 15.86
CA PRO E 267 38.23 -22.54 15.56
C PRO E 267 38.71 -22.16 14.17
N VAL E 268 38.01 -22.58 13.12
CA VAL E 268 38.51 -22.53 11.75
C VAL E 268 37.34 -22.29 10.79
N CYS E 269 37.69 -22.30 9.49
CA CYS E 269 36.81 -22.45 8.32
C CYS E 269 35.77 -21.34 8.16
N ARG E 270 34.84 -21.57 7.23
CA ARG E 270 33.95 -20.55 6.71
C ARG E 270 32.90 -20.12 7.74
N GLY E 271 32.27 -18.98 7.47
CA GLY E 271 31.29 -18.42 8.37
C GLY E 271 29.83 -18.71 8.03
N ARG E 272 29.14 -17.70 7.48
CA ARG E 272 27.71 -17.72 7.18
C ARG E 272 26.93 -18.03 8.46
N SER E 273 26.28 -19.18 8.55
CA SER E 273 25.51 -19.57 9.73
C SER E 273 24.45 -18.53 10.05
N PHE E 274 23.81 -18.00 9.03
CA PHE E 274 22.77 -16.98 9.19
C PHE E 274 21.44 -17.66 9.47
N THR E 275 21.21 -18.03 10.73
CA THR E 275 19.96 -18.63 11.16
C THR E 275 19.73 -18.24 12.61
N ALA E 276 18.46 -18.15 13.00
CA ALA E 276 18.08 -17.70 14.33
C ALA E 276 17.70 -18.90 15.19
N LEU E 277 17.99 -18.78 16.49
CA LEU E 277 17.78 -19.83 17.48
C LEU E 277 17.12 -19.24 18.73
N ARG E 278 16.03 -18.50 18.53
CA ARG E 278 15.46 -17.71 19.62
C ARG E 278 14.71 -18.59 20.62
N SER E 279 15.37 -19.64 21.10
CA SER E 279 14.87 -20.45 22.21
C SER E 279 15.93 -20.80 23.24
N SER E 280 17.22 -20.77 22.89
CA SER E 280 18.27 -21.16 23.81
C SER E 280 18.39 -20.13 24.93
N PRO E 281 18.83 -20.54 26.13
CA PRO E 281 19.01 -19.60 27.23
C PRO E 281 20.11 -18.58 27.01
N LEU E 282 20.79 -18.59 25.86
CA LEU E 282 21.79 -17.56 25.58
C LEU E 282 21.14 -16.20 25.38
N THR E 283 19.94 -16.16 24.81
CA THR E 283 19.26 -14.89 24.59
C THR E 283 18.87 -14.25 25.92
N VAL E 284 19.12 -12.95 26.04
CA VAL E 284 18.82 -12.20 27.25
C VAL E 284 17.92 -11.03 26.88
N THR E 285 16.94 -10.74 27.73
CA THR E 285 16.00 -9.65 27.51
C THR E 285 15.90 -8.79 28.76
N MET E 286 15.56 -7.52 28.55
CA MET E 286 15.47 -6.54 29.62
C MET E 286 14.27 -5.65 29.37
N ASP E 287 13.95 -4.81 30.36
CA ASP E 287 12.78 -3.96 30.29
C ASP E 287 13.04 -2.73 29.41
N TRP E 288 12.04 -1.86 29.34
CA TRP E 288 12.08 -0.66 28.51
C TRP E 288 10.93 0.24 28.92
N GLN E 289 11.02 1.51 28.54
CA GLN E 289 9.98 2.49 28.82
C GLN E 289 10.25 3.72 27.96
N SER E 290 9.53 4.81 28.22
CA SER E 290 9.73 6.06 27.53
C SER E 290 9.05 7.18 28.34
N ILE E 291 9.78 8.28 28.53
CA ILE E 291 9.29 9.40 29.33
C ILE E 291 9.46 10.69 28.55
N LYS E 292 8.51 11.60 28.68
CA LYS E 292 8.55 12.90 28.04
C LYS E 292 8.69 13.98 29.11
N ILE E 293 9.65 14.89 28.92
CA ILE E 293 9.97 15.92 29.91
C ILE E 293 9.63 17.29 29.34
N GLN E 294 8.91 18.08 30.12
CA GLN E 294 8.64 19.49 29.81
C GLN E 294 9.42 20.34 30.80
N GLU E 295 10.32 21.18 30.28
CA GLU E 295 11.20 21.96 31.13
C GLU E 295 10.43 23.07 31.83
N LEU E 296 10.91 23.46 33.01
CA LEU E 296 10.20 24.33 33.92
C LEU E 296 10.09 25.75 33.35
N MET E 297 9.45 26.64 34.10
CA MET E 297 9.33 28.02 33.67
C MET E 297 10.67 28.74 33.68
N SER E 298 11.54 28.40 34.64
CA SER E 298 12.87 28.98 34.77
C SER E 298 12.86 30.50 34.71
N ASP E 299 13.21 31.06 33.56
CA ASP E 299 13.31 32.50 33.38
C ASP E 299 12.97 32.83 31.93
N ASP E 300 13.35 34.02 31.48
CA ASP E 300 13.08 34.50 30.12
C ASP E 300 11.57 34.51 29.85
N GLN E 301 10.87 35.35 30.61
CA GLN E 301 9.41 35.46 30.52
C GLN E 301 9.01 36.21 29.25
N ARG E 302 9.27 35.56 28.11
CA ARG E 302 8.89 36.12 26.82
C ARG E 302 7.38 36.12 26.65
N GLU E 303 6.86 37.13 25.95
CA GLU E 303 5.43 37.24 25.74
C GLU E 303 4.93 36.21 24.73
N ALA E 304 5.80 35.76 23.84
CA ALA E 304 5.41 34.78 22.83
C ALA E 304 4.97 33.48 23.49
N GLY E 305 3.86 32.93 23.00
CA GLY E 305 3.29 31.73 23.58
C GLY E 305 3.89 30.44 23.05
N ARG E 306 5.21 30.39 22.92
CA ARG E 306 5.88 29.17 22.49
C ARG E 306 6.07 28.26 23.70
N ILE E 307 5.50 27.06 23.62
CA ILE E 307 5.59 26.09 24.72
C ILE E 307 7.04 25.65 24.87
N PRO E 308 7.51 25.34 26.08
CA PRO E 308 8.91 24.94 26.24
C PRO E 308 9.21 23.65 25.51
N ARG E 309 10.45 23.53 25.05
CA ARG E 309 10.87 22.35 24.29
C ARG E 309 10.83 21.11 25.16
N THR E 310 10.56 19.97 24.51
CA THR E 310 10.46 18.69 25.18
C THR E 310 11.44 17.70 24.58
N ILE E 311 12.09 16.91 25.43
CA ILE E 311 13.06 15.91 25.00
C ILE E 311 12.72 14.60 25.70
N GLU E 312 12.86 13.50 24.96
CA GLU E 312 12.46 12.18 25.45
C GLU E 312 13.55 11.56 26.32
N CYS E 313 13.19 10.48 27.01
CA CYS E 313 14.12 9.70 27.80
C CYS E 313 13.80 8.23 27.61
N GLU E 314 14.76 7.38 27.97
CA GLU E 314 14.64 5.94 27.77
C GLU E 314 15.27 5.22 28.95
N LEU E 315 14.45 4.69 29.84
CA LEU E 315 14.94 3.90 30.96
C LEU E 315 15.20 2.47 30.49
N VAL E 316 16.30 1.88 30.94
CA VAL E 316 16.78 0.65 30.33
C VAL E 316 16.56 -0.57 31.21
N HIS E 317 17.06 -0.55 32.44
CA HIS E 317 17.05 -1.76 33.27
C HIS E 317 17.15 -1.37 34.74
N ASP E 318 16.46 -2.14 35.57
CA ASP E 318 16.47 -2.00 37.03
C ASP E 318 15.78 -0.71 37.45
N LEU E 319 15.42 0.11 36.47
CA LEU E 319 14.55 1.25 36.63
C LEU E 319 13.12 0.79 36.31
N VAL E 320 12.22 1.73 36.04
CA VAL E 320 10.85 1.52 35.57
C VAL E 320 9.93 1.56 36.77
N ASP E 321 8.78 2.24 36.61
CA ASP E 321 7.83 2.50 37.70
C ASP E 321 8.48 3.33 38.81
N SER E 322 9.47 4.13 38.44
CA SER E 322 10.15 5.03 39.35
C SER E 322 9.60 6.45 39.30
N CYS E 323 8.63 6.72 38.43
CA CYS E 323 8.06 8.05 38.27
C CYS E 323 6.56 7.95 38.00
N VAL E 324 5.85 9.00 38.38
CA VAL E 324 4.41 9.09 38.16
C VAL E 324 4.13 10.43 37.49
N PRO E 325 3.03 10.59 36.74
CA PRO E 325 2.80 11.86 36.03
C PRO E 325 2.79 13.08 36.94
N GLY E 326 3.84 13.89 36.81
CA GLY E 326 3.98 15.13 37.53
C GLY E 326 4.91 14.98 38.72
N ASP E 327 6.19 15.33 38.53
CA ASP E 327 7.22 15.18 39.54
C ASP E 327 8.16 16.38 39.45
N THR E 328 9.31 16.27 40.11
CA THR E 328 10.43 17.20 39.97
C THR E 328 11.70 16.35 40.06
N VAL E 329 12.20 15.92 38.90
CA VAL E 329 13.26 14.93 38.84
C VAL E 329 14.48 15.52 38.15
N THR E 330 15.65 14.98 38.49
CA THR E 330 16.92 15.34 37.87
C THR E 330 17.45 14.10 37.14
N ILE E 331 17.73 14.26 35.84
CA ILE E 331 18.14 13.15 34.99
C ILE E 331 19.50 13.46 34.41
N THR E 332 20.43 12.51 34.51
CA THR E 332 21.75 12.61 33.90
C THR E 332 21.95 11.41 32.99
N GLY E 333 22.39 11.66 31.77
CA GLY E 333 22.60 10.56 30.83
C GLY E 333 23.23 11.04 29.55
N ILE E 334 23.60 10.07 28.73
CA ILE E 334 24.23 10.35 27.44
C ILE E 334 23.18 10.86 26.46
N VAL E 335 23.63 11.68 25.51
CA VAL E 335 22.77 12.22 24.45
C VAL E 335 23.10 11.48 23.17
N LYS E 336 22.14 10.73 22.65
CA LYS E 336 22.30 10.01 21.40
C LYS E 336 21.29 10.52 20.38
N VAL E 337 21.41 10.04 19.14
CA VAL E 337 20.59 10.49 18.04
C VAL E 337 19.76 9.31 17.54
N SER E 338 18.45 9.50 17.47
CA SER E 338 17.53 8.45 17.04
C SER E 338 17.59 8.31 15.53
N ASN E 339 16.68 7.51 14.97
CA ASN E 339 16.62 7.30 13.54
C ASN E 339 15.20 6.90 13.16
N ALA E 340 14.84 7.17 11.91
CA ALA E 340 13.53 6.81 11.36
C ALA E 340 12.41 7.37 12.23
N GLU E 341 12.35 8.70 12.30
CA GLU E 341 11.33 9.39 13.09
C GLU E 341 9.93 9.06 12.57
N LYS E 350 16.83 8.23 4.10
CA LYS E 350 16.12 9.13 5.00
C LYS E 350 17.00 9.57 6.16
N CYS E 351 17.76 10.64 5.94
CA CYS E 351 18.67 11.17 6.95
C CYS E 351 17.97 12.28 7.73
N MET E 352 16.90 11.91 8.41
CA MET E 352 16.07 12.83 9.19
C MET E 352 15.94 12.24 10.59
N PHE E 353 16.62 12.83 11.57
CA PHE E 353 16.65 12.29 12.93
C PHE E 353 16.25 13.36 13.94
N LEU E 354 16.09 12.92 15.18
CA LEU E 354 15.84 13.77 16.34
C LEU E 354 16.86 13.45 17.42
N LEU E 355 16.67 14.03 18.60
CA LEU E 355 17.57 13.85 19.74
C LEU E 355 16.79 13.34 20.94
N TYR E 356 17.31 12.29 21.57
CA TYR E 356 16.78 11.77 22.83
C TYR E 356 17.93 11.43 23.75
N ILE E 357 17.60 11.16 25.01
CA ILE E 357 18.60 10.95 26.06
C ILE E 357 18.41 9.56 26.64
N GLU E 358 19.49 8.78 26.67
CA GLU E 358 19.50 7.47 27.32
C GLU E 358 19.89 7.67 28.78
N ALA E 359 18.93 7.48 29.69
CA ALA E 359 19.14 7.82 31.08
C ALA E 359 20.19 6.92 31.72
N ASN E 360 20.86 7.45 32.75
CA ASN E 360 21.88 6.73 33.48
C ASN E 360 21.74 6.85 34.99
N SER E 361 20.87 7.74 35.49
CA SER E 361 20.63 7.90 36.91
C SER E 361 19.42 8.80 37.09
N ILE E 362 18.58 8.48 38.08
CA ILE E 362 17.39 9.25 38.37
C ILE E 362 17.35 9.59 39.85
N SER E 363 16.82 10.76 40.17
CA SER E 363 16.61 11.15 41.56
C SER E 363 15.15 11.53 41.75
N ASN E 364 14.81 12.10 42.91
CA ASN E 364 13.44 12.51 43.18
C ASN E 364 13.47 13.62 44.22
N SER E 365 12.29 14.04 44.64
CA SER E 365 12.16 15.10 45.64
C SER E 365 10.80 15.04 46.33
N MET F 1 34.92 31.61 -12.96
CA MET F 1 35.43 32.97 -12.79
C MET F 1 36.94 33.02 -12.97
N ASN F 2 37.48 34.22 -13.17
CA ASN F 2 38.90 34.38 -13.33
C ASN F 2 39.64 34.14 -12.01
N SER F 3 40.90 33.76 -12.12
CA SER F 3 41.69 33.46 -10.92
C SER F 3 41.92 34.71 -10.07
N ASP F 4 42.17 35.85 -10.71
CA ASP F 4 42.50 37.07 -9.97
C ASP F 4 41.27 37.69 -9.32
N GLN F 5 40.08 37.49 -9.87
CA GLN F 5 38.89 38.15 -9.37
C GLN F 5 38.56 37.71 -7.95
N VAL F 6 38.60 36.40 -7.70
CA VAL F 6 38.28 35.89 -6.37
C VAL F 6 39.30 36.39 -5.35
N THR F 7 40.58 36.40 -5.74
CA THR F 7 41.60 36.92 -4.85
C THR F 7 41.35 38.38 -4.50
N LEU F 8 41.08 39.21 -5.52
CA LEU F 8 40.85 40.62 -5.29
C LEU F 8 39.66 40.85 -4.38
N VAL F 9 38.57 40.10 -4.62
CA VAL F 9 37.43 40.15 -3.72
C VAL F 9 37.86 39.80 -2.29
N GLY F 10 38.74 38.81 -2.17
CA GLY F 10 39.23 38.43 -0.84
C GLY F 10 39.96 39.56 -0.14
N GLN F 11 40.88 40.23 -0.85
CA GLN F 11 41.60 41.32 -0.20
C GLN F 11 40.67 42.48 0.15
N VAL F 12 39.71 42.78 -0.73
CA VAL F 12 38.76 43.85 -0.41
C VAL F 12 37.99 43.53 0.86
N PHE F 13 37.49 42.30 0.95
CA PHE F 13 36.73 41.90 2.13
C PHE F 13 37.58 41.96 3.40
N GLU F 14 38.80 41.41 3.35
CA GLU F 14 39.60 41.37 4.58
C GLU F 14 40.02 42.77 5.00
N SER F 15 40.32 43.64 4.03
CA SER F 15 40.67 45.02 4.35
C SER F 15 39.51 45.73 5.02
N TYR F 16 38.30 45.60 4.46
CA TYR F 16 37.15 46.26 5.06
C TYR F 16 36.87 45.73 6.46
N VAL F 17 36.90 44.40 6.63
CA VAL F 17 36.55 43.82 7.92
C VAL F 17 37.60 44.14 8.97
N SER F 18 38.87 44.27 8.56
CA SER F 18 39.90 44.65 9.51
C SER F 18 39.83 46.13 9.84
N GLU F 19 39.35 46.95 8.91
CA GLU F 19 39.35 48.39 9.15
C GLU F 19 38.15 48.83 9.98
N TYR F 20 36.98 48.20 9.81
CA TYR F 20 35.79 48.65 10.53
C TYR F 20 35.16 47.59 11.43
N HIS F 21 35.77 46.43 11.59
CA HIS F 21 35.11 45.37 12.36
C HIS F 21 36.08 44.69 13.33
N LYS F 22 36.88 45.47 14.06
CA LYS F 22 37.75 44.88 15.06
C LYS F 22 36.98 44.51 16.33
N ASN F 23 35.96 45.29 16.68
CA ASN F 23 35.31 45.13 17.99
C ASN F 23 34.50 43.84 18.05
N ASP F 24 33.68 43.59 17.02
CA ASP F 24 32.87 42.38 17.01
C ASP F 24 33.73 41.13 16.94
N ILE F 25 34.82 41.18 16.17
CA ILE F 25 35.74 40.05 16.11
C ILE F 25 36.37 39.82 17.48
N LEU F 26 36.73 40.90 18.18
CA LEU F 26 37.32 40.75 19.51
C LEU F 26 36.34 40.10 20.48
N LEU F 27 35.08 40.53 20.46
CA LEU F 27 34.09 39.90 21.33
C LEU F 27 33.84 38.44 20.95
N ILE F 28 33.82 38.13 19.65
CA ILE F 28 33.61 36.75 19.23
C ILE F 28 34.75 35.87 19.70
N LEU F 29 35.99 36.37 19.59
CA LEU F 29 37.15 35.60 20.04
C LEU F 29 37.10 35.36 21.53
N LYS F 30 36.70 36.37 22.31
CA LYS F 30 36.64 36.27 23.77
C LYS F 30 35.31 35.66 24.20
N GLU F 31 35.14 34.38 23.89
CA GLU F 31 33.94 33.65 24.24
C GLU F 31 34.28 32.19 24.51
N ARG F 32 33.42 31.53 25.29
CA ARG F 32 33.62 30.13 25.61
C ARG F 32 33.17 29.25 24.45
N ASP F 33 33.33 27.94 24.62
CA ASP F 33 33.03 26.92 23.61
C ASP F 33 34.00 27.06 22.43
N GLU F 34 34.22 25.97 21.70
CA GLU F 34 35.18 25.97 20.60
C GLU F 34 34.55 25.92 19.23
N ASP F 35 33.50 25.12 19.03
CA ASP F 35 32.98 24.86 17.68
C ASP F 35 31.46 24.94 17.66
N ALA F 36 30.86 25.94 18.31
CA ALA F 36 29.40 25.97 18.30
C ALA F 36 28.86 26.62 17.02
N HIS F 37 29.02 27.94 16.90
CA HIS F 37 28.77 28.79 15.72
C HIS F 37 28.94 30.26 16.10
N TYR F 38 29.36 31.09 15.15
CA TYR F 38 29.54 32.52 15.42
C TYR F 38 29.37 33.35 14.15
N PRO F 39 28.33 34.19 14.07
CA PRO F 39 28.13 35.01 12.87
C PRO F 39 28.73 36.40 12.98
N VAL F 40 28.89 37.08 11.83
CA VAL F 40 29.37 38.45 11.78
C VAL F 40 28.46 39.24 10.85
N VAL F 41 28.03 40.42 11.30
CA VAL F 41 27.14 41.29 10.52
C VAL F 41 27.98 42.33 9.81
N VAL F 42 27.81 42.44 8.49
CA VAL F 42 28.52 43.41 7.67
C VAL F 42 27.51 44.18 6.84
N ASN F 43 27.68 45.50 6.76
CA ASN F 43 26.81 46.33 5.95
C ASN F 43 27.21 46.23 4.48
N ALA F 44 26.32 46.69 3.61
CA ALA F 44 26.50 46.57 2.16
C ALA F 44 26.77 47.88 1.46
N MET F 45 26.06 48.95 1.83
CA MET F 45 26.18 50.21 1.09
C MET F 45 27.60 50.78 1.18
N THR F 46 28.20 50.74 2.36
CA THR F 46 29.56 51.25 2.51
C THR F 46 30.54 50.43 1.69
N LEU F 47 30.40 49.11 1.70
CA LEU F 47 31.28 48.26 0.91
C LEU F 47 31.14 48.53 -0.57
N PHE F 48 29.91 48.75 -1.04
CA PHE F 48 29.70 48.96 -2.47
C PHE F 48 30.15 50.35 -2.91
N GLU F 49 30.03 51.36 -2.04
CA GLU F 49 30.53 52.68 -2.40
C GLU F 49 32.04 52.76 -2.29
N THR F 50 32.66 51.92 -1.45
CA THR F 50 34.10 51.92 -1.32
C THR F 50 34.78 51.51 -2.63
N ASN F 51 34.27 50.46 -3.27
CA ASN F 51 34.81 49.97 -4.52
C ASN F 51 33.68 49.67 -5.48
N MET F 52 33.84 50.09 -6.74
CA MET F 52 32.79 49.95 -7.75
C MET F 52 32.86 48.62 -8.48
N GLU F 53 33.79 47.74 -8.12
CA GLU F 53 33.91 46.44 -8.77
C GLU F 53 33.34 45.29 -7.95
N ILE F 54 33.21 45.46 -6.63
CA ILE F 54 32.67 44.39 -5.79
C ILE F 54 31.19 44.17 -6.08
N GLY F 55 30.45 45.25 -6.35
CA GLY F 55 29.02 45.12 -6.60
C GLY F 55 28.71 44.35 -7.87
N GLU F 56 29.45 44.64 -8.95
CA GLU F 56 29.26 43.91 -10.20
C GLU F 56 29.61 42.43 -10.02
N TYR F 57 30.76 42.15 -9.39
CA TYR F 57 31.15 40.76 -9.18
C TYR F 57 30.21 40.03 -8.23
N PHE F 58 29.48 40.77 -7.38
CA PHE F 58 28.58 40.15 -6.42
C PHE F 58 27.21 39.88 -7.03
N ASN F 59 26.53 40.92 -7.53
CA ASN F 59 25.13 40.77 -7.89
C ASN F 59 24.91 40.19 -9.29
N MET F 60 25.64 39.11 -9.63
CA MET F 60 25.19 38.15 -10.63
C MET F 60 25.47 36.71 -10.25
N PHE F 61 26.35 36.44 -9.28
CA PHE F 61 26.65 35.08 -8.83
C PHE F 61 26.66 35.05 -7.31
N PRO F 62 25.49 35.14 -6.66
CA PRO F 62 25.49 35.17 -5.19
C PRO F 62 25.82 33.83 -4.55
N SER F 63 26.87 33.16 -5.02
CA SER F 63 27.31 31.90 -4.44
C SER F 63 28.75 31.96 -3.95
N GLU F 64 29.68 32.43 -4.78
CA GLU F 64 31.09 32.43 -4.41
C GLU F 64 31.43 33.56 -3.45
N VAL F 65 30.68 34.65 -3.49
CA VAL F 65 31.00 35.82 -2.68
C VAL F 65 30.93 35.48 -1.19
N LEU F 66 29.91 34.73 -0.78
CA LEU F 66 29.78 34.38 0.63
C LEU F 66 30.94 33.52 1.11
N THR F 67 31.33 32.52 0.32
CA THR F 67 32.45 31.66 0.70
C THR F 67 33.75 32.46 0.75
N ILE F 68 33.96 33.36 -0.21
CA ILE F 68 35.17 34.18 -0.20
C ILE F 68 35.20 35.08 1.03
N PHE F 69 34.05 35.66 1.40
CA PHE F 69 34.02 36.51 2.58
C PHE F 69 34.26 35.70 3.84
N ASP F 70 33.76 34.45 3.87
CA ASP F 70 34.05 33.56 5.00
C ASP F 70 35.55 33.29 5.11
N SER F 71 36.20 33.00 3.99
CA SER F 71 37.64 32.76 4.02
C SER F 71 38.40 34.01 4.47
N ALA F 72 37.97 35.19 4.02
CA ALA F 72 38.58 36.42 4.45
C ALA F 72 38.43 36.62 5.95
N LEU F 73 37.23 36.31 6.49
CA LEU F 73 37.01 36.42 7.92
C LEU F 73 37.92 35.47 8.69
N ARG F 74 38.08 34.24 8.18
CA ARG F 74 38.97 33.29 8.85
C ARG F 74 40.41 33.78 8.84
N ARG F 75 40.87 34.33 7.71
CA ARG F 75 42.22 34.87 7.65
C ARG F 75 42.40 36.05 8.60
N SER F 76 41.39 36.91 8.71
CA SER F 76 41.46 38.01 9.65
C SER F 76 41.54 37.50 11.08
N ALA F 77 40.79 36.45 11.40
CA ALA F 77 40.86 35.87 12.74
C ALA F 77 42.25 35.31 13.01
N LEU F 78 42.85 34.64 12.03
CA LEU F 78 44.22 34.15 12.20
C LEU F 78 45.18 35.30 12.46
N THR F 79 45.06 36.38 11.69
CA THR F 79 45.96 37.51 11.85
C THR F 79 45.82 38.16 13.23
N ILE F 80 44.57 38.34 13.69
CA ILE F 80 44.36 38.94 15.00
C ILE F 80 44.87 38.04 16.11
N LEU F 81 44.68 36.72 15.97
CA LEU F 81 45.21 35.80 16.98
C LEU F 81 46.73 35.87 17.03
N GLN F 82 47.38 35.90 15.85
CA GLN F 82 48.84 35.99 15.82
C GLN F 82 49.33 37.29 16.44
N SER F 83 48.67 38.40 16.13
CA SER F 83 49.03 39.70 16.69
C SER F 83 48.16 40.03 17.90
N LEU F 84 48.31 39.23 18.94
CA LEU F 84 47.56 39.38 20.18
C LEU F 84 48.52 39.52 21.35
N SER F 85 48.13 40.35 22.33
CA SER F 85 48.99 40.63 23.48
C SER F 85 48.55 39.94 24.76
N GLN F 86 47.33 39.43 24.84
CA GLN F 86 46.80 38.79 26.04
C GLN F 86 46.28 37.40 25.66
N PRO F 87 47.17 36.42 25.46
CA PRO F 87 46.75 35.08 25.04
C PRO F 87 46.38 34.16 26.20
N GLU F 88 45.57 34.66 27.12
CA GLU F 88 45.10 33.86 28.25
C GLU F 88 43.59 33.65 28.25
N ALA F 89 42.81 34.72 28.16
CA ALA F 89 41.35 34.61 28.12
C ALA F 89 40.83 34.67 26.69
N VAL F 90 41.36 33.81 25.82
CA VAL F 90 40.97 33.77 24.41
C VAL F 90 40.75 32.34 23.97
N SER F 91 39.97 32.18 22.92
CA SER F 91 39.67 30.87 22.36
C SER F 91 39.49 31.01 20.85
N MET F 92 39.94 30.00 20.12
CA MET F 92 39.87 30.01 18.66
C MET F 92 38.64 29.24 18.19
N LYS F 93 37.88 29.85 17.28
CA LYS F 93 36.70 29.23 16.70
C LYS F 93 36.91 29.06 15.20
N GLN F 94 36.68 27.85 14.71
CA GLN F 94 36.85 27.53 13.30
C GLN F 94 35.54 27.60 12.52
N ASN F 95 34.44 27.98 13.15
CA ASN F 95 33.14 28.06 12.52
C ASN F 95 32.68 29.52 12.51
N LEU F 96 32.96 30.21 11.42
CA LEU F 96 32.51 31.58 11.20
C LEU F 96 31.56 31.63 10.02
N HIS F 97 30.83 32.72 9.90
CA HIS F 97 29.85 32.87 8.84
C HIS F 97 29.71 34.33 8.45
N ALA F 98 29.14 34.55 7.28
CA ALA F 98 28.85 35.88 6.75
C ALA F 98 27.36 36.16 6.83
N ARG F 99 27.02 37.44 6.87
CA ARG F 99 25.62 37.85 6.88
C ARG F 99 25.51 39.25 6.30
N ILE F 100 24.99 39.34 5.07
CA ILE F 100 24.88 40.59 4.35
C ILE F 100 23.59 41.29 4.73
N SER F 101 23.64 42.61 4.84
CA SER F 101 22.43 43.40 5.09
C SER F 101 22.67 44.82 4.60
N GLY F 102 21.57 45.53 4.38
CA GLY F 102 21.64 46.91 3.93
C GLY F 102 21.73 47.05 2.42
N LEU F 103 20.81 46.40 1.70
CA LEU F 103 20.78 46.49 0.25
C LEU F 103 20.22 47.84 -0.18
N PRO F 104 20.50 48.26 -1.43
CA PRO F 104 19.93 49.52 -1.93
C PRO F 104 18.42 49.48 -2.05
N VAL F 105 17.82 50.58 -2.50
CA VAL F 105 16.38 50.71 -2.54
C VAL F 105 15.93 50.60 -4.00
N CYS F 106 16.71 49.87 -4.80
CA CYS F 106 16.34 49.67 -6.19
C CYS F 106 15.02 48.91 -6.28
N PRO F 107 14.15 49.25 -7.23
CA PRO F 107 12.84 48.59 -7.31
C PRO F 107 12.91 47.09 -7.53
N GLU F 108 14.00 46.58 -8.11
CA GLU F 108 14.10 45.16 -8.43
C GLU F 108 14.76 44.33 -7.32
N LEU F 109 15.09 44.94 -6.19
CA LEU F 109 15.68 44.23 -5.08
C LEU F 109 14.89 44.36 -3.78
N VAL F 110 13.77 45.08 -3.79
CA VAL F 110 12.96 45.26 -2.59
C VAL F 110 11.56 44.75 -2.92
N ARG F 111 11.48 43.71 -3.75
CA ARG F 111 10.20 43.20 -4.21
C ARG F 111 9.31 42.82 -3.04
N GLU F 112 8.07 43.30 -3.08
CA GLU F 112 7.06 42.96 -2.09
C GLU F 112 6.17 41.81 -2.53
N HIS F 113 6.42 41.22 -3.69
CA HIS F 113 5.65 40.09 -4.20
C HIS F 113 6.60 38.93 -4.48
N ILE F 114 6.05 37.72 -4.41
CA ILE F 114 6.85 36.52 -4.65
C ILE F 114 7.19 36.43 -6.14
N PRO F 115 8.45 36.21 -6.50
CA PRO F 115 8.79 35.98 -7.91
C PRO F 115 8.17 34.70 -8.41
N LYS F 116 7.76 34.71 -9.69
CA LYS F 116 7.06 33.54 -10.23
C LYS F 116 8.04 32.46 -10.68
N THR F 117 8.78 32.72 -11.76
CA THR F 117 9.83 31.79 -12.17
C THR F 117 11.03 32.46 -12.81
N LYS F 118 11.08 33.78 -12.92
CA LYS F 118 12.15 34.46 -13.64
C LYS F 118 13.25 34.96 -12.72
N ASP F 119 13.19 34.64 -11.43
CA ASP F 119 14.21 35.04 -10.45
C ASP F 119 14.75 33.76 -9.82
N VAL F 120 15.75 33.15 -10.47
CA VAL F 120 16.44 31.99 -9.96
C VAL F 120 17.93 32.30 -9.96
N GLY F 121 18.54 32.25 -8.79
CA GLY F 121 19.93 32.63 -8.64
C GLY F 121 20.18 34.09 -8.34
N HIS F 122 19.14 34.83 -7.94
CA HIS F 122 19.25 36.24 -7.62
C HIS F 122 19.14 36.45 -6.11
N PHE F 123 19.61 37.62 -5.67
CA PHE F 123 19.52 38.02 -4.27
C PHE F 123 18.36 38.99 -4.12
N LEU F 124 17.37 38.62 -3.32
CA LEU F 124 16.13 39.38 -3.22
C LEU F 124 15.90 39.77 -1.76
N SER F 125 14.71 40.33 -1.51
CA SER F 125 14.33 40.73 -0.15
C SER F 125 12.81 40.78 -0.09
N VAL F 126 12.21 39.80 0.58
CA VAL F 126 10.77 39.68 0.65
C VAL F 126 10.32 40.03 2.07
N THR F 127 9.04 40.37 2.20
CA THR F 127 8.44 40.70 3.48
C THR F 127 7.13 39.94 3.63
N GLY F 128 6.82 39.58 4.87
CA GLY F 128 5.59 38.86 5.14
C GLY F 128 5.52 38.46 6.60
N THR F 129 4.47 37.69 6.91
CA THR F 129 4.21 37.18 8.25
C THR F 129 4.52 35.69 8.29
N VAL F 130 4.21 35.07 9.43
CA VAL F 130 4.50 33.66 9.67
C VAL F 130 3.18 32.93 9.93
N ILE F 131 3.04 31.75 9.33
CA ILE F 131 1.85 30.92 9.48
C ILE F 131 2.15 29.64 10.25
N ARG F 132 3.06 28.82 9.73
CA ARG F 132 3.37 27.51 10.29
C ARG F 132 4.79 27.49 10.83
N THR F 133 5.13 26.38 11.51
CA THR F 133 6.46 26.20 12.06
C THR F 133 6.69 24.71 12.30
N SER F 134 7.80 24.19 11.77
CA SER F 134 8.13 22.78 11.92
C SER F 134 8.93 22.58 13.21
N LEU F 135 9.52 21.40 13.36
CA LEU F 135 10.28 21.03 14.55
C LEU F 135 11.77 21.03 14.26
N VAL F 136 12.57 21.24 15.30
CA VAL F 136 14.02 21.25 15.17
C VAL F 136 14.51 19.84 14.89
N LYS F 137 15.29 19.69 13.82
CA LYS F 137 15.77 18.38 13.39
C LYS F 137 17.21 18.51 12.92
N VAL F 138 17.89 17.36 12.82
CA VAL F 138 19.32 17.31 12.56
C VAL F 138 19.58 16.50 11.29
N LEU F 139 20.39 17.05 10.40
CA LEU F 139 20.78 16.41 9.15
C LEU F 139 22.14 15.74 9.27
N GLU F 140 22.46 14.97 8.25
CA GLU F 140 23.78 14.37 8.07
C GLU F 140 24.43 14.97 6.84
N PHE F 141 25.61 15.53 7.00
CA PHE F 141 26.32 16.22 5.93
C PHE F 141 27.68 15.57 5.74
N GLU F 142 27.91 15.01 4.55
CA GLU F 142 29.15 14.32 4.19
C GLU F 142 29.29 13.02 4.96
N ARG F 143 29.87 12.00 4.33
CA ARG F 143 30.00 10.69 4.96
C ARG F 143 31.44 10.21 5.10
N ASP F 144 32.32 10.56 4.16
CA ASP F 144 33.70 10.06 4.16
C ASP F 144 33.72 8.53 4.19
N TYR F 145 33.05 7.94 3.20
CA TYR F 145 32.78 6.50 3.23
C TYR F 145 34.06 5.70 3.07
N MET F 146 33.96 4.41 3.42
CA MET F 146 35.12 3.53 3.40
C MET F 146 35.68 3.39 1.99
N CYS F 147 37.00 3.47 1.88
CA CYS F 147 37.68 3.41 0.59
C CYS F 147 37.71 1.96 0.10
N ASN F 148 37.23 1.74 -1.12
CA ASN F 148 37.16 0.41 -1.71
C ASN F 148 37.97 0.35 -2.99
N LYS F 149 38.84 -0.66 -3.09
CA LYS F 149 39.66 -1.01 -4.24
C LYS F 149 40.75 0.04 -4.51
N CYS F 150 40.77 1.14 -3.78
CA CYS F 150 41.83 2.13 -3.91
C CYS F 150 42.26 2.63 -2.53
N LYS F 151 43.04 3.70 -2.48
CA LYS F 151 43.68 4.12 -1.24
C LYS F 151 43.16 5.45 -0.71
N HIS F 152 43.22 6.51 -1.52
CA HIS F 152 42.85 7.84 -1.03
C HIS F 152 41.36 7.92 -0.72
N VAL F 153 41.03 8.53 0.41
CA VAL F 153 39.64 8.60 0.86
C VAL F 153 38.89 9.66 0.05
N PHE F 154 37.56 9.60 0.13
CA PHE F 154 36.67 10.46 -0.63
C PHE F 154 35.87 11.35 0.30
N VAL F 155 35.55 12.55 -0.17
CA VAL F 155 34.94 13.57 0.67
C VAL F 155 33.66 14.10 0.04
N ILE F 156 32.93 13.23 -0.67
CA ILE F 156 31.70 13.61 -1.38
C ILE F 156 30.72 14.29 -0.44
N LYS F 157 29.98 15.26 -0.95
CA LYS F 157 29.02 16.05 -0.18
C LYS F 157 27.60 15.71 -0.62
N ALA F 158 26.63 16.35 0.03
CA ALA F 158 25.23 16.13 -0.27
C ALA F 158 24.76 17.12 -1.34
N ASP F 159 23.52 16.97 -1.79
CA ASP F 159 22.94 17.85 -2.80
C ASP F 159 21.68 18.47 -2.23
N PHE F 160 21.59 19.81 -2.31
CA PHE F 160 20.39 20.48 -1.81
C PHE F 160 19.22 20.35 -2.76
N GLU F 161 19.48 20.20 -4.06
CA GLU F 161 18.42 20.19 -5.06
C GLU F 161 17.71 18.85 -5.17
N GLN F 162 18.12 17.84 -4.40
CA GLN F 162 17.52 16.52 -4.47
C GLN F 162 16.98 16.09 -3.11
N TYR F 163 16.53 17.05 -2.30
CA TYR F 163 15.96 16.78 -0.98
C TYR F 163 16.98 16.08 -0.07
N TYR F 164 18.24 16.48 -0.20
CA TYR F 164 19.33 15.94 0.63
C TYR F 164 19.42 14.42 0.51
N THR F 165 19.71 13.96 -0.70
CA THR F 165 19.98 12.55 -0.96
C THR F 165 21.42 12.40 -1.44
N PHE F 166 21.91 11.17 -1.41
CA PHE F 166 23.30 10.88 -1.74
C PHE F 166 23.36 10.03 -3.00
N CYS F 167 24.22 10.43 -3.93
CA CYS F 167 24.40 9.72 -5.19
C CYS F 167 25.62 8.81 -5.08
N ARG F 168 25.49 7.58 -5.56
CA ARG F 168 26.57 6.62 -5.45
C ARG F 168 27.62 6.90 -6.52
N PRO F 169 28.85 7.21 -6.14
CA PRO F 169 29.90 7.46 -7.14
C PRO F 169 30.50 6.18 -7.67
N SER F 170 30.93 6.24 -8.94
CA SER F 170 31.61 5.11 -9.58
C SER F 170 32.87 5.49 -10.34
N SER F 171 33.01 6.74 -10.76
CA SER F 171 34.18 7.20 -11.50
C SER F 171 35.10 7.95 -10.55
N CYS F 172 36.14 7.26 -10.07
CA CYS F 172 37.06 7.89 -9.14
C CYS F 172 37.91 8.94 -9.86
N PRO F 173 38.11 10.11 -9.24
CA PRO F 173 38.99 11.13 -9.85
C PRO F 173 40.46 10.82 -9.67
N SER F 174 40.77 9.57 -9.29
CA SER F 174 42.16 9.18 -9.07
C SER F 174 42.99 9.40 -10.33
N LEU F 175 44.28 9.70 -10.13
CA LEU F 175 45.17 9.99 -11.24
C LEU F 175 45.28 8.78 -12.17
N GLU F 176 45.38 7.58 -11.61
CA GLU F 176 45.46 6.37 -12.42
C GLU F 176 44.07 5.98 -12.92
N SER F 177 44.01 4.86 -13.64
CA SER F 177 42.75 4.38 -14.20
C SER F 177 41.88 3.63 -13.20
N CYS F 178 42.37 3.40 -11.99
CA CYS F 178 41.60 2.67 -10.99
C CYS F 178 40.37 3.47 -10.59
N ASP F 179 39.21 2.80 -10.59
CA ASP F 179 37.96 3.44 -10.22
C ASP F 179 36.97 2.37 -9.79
N SER F 180 36.24 2.66 -8.72
CA SER F 180 35.24 1.72 -8.20
C SER F 180 33.85 2.35 -8.21
N PRO F 193 28.91 8.48 12.09
CA PRO F 193 28.58 9.77 11.47
C PRO F 193 28.69 10.93 12.47
N THR F 194 29.92 11.38 12.72
CA THR F 194 30.15 12.48 13.66
C THR F 194 30.09 13.83 12.96
N ARG F 195 29.03 14.04 12.18
CA ARG F 195 28.78 15.31 11.53
C ARG F 195 27.30 15.65 11.72
N CYS F 196 27.01 16.93 11.96
CA CYS F 196 25.63 17.32 12.21
C CYS F 196 25.44 18.79 11.86
N ARG F 197 24.19 19.14 11.59
CA ARG F 197 23.78 20.51 11.28
C ARG F 197 22.44 20.76 11.97
N ASP F 198 21.76 21.82 11.56
CA ASP F 198 20.43 22.13 12.07
C ASP F 198 19.48 22.31 10.90
N TYR F 199 18.19 22.45 11.21
CA TYR F 199 17.18 22.52 10.17
C TYR F 199 15.90 23.11 10.75
N GLN F 200 15.05 23.60 9.87
CA GLN F 200 13.71 24.07 10.23
C GLN F 200 12.94 24.30 8.93
N GLU F 201 11.65 24.56 9.08
CA GLU F 201 10.77 24.84 7.95
C GLU F 201 9.75 25.88 8.38
N ILE F 202 9.73 27.02 7.69
CA ILE F 202 8.82 28.11 8.01
C ILE F 202 8.09 28.53 6.74
N LYS F 203 6.86 28.99 6.89
CA LYS F 203 6.03 29.43 5.78
C LYS F 203 5.68 30.90 5.96
N ILE F 204 5.86 31.69 4.91
CA ILE F 204 5.63 33.13 4.94
C ILE F 204 4.45 33.46 4.03
N GLN F 205 3.49 34.20 4.56
CA GLN F 205 2.33 34.65 3.80
C GLN F 205 2.42 36.16 3.61
N GLU F 206 2.19 36.61 2.37
CA GLU F 206 2.32 38.02 2.05
C GLU F 206 1.28 38.85 2.82
N GLN F 207 1.68 40.05 3.22
CA GLN F 207 0.77 40.94 3.93
C GLN F 207 -0.29 41.48 2.98
N VAL F 208 -1.50 41.66 3.50
CA VAL F 208 -2.61 42.20 2.72
C VAL F 208 -2.68 43.72 2.78
N GLN F 209 -2.00 44.34 3.74
CA GLN F 209 -2.07 45.80 3.88
C GLN F 209 -1.50 46.50 2.66
N ARG F 210 -0.38 46.00 2.13
CA ARG F 210 0.30 46.62 0.99
C ARG F 210 -0.11 46.02 -0.34
N LEU F 211 -1.10 45.14 -0.36
CA LEU F 211 -1.59 44.56 -1.60
C LEU F 211 -2.33 45.60 -2.42
N ILE F 216 -6.23 37.47 -2.90
CA ILE F 216 -5.64 36.52 -1.96
C ILE F 216 -4.16 36.30 -2.27
N PRO F 217 -3.31 36.39 -1.26
CA PRO F 217 -1.88 36.18 -1.47
C PRO F 217 -1.46 34.73 -1.26
N ARG F 218 -0.44 34.33 -2.01
CA ARG F 218 0.12 32.99 -1.90
C ARG F 218 1.27 33.00 -0.89
N SER F 219 1.87 31.83 -0.68
CA SER F 219 2.86 31.65 0.37
C SER F 219 4.11 30.97 -0.18
N MET F 220 5.23 31.27 0.47
CA MET F 220 6.52 30.65 0.15
C MET F 220 6.99 29.80 1.32
N LYS F 221 7.62 28.68 0.99
CA LYS F 221 8.15 27.76 2.00
C LYS F 221 9.62 28.11 2.21
N VAL F 222 9.87 29.05 3.10
CA VAL F 222 11.24 29.48 3.40
C VAL F 222 11.94 28.41 4.22
N ILE F 223 13.14 28.03 3.79
CA ILE F 223 13.95 27.05 4.49
C ILE F 223 15.00 27.77 5.31
N LEU F 224 15.00 27.53 6.61
CA LEU F 224 16.03 28.04 7.50
C LEU F 224 17.09 26.97 7.71
N GLU F 225 18.25 27.40 8.19
CA GLU F 225 19.34 26.45 8.39
C GLU F 225 20.33 27.03 9.38
N ASP F 226 21.03 26.13 10.07
CA ASP F 226 22.16 26.48 10.91
C ASP F 226 21.76 27.39 12.07
N ASP F 227 22.58 28.41 12.34
CA ASP F 227 22.38 29.25 13.51
C ASP F 227 21.03 29.97 13.50
N LEU F 228 20.44 30.18 12.33
CA LEU F 228 19.17 30.89 12.24
C LEU F 228 18.01 30.10 12.84
N VAL F 229 18.22 28.83 13.17
CA VAL F 229 17.14 28.03 13.74
C VAL F 229 16.69 28.62 15.08
N ASP F 230 15.40 28.48 15.36
CA ASP F 230 14.79 28.98 16.60
C ASP F 230 15.01 30.50 16.74
N SER F 231 14.53 31.23 15.73
CA SER F 231 14.63 32.68 15.75
C SER F 231 13.35 33.35 15.24
N CYS F 232 12.25 32.61 15.13
CA CYS F 232 11.00 33.14 14.61
C CYS F 232 9.87 32.80 15.55
N LYS F 233 8.94 33.74 15.71
CA LYS F 233 7.77 33.57 16.55
C LYS F 233 6.53 33.62 15.67
N SER F 234 5.61 32.67 15.87
CA SER F 234 4.41 32.56 15.05
C SER F 234 3.54 33.81 15.17
N GLY F 235 3.45 34.57 14.08
CA GLY F 235 2.64 35.78 14.09
C GLY F 235 3.47 37.05 14.24
N ASP F 236 4.59 37.13 13.53
CA ASP F 236 5.48 38.28 13.61
C ASP F 236 5.94 38.65 12.20
N ASP F 237 6.29 39.93 12.04
CA ASP F 237 6.74 40.43 10.74
C ASP F 237 8.21 40.12 10.53
N LEU F 238 8.54 39.62 9.35
CA LEU F 238 9.90 39.22 9.00
C LEU F 238 10.36 39.97 7.76
N THR F 239 11.68 39.94 7.53
CA THR F 239 12.27 40.55 6.33
C THR F 239 13.53 39.76 6.02
N ILE F 240 13.43 38.83 5.09
CA ILE F 240 14.49 37.87 4.82
C ILE F 240 15.29 38.32 3.60
N TYR F 241 16.60 38.15 3.67
CA TYR F 241 17.51 38.44 2.56
C TYR F 241 18.15 37.13 2.14
N GLY F 242 17.48 36.40 1.24
CA GLY F 242 17.91 35.07 0.86
C GLY F 242 17.95 34.89 -0.64
N ILE F 243 18.62 33.82 -1.04
CA ILE F 243 18.72 33.42 -2.44
C ILE F 243 17.53 32.52 -2.77
N VAL F 244 17.15 32.49 -4.04
CA VAL F 244 16.04 31.66 -4.52
C VAL F 244 16.61 30.50 -5.31
N MET F 245 16.18 29.28 -4.98
CA MET F 245 16.64 28.07 -5.66
C MET F 245 15.46 27.12 -5.83
N GLN F 246 15.70 26.05 -6.59
CA GLN F 246 14.65 25.09 -6.93
C GLN F 246 14.93 23.74 -6.30
N ARG F 247 13.86 23.03 -5.97
CA ARG F 247 13.93 21.68 -5.40
C ARG F 247 13.20 20.73 -6.31
N TRP F 248 13.90 19.70 -6.79
CA TRP F 248 13.33 18.73 -7.71
C TRP F 248 12.68 17.58 -6.93
N LYS F 249 12.29 16.53 -7.64
CA LYS F 249 11.70 15.34 -7.06
C LYS F 249 12.19 14.16 -7.89
N PRO F 250 12.31 12.97 -7.29
CA PRO F 250 12.72 11.79 -8.07
C PRO F 250 11.76 11.55 -9.24
N PHE F 251 12.34 11.16 -10.37
CA PHE F 251 11.58 11.02 -11.60
C PHE F 251 10.89 9.67 -11.67
N GLN F 252 9.63 9.68 -12.08
CA GLN F 252 8.87 8.48 -12.37
C GLN F 252 8.59 8.42 -13.88
N GLN F 253 8.47 7.21 -14.40
CA GLN F 253 8.34 7.04 -15.84
C GLN F 253 6.97 7.51 -16.32
N ASP F 254 6.97 8.35 -17.36
CA ASP F 254 5.75 8.79 -18.05
C ASP F 254 4.76 9.45 -17.10
N VAL F 255 5.24 10.45 -16.36
CA VAL F 255 4.41 11.28 -15.50
C VAL F 255 4.87 12.73 -15.66
N ARG F 256 4.20 13.63 -14.94
CA ARG F 256 4.56 15.04 -14.93
C ARG F 256 5.46 15.31 -13.73
N CYS F 257 6.68 15.74 -13.99
CA CYS F 257 7.62 16.05 -12.92
C CYS F 257 7.15 17.24 -12.11
N GLU F 258 7.50 17.24 -10.83
CA GLU F 258 7.08 18.28 -9.90
C GLU F 258 8.28 19.09 -9.44
N VAL F 259 8.11 20.41 -9.39
CA VAL F 259 9.13 21.32 -8.89
C VAL F 259 8.49 22.26 -7.89
N GLU F 260 9.33 23.03 -7.20
CA GLU F 260 8.86 24.01 -6.24
C GLU F 260 9.90 25.11 -6.10
N ILE F 261 9.48 26.26 -5.57
CA ILE F 261 10.33 27.41 -5.38
C ILE F 261 10.49 27.64 -3.89
N VAL F 262 11.74 27.66 -3.42
CA VAL F 262 12.04 27.91 -2.01
C VAL F 262 12.99 29.10 -1.91
N LEU F 263 13.33 29.49 -0.69
CA LEU F 263 14.14 30.68 -0.44
C LEU F 263 15.09 30.37 0.71
N LYS F 264 16.35 30.05 0.38
CA LYS F 264 17.36 29.72 1.39
C LYS F 264 17.81 31.00 2.06
N ALA F 265 17.52 31.12 3.36
CA ALA F 265 17.80 32.37 4.07
C ALA F 265 19.28 32.56 4.30
N ASN F 266 19.74 33.81 4.20
CA ASN F 266 21.10 34.18 4.55
C ASN F 266 21.18 35.24 5.64
N TYR F 267 20.05 35.83 6.03
CA TYR F 267 19.96 36.73 7.16
C TYR F 267 18.52 36.73 7.64
N ILE F 268 18.23 37.55 8.65
CA ILE F 268 16.87 37.67 9.16
C ILE F 268 16.78 38.96 9.95
N GLN F 269 15.56 39.45 10.14
CA GLN F 269 15.31 40.66 10.92
C GLN F 269 13.98 40.51 11.63
N VAL F 270 13.86 41.18 12.77
CA VAL F 270 12.65 41.07 13.59
C VAL F 270 11.94 42.43 13.58
N ASN F 271 12.12 43.18 12.50
CA ASN F 271 11.52 44.50 12.37
C ASN F 271 10.00 44.42 12.50
N ASN F 272 9.45 45.30 13.31
CA ASN F 272 8.01 45.33 13.56
C ASN F 272 7.48 46.75 13.72
#